data_2NL8
# 
_entry.id   2NL8 
# 
_audit_conform.dict_name       mmcif_pdbx.dic 
_audit_conform.dict_version    5.389 
_audit_conform.dict_location   http://mmcif.pdb.org/dictionaries/ascii/mmcif_pdbx.dic 
# 
loop_
_database_2.database_id 
_database_2.database_code 
_database_2.pdbx_database_accession 
_database_2.pdbx_DOI 
PDB   2NL8         pdb_00002nl8 10.2210/pdb2nl8/pdb 
NDB   PD0883       ?            ?                   
RCSB  RCSB040000   ?            ?                   
WWPDB D_1000040000 ?            ?                   
# 
loop_
_pdbx_audit_revision_history.ordinal 
_pdbx_audit_revision_history.data_content_type 
_pdbx_audit_revision_history.major_revision 
_pdbx_audit_revision_history.minor_revision 
_pdbx_audit_revision_history.revision_date 
1 'Structure model' 1 0 2006-12-12 
2 'Structure model' 1 1 2008-05-01 
3 'Structure model' 1 2 2011-07-13 
4 'Structure model' 1 3 2021-10-20 
5 'Structure model' 1 4 2023-12-27 
6 'Structure model' 1 5 2024-04-03 
# 
_pdbx_audit_revision_details.ordinal             1 
_pdbx_audit_revision_details.revision_ordinal    1 
_pdbx_audit_revision_details.data_content_type   'Structure model' 
_pdbx_audit_revision_details.provider            repository 
_pdbx_audit_revision_details.type                'Initial release' 
_pdbx_audit_revision_details.description         ? 
_pdbx_audit_revision_details.details             ? 
# 
loop_
_pdbx_audit_revision_group.ordinal 
_pdbx_audit_revision_group.revision_ordinal 
_pdbx_audit_revision_group.data_content_type 
_pdbx_audit_revision_group.group 
1 2 'Structure model' 'Version format compliance' 
2 3 'Structure model' 'Version format compliance' 
3 4 'Structure model' 'Database references'       
4 5 'Structure model' 'Data collection'           
5 6 'Structure model' 'Refinement description'    
# 
loop_
_pdbx_audit_revision_category.ordinal 
_pdbx_audit_revision_category.revision_ordinal 
_pdbx_audit_revision_category.data_content_type 
_pdbx_audit_revision_category.category 
1 4 'Structure model' database_2                    
2 4 'Structure model' struct_ref_seq_dif            
3 5 'Structure model' chem_comp_atom                
4 5 'Structure model' chem_comp_bond                
5 6 'Structure model' pdbx_initial_refinement_model 
# 
loop_
_pdbx_audit_revision_item.ordinal 
_pdbx_audit_revision_item.revision_ordinal 
_pdbx_audit_revision_item.data_content_type 
_pdbx_audit_revision_item.item 
1 4 'Structure model' '_database_2.pdbx_DOI'                
2 4 'Structure model' '_database_2.pdbx_database_accession' 
3 4 'Structure model' '_struct_ref_seq_dif.details'         
# 
_pdbx_database_status.entry_id                        2NL8 
_pdbx_database_status.status_code                     REL 
_pdbx_database_status.status_code_sf                  REL 
_pdbx_database_status.recvd_initial_deposition_date   2006-10-19 
_pdbx_database_status.deposit_site                    RCSB 
_pdbx_database_status.process_site                    RCSB 
_pdbx_database_status.SG_entry                        N 
_pdbx_database_status.status_code_mr                  ? 
_pdbx_database_status.pdb_format_compatible           Y 
_pdbx_database_status.status_code_cs                  ? 
_pdbx_database_status.status_code_nmr_data            ? 
_pdbx_database_status.methods_development_category    ? 
# 
loop_
_pdbx_database_related.db_name 
_pdbx_database_related.db_id 
_pdbx_database_related.details 
_pdbx_database_related.content_type 
PDB 2IPR . unspecified 
PDB 2ITJ . unspecified 
PDB 2ITL . unspecified 
# 
loop_
_audit_author.name 
_audit_author.pdbx_ordinal 
'Martynowski, D.' 1 
'Bochkareva, E.'  2 
'Bochkarev, A.'   3 
# 
_citation.id                        primary 
_citation.title                     'Structure of the origin-binding domain of simian virus 40 large T antigen bound to DNA' 
_citation.journal_abbrev            'Embo J.' 
_citation.journal_volume            25 
_citation.page_first                5961 
_citation.page_last                 5969 
_citation.year                      2006 
_citation.journal_id_ASTM           EMJODG 
_citation.country                   UK 
_citation.journal_id_ISSN           0261-4189 
_citation.journal_id_CSD            0897 
_citation.book_publisher            ? 
_citation.pdbx_database_id_PubMed   17139255 
_citation.pdbx_database_id_DOI      10.1038/sj.emboj.7601452 
# 
loop_
_citation_author.citation_id 
_citation_author.name 
_citation_author.ordinal 
_citation_author.identifier_ORCID 
primary 'Bochkareva, E.'  1 ? 
primary 'Martynowski, D.' 2 ? 
primary 'Seitova, A.'     3 ? 
primary 'Bochkarev, A.'   4 ? 
# 
loop_
_entity.id 
_entity.type 
_entity.src_method 
_entity.pdbx_description 
_entity.formula_weight 
_entity.pdbx_number_of_molecules 
_entity.pdbx_ec 
_entity.pdbx_mutation 
_entity.pdbx_fragment 
_entity.details 
1 polymer syn '18-nt PEN element of the SV40 DNA origin' 5477.542  1  ? ?         ?                                          
'P2 pentamer replaced with ATCAT' 
2 polymer man 'large T antigen'                          15364.638 1  ? CYS216SER 'Origin binding domain (residues 131-259)' ? 
3 water   nat water                                      18.015    82 ? ?         ?                                          ? 
# 
loop_
_entity_poly.entity_id 
_entity_poly.type 
_entity_poly.nstd_linkage 
_entity_poly.nstd_monomer 
_entity_poly.pdbx_seq_one_letter_code 
_entity_poly.pdbx_seq_one_letter_code_can 
_entity_poly.pdbx_strand_id 
_entity_poly.pdbx_target_identifier 
1 polydeoxyribonucleotide no no '(DC)(DG)(DA)(DG)(DG)(DC)(DC)(DA)(DT)(DC)(DA)(DT)(DG)(DG)(DC)(DC)(DT)(DC)' CGAGGCCATCATGGCCTC W ? 
2 'polypeptide(L)'        no no 
;GSHMKVEDPKDFPSELLSFLSHAVFSNRTLACFAIYTTKEKAALLYKKIMEKYSVTFISRHNSYNHNILFFLTPHRHRVS
AINNYAQKLSTFSFLICKGVNKEYLMYSALTRDPFSVIEESLPGGLKEHDFNP
;
;GSHMKVEDPKDFPSELLSFLSHAVFSNRTLACFAIYTTKEKAALLYKKIMEKYSVTFISRHNSYNHNILFFLTPHRHRVS
AINNYAQKLSTFSFLICKGVNKEYLMYSALTRDPFSVIEESLPGGLKEHDFNP
;
A ? 
# 
_pdbx_entity_nonpoly.entity_id   3 
_pdbx_entity_nonpoly.name        water 
_pdbx_entity_nonpoly.comp_id     HOH 
# 
loop_
_entity_poly_seq.entity_id 
_entity_poly_seq.num 
_entity_poly_seq.mon_id 
_entity_poly_seq.hetero 
1 1   DC  n 
1 2   DG  n 
1 3   DA  n 
1 4   DG  n 
1 5   DG  n 
1 6   DC  n 
1 7   DC  n 
1 8   DA  n 
1 9   DT  n 
1 10  DC  n 
1 11  DA  n 
1 12  DT  n 
1 13  DG  n 
1 14  DG  n 
1 15  DC  n 
1 16  DC  n 
1 17  DT  n 
1 18  DC  n 
2 1   GLY n 
2 2   SER n 
2 3   HIS n 
2 4   MET n 
2 5   LYS n 
2 6   VAL n 
2 7   GLU n 
2 8   ASP n 
2 9   PRO n 
2 10  LYS n 
2 11  ASP n 
2 12  PHE n 
2 13  PRO n 
2 14  SER n 
2 15  GLU n 
2 16  LEU n 
2 17  LEU n 
2 18  SER n 
2 19  PHE n 
2 20  LEU n 
2 21  SER n 
2 22  HIS n 
2 23  ALA n 
2 24  VAL n 
2 25  PHE n 
2 26  SER n 
2 27  ASN n 
2 28  ARG n 
2 29  THR n 
2 30  LEU n 
2 31  ALA n 
2 32  CYS n 
2 33  PHE n 
2 34  ALA n 
2 35  ILE n 
2 36  TYR n 
2 37  THR n 
2 38  THR n 
2 39  LYS n 
2 40  GLU n 
2 41  LYS n 
2 42  ALA n 
2 43  ALA n 
2 44  LEU n 
2 45  LEU n 
2 46  TYR n 
2 47  LYS n 
2 48  LYS n 
2 49  ILE n 
2 50  MET n 
2 51  GLU n 
2 52  LYS n 
2 53  TYR n 
2 54  SER n 
2 55  VAL n 
2 56  THR n 
2 57  PHE n 
2 58  ILE n 
2 59  SER n 
2 60  ARG n 
2 61  HIS n 
2 62  ASN n 
2 63  SER n 
2 64  TYR n 
2 65  ASN n 
2 66  HIS n 
2 67  ASN n 
2 68  ILE n 
2 69  LEU n 
2 70  PHE n 
2 71  PHE n 
2 72  LEU n 
2 73  THR n 
2 74  PRO n 
2 75  HIS n 
2 76  ARG n 
2 77  HIS n 
2 78  ARG n 
2 79  VAL n 
2 80  SER n 
2 81  ALA n 
2 82  ILE n 
2 83  ASN n 
2 84  ASN n 
2 85  TYR n 
2 86  ALA n 
2 87  GLN n 
2 88  LYS n 
2 89  LEU n 
2 90  SER n 
2 91  THR n 
2 92  PHE n 
2 93  SER n 
2 94  PHE n 
2 95  LEU n 
2 96  ILE n 
2 97  CYS n 
2 98  LYS n 
2 99  GLY n 
2 100 VAL n 
2 101 ASN n 
2 102 LYS n 
2 103 GLU n 
2 104 TYR n 
2 105 LEU n 
2 106 MET n 
2 107 TYR n 
2 108 SER n 
2 109 ALA n 
2 110 LEU n 
2 111 THR n 
2 112 ARG n 
2 113 ASP n 
2 114 PRO n 
2 115 PHE n 
2 116 SER n 
2 117 VAL n 
2 118 ILE n 
2 119 GLU n 
2 120 GLU n 
2 121 SER n 
2 122 LEU n 
2 123 PRO n 
2 124 GLY n 
2 125 GLY n 
2 126 LEU n 
2 127 LYS n 
2 128 GLU n 
2 129 HIS n 
2 130 ASP n 
2 131 PHE n 
2 132 ASN n 
2 133 PRO n 
# 
_entity_src_gen.entity_id                          2 
_entity_src_gen.pdbx_src_id                        1 
_entity_src_gen.pdbx_alt_source_flag               sample 
_entity_src_gen.pdbx_seq_type                      ? 
_entity_src_gen.pdbx_beg_seq_num                   ? 
_entity_src_gen.pdbx_end_seq_num                   ? 
_entity_src_gen.gene_src_common_name               ? 
_entity_src_gen.gene_src_genus                     Polyomavirus 
_entity_src_gen.pdbx_gene_src_gene                 'large T antigen' 
_entity_src_gen.gene_src_species                   ? 
_entity_src_gen.gene_src_strain                    776 
_entity_src_gen.gene_src_tissue                    ? 
_entity_src_gen.gene_src_tissue_fraction           ? 
_entity_src_gen.gene_src_details                   ? 
_entity_src_gen.pdbx_gene_src_fragment             ? 
_entity_src_gen.pdbx_gene_src_scientific_name      'Simian virus 40' 
_entity_src_gen.pdbx_gene_src_ncbi_taxonomy_id     10633 
_entity_src_gen.pdbx_gene_src_variant              ? 
_entity_src_gen.pdbx_gene_src_cell_line            ? 
_entity_src_gen.pdbx_gene_src_atcc                 ? 
_entity_src_gen.pdbx_gene_src_organ                ? 
_entity_src_gen.pdbx_gene_src_organelle            ? 
_entity_src_gen.pdbx_gene_src_cell                 ? 
_entity_src_gen.pdbx_gene_src_cellular_location    ? 
_entity_src_gen.host_org_common_name               ? 
_entity_src_gen.pdbx_host_org_scientific_name      'Escherichia coli BL21(DE3)' 
_entity_src_gen.pdbx_host_org_ncbi_taxonomy_id     469008 
_entity_src_gen.host_org_genus                     Escherichia 
_entity_src_gen.pdbx_host_org_gene                 ? 
_entity_src_gen.pdbx_host_org_organ                ? 
_entity_src_gen.host_org_species                   'Escherichia coli' 
_entity_src_gen.pdbx_host_org_tissue               ? 
_entity_src_gen.pdbx_host_org_tissue_fraction      ? 
_entity_src_gen.pdbx_host_org_strain               'Bl21(DE3)' 
_entity_src_gen.pdbx_host_org_variant              ? 
_entity_src_gen.pdbx_host_org_cell_line            ? 
_entity_src_gen.pdbx_host_org_atcc                 ? 
_entity_src_gen.pdbx_host_org_culture_collection   ? 
_entity_src_gen.pdbx_host_org_cell                 ? 
_entity_src_gen.pdbx_host_org_organelle            ? 
_entity_src_gen.pdbx_host_org_cellular_location    ? 
_entity_src_gen.pdbx_host_org_vector_type          plasmid 
_entity_src_gen.pdbx_host_org_vector               ? 
_entity_src_gen.host_org_details                   ? 
_entity_src_gen.expression_system_id               ? 
_entity_src_gen.plasmid_name                       pET15B 
_entity_src_gen.plasmid_details                    ? 
_entity_src_gen.pdbx_description                   ? 
# 
loop_
_chem_comp.id 
_chem_comp.type 
_chem_comp.mon_nstd_flag 
_chem_comp.name 
_chem_comp.pdbx_synonyms 
_chem_comp.formula 
_chem_comp.formula_weight 
ALA 'L-peptide linking' y ALANINE                              ? 'C3 H7 N O2'      89.093  
ARG 'L-peptide linking' y ARGININE                             ? 'C6 H15 N4 O2 1'  175.209 
ASN 'L-peptide linking' y ASPARAGINE                           ? 'C4 H8 N2 O3'     132.118 
ASP 'L-peptide linking' y 'ASPARTIC ACID'                      ? 'C4 H7 N O4'      133.103 
CYS 'L-peptide linking' y CYSTEINE                             ? 'C3 H7 N O2 S'    121.158 
DA  'DNA linking'       y "2'-DEOXYADENOSINE-5'-MONOPHOSPHATE" ? 'C10 H14 N5 O6 P' 331.222 
DC  'DNA linking'       y "2'-DEOXYCYTIDINE-5'-MONOPHOSPHATE"  ? 'C9 H14 N3 O7 P'  307.197 
DG  'DNA linking'       y "2'-DEOXYGUANOSINE-5'-MONOPHOSPHATE" ? 'C10 H14 N5 O7 P' 347.221 
DT  'DNA linking'       y "THYMIDINE-5'-MONOPHOSPHATE"         ? 'C10 H15 N2 O8 P' 322.208 
GLN 'L-peptide linking' y GLUTAMINE                            ? 'C5 H10 N2 O3'    146.144 
GLU 'L-peptide linking' y 'GLUTAMIC ACID'                      ? 'C5 H9 N O4'      147.129 
GLY 'peptide linking'   y GLYCINE                              ? 'C2 H5 N O2'      75.067  
HIS 'L-peptide linking' y HISTIDINE                            ? 'C6 H10 N3 O2 1'  156.162 
HOH non-polymer         . WATER                                ? 'H2 O'            18.015  
ILE 'L-peptide linking' y ISOLEUCINE                           ? 'C6 H13 N O2'     131.173 
LEU 'L-peptide linking' y LEUCINE                              ? 'C6 H13 N O2'     131.173 
LYS 'L-peptide linking' y LYSINE                               ? 'C6 H15 N2 O2 1'  147.195 
MET 'L-peptide linking' y METHIONINE                           ? 'C5 H11 N O2 S'   149.211 
PHE 'L-peptide linking' y PHENYLALANINE                        ? 'C9 H11 N O2'     165.189 
PRO 'L-peptide linking' y PROLINE                              ? 'C5 H9 N O2'      115.130 
SER 'L-peptide linking' y SERINE                               ? 'C3 H7 N O3'      105.093 
THR 'L-peptide linking' y THREONINE                            ? 'C4 H9 N O3'      119.119 
TYR 'L-peptide linking' y TYROSINE                             ? 'C9 H11 N O3'     181.189 
VAL 'L-peptide linking' y VALINE                               ? 'C5 H11 N O2'     117.146 
# 
loop_
_pdbx_poly_seq_scheme.asym_id 
_pdbx_poly_seq_scheme.entity_id 
_pdbx_poly_seq_scheme.seq_id 
_pdbx_poly_seq_scheme.mon_id 
_pdbx_poly_seq_scheme.ndb_seq_num 
_pdbx_poly_seq_scheme.pdb_seq_num 
_pdbx_poly_seq_scheme.auth_seq_num 
_pdbx_poly_seq_scheme.pdb_mon_id 
_pdbx_poly_seq_scheme.auth_mon_id 
_pdbx_poly_seq_scheme.pdb_strand_id 
_pdbx_poly_seq_scheme.pdb_ins_code 
_pdbx_poly_seq_scheme.hetero 
A 1 1   DC  1   10  10  DC  C   W . n 
A 1 2   DG  2   11  11  DG  G   W . n 
A 1 3   DA  3   12  12  DA  A   W . n 
A 1 4   DG  4   13  13  DG  G   W . n 
A 1 5   DG  5   14  14  DG  G   W . n 
A 1 6   DC  6   15  15  DC  C   W . n 
A 1 7   DC  7   16  16  DC  C   W . n 
A 1 8   DA  8   17  17  DA  A   W . n 
A 1 9   DT  9   18  18  DT  T   W . n 
A 1 10  DC  10  19  19  DC  C   W . n 
A 1 11  DA  11  20  20  DA  A   W . n 
A 1 12  DT  12  21  21  DT  T   W . n 
A 1 13  DG  13  22  22  DG  G   W . n 
A 1 14  DG  14  23  23  DG  G   W . n 
A 1 15  DC  15  24  24  DC  C   W . n 
A 1 16  DC  16  25  25  DC  C   W . n 
A 1 17  DT  17  26  26  DT  T   W . n 
A 1 18  DC  18  27  27  DC  C   W . n 
B 2 1   GLY 1   127 ?   ?   ?   A . n 
B 2 2   SER 2   128 ?   ?   ?   A . n 
B 2 3   HIS 3   129 ?   ?   ?   A . n 
B 2 4   MET 4   130 ?   ?   ?   A . n 
B 2 5   LYS 5   131 ?   ?   ?   A . n 
B 2 6   VAL 6   132 ?   ?   ?   A . n 
B 2 7   GLU 7   133 133 GLU GLU A . n 
B 2 8   ASP 8   134 134 ASP ASP A . n 
B 2 9   PRO 9   135 135 PRO PRO A . n 
B 2 10  LYS 10  136 136 LYS LYS A . n 
B 2 11  ASP 11  137 137 ASP ASP A . n 
B 2 12  PHE 12  138 138 PHE PHE A . n 
B 2 13  PRO 13  139 139 PRO PRO A . n 
B 2 14  SER 14  140 140 SER SER A . n 
B 2 15  GLU 15  141 141 GLU GLU A . n 
B 2 16  LEU 16  142 142 LEU LEU A . n 
B 2 17  LEU 17  143 143 LEU LEU A . n 
B 2 18  SER 18  144 144 SER SER A . n 
B 2 19  PHE 19  145 145 PHE PHE A . n 
B 2 20  LEU 20  146 146 LEU LEU A . n 
B 2 21  SER 21  147 147 SER SER A . n 
B 2 22  HIS 22  148 148 HIS HIS A . n 
B 2 23  ALA 23  149 149 ALA ALA A . n 
B 2 24  VAL 24  150 150 VAL VAL A . n 
B 2 25  PHE 25  151 151 PHE PHE A . n 
B 2 26  SER 26  152 152 SER SER A . n 
B 2 27  ASN 27  153 153 ASN ASN A . n 
B 2 28  ARG 28  154 154 ARG ARG A . n 
B 2 29  THR 29  155 155 THR THR A . n 
B 2 30  LEU 30  156 156 LEU LEU A . n 
B 2 31  ALA 31  157 157 ALA ALA A . n 
B 2 32  CYS 32  158 158 CYS CYS A . n 
B 2 33  PHE 33  159 159 PHE PHE A . n 
B 2 34  ALA 34  160 160 ALA ALA A . n 
B 2 35  ILE 35  161 161 ILE ILE A . n 
B 2 36  TYR 36  162 162 TYR TYR A . n 
B 2 37  THR 37  163 163 THR THR A . n 
B 2 38  THR 38  164 164 THR THR A . n 
B 2 39  LYS 39  165 165 LYS LYS A . n 
B 2 40  GLU 40  166 166 GLU GLU A . n 
B 2 41  LYS 41  167 167 LYS LYS A . n 
B 2 42  ALA 42  168 168 ALA ALA A . n 
B 2 43  ALA 43  169 169 ALA ALA A . n 
B 2 44  LEU 44  170 170 LEU LEU A . n 
B 2 45  LEU 45  171 171 LEU LEU A . n 
B 2 46  TYR 46  172 172 TYR TYR A . n 
B 2 47  LYS 47  173 173 LYS LYS A . n 
B 2 48  LYS 48  174 174 LYS LYS A . n 
B 2 49  ILE 49  175 175 ILE ILE A . n 
B 2 50  MET 50  176 176 MET MET A . n 
B 2 51  GLU 51  177 177 GLU GLU A . n 
B 2 52  LYS 52  178 178 LYS LYS A . n 
B 2 53  TYR 53  179 179 TYR TYR A . n 
B 2 54  SER 54  180 180 SER SER A . n 
B 2 55  VAL 55  181 181 VAL VAL A . n 
B 2 56  THR 56  182 182 THR THR A . n 
B 2 57  PHE 57  183 183 PHE PHE A . n 
B 2 58  ILE 58  184 184 ILE ILE A . n 
B 2 59  SER 59  185 185 SER SER A . n 
B 2 60  ARG 60  186 186 ARG ARG A . n 
B 2 61  HIS 61  187 187 HIS HIS A . n 
B 2 62  ASN 62  188 188 ASN ASN A . n 
B 2 63  SER 63  189 189 SER SER A . n 
B 2 64  TYR 64  190 190 TYR TYR A . n 
B 2 65  ASN 65  191 191 ASN ASN A . n 
B 2 66  HIS 66  192 192 HIS HIS A . n 
B 2 67  ASN 67  193 193 ASN ASN A . n 
B 2 68  ILE 68  194 194 ILE ILE A . n 
B 2 69  LEU 69  195 195 LEU LEU A . n 
B 2 70  PHE 70  196 196 PHE PHE A . n 
B 2 71  PHE 71  197 197 PHE PHE A . n 
B 2 72  LEU 72  198 198 LEU LEU A . n 
B 2 73  THR 73  199 199 THR THR A . n 
B 2 74  PRO 74  200 200 PRO PRO A . n 
B 2 75  HIS 75  201 201 HIS HIS A . n 
B 2 76  ARG 76  202 202 ARG ARG A . n 
B 2 77  HIS 77  203 203 HIS HIS A . n 
B 2 78  ARG 78  204 204 ARG ARG A . n 
B 2 79  VAL 79  205 205 VAL VAL A . n 
B 2 80  SER 80  206 206 SER SER A . n 
B 2 81  ALA 81  207 207 ALA ALA A . n 
B 2 82  ILE 82  208 208 ILE ILE A . n 
B 2 83  ASN 83  209 209 ASN ASN A . n 
B 2 84  ASN 84  210 210 ASN ASN A . n 
B 2 85  TYR 85  211 211 TYR TYR A . n 
B 2 86  ALA 86  212 212 ALA ALA A . n 
B 2 87  GLN 87  213 213 GLN GLN A . n 
B 2 88  LYS 88  214 214 LYS LYS A . n 
B 2 89  LEU 89  215 215 LEU LEU A . n 
B 2 90  SER 90  216 216 SER SER A . n 
B 2 91  THR 91  217 217 THR THR A . n 
B 2 92  PHE 92  218 218 PHE PHE A . n 
B 2 93  SER 93  219 219 SER SER A . n 
B 2 94  PHE 94  220 220 PHE PHE A . n 
B 2 95  LEU 95  221 221 LEU LEU A . n 
B 2 96  ILE 96  222 222 ILE ILE A . n 
B 2 97  CYS 97  223 223 CYS CYS A . n 
B 2 98  LYS 98  224 224 LYS LYS A . n 
B 2 99  GLY 99  225 225 GLY GLY A . n 
B 2 100 VAL 100 226 226 VAL VAL A . n 
B 2 101 ASN 101 227 227 ASN ASN A . n 
B 2 102 LYS 102 228 228 LYS LYS A . n 
B 2 103 GLU 103 229 229 GLU GLU A . n 
B 2 104 TYR 104 230 230 TYR TYR A . n 
B 2 105 LEU 105 231 231 LEU LEU A . n 
B 2 106 MET 106 232 232 MET MET A . n 
B 2 107 TYR 107 233 233 TYR TYR A . n 
B 2 108 SER 108 234 234 SER SER A . n 
B 2 109 ALA 109 235 235 ALA ALA A . n 
B 2 110 LEU 110 236 236 LEU LEU A . n 
B 2 111 THR 111 237 237 THR THR A . n 
B 2 112 ARG 112 238 238 ARG ARG A . n 
B 2 113 ASP 113 239 239 ASP ASP A . n 
B 2 114 PRO 114 240 240 PRO PRO A . n 
B 2 115 PHE 115 241 241 PHE PHE A . n 
B 2 116 SER 116 242 242 SER SER A . n 
B 2 117 VAL 117 243 243 VAL VAL A . n 
B 2 118 ILE 118 244 244 ILE ILE A . n 
B 2 119 GLU 119 245 245 GLU GLU A . n 
B 2 120 GLU 120 246 246 GLU GLU A . n 
B 2 121 SER 121 247 247 SER SER A . n 
B 2 122 LEU 122 248 248 LEU LEU A . n 
B 2 123 PRO 123 249 249 PRO PRO A . n 
B 2 124 GLY 124 250 ?   ?   ?   A . n 
B 2 125 GLY 125 251 ?   ?   ?   A . n 
B 2 126 LEU 126 252 ?   ?   ?   A . n 
B 2 127 LYS 127 253 ?   ?   ?   A . n 
B 2 128 GLU 128 254 ?   ?   ?   A . n 
B 2 129 HIS 129 255 ?   ?   ?   A . n 
B 2 130 ASP 130 256 ?   ?   ?   A . n 
B 2 131 PHE 131 257 ?   ?   ?   A . n 
B 2 132 ASN 132 258 ?   ?   ?   A . n 
B 2 133 PRO 133 259 ?   ?   ?   A . n 
# 
loop_
_pdbx_nonpoly_scheme.asym_id 
_pdbx_nonpoly_scheme.entity_id 
_pdbx_nonpoly_scheme.mon_id 
_pdbx_nonpoly_scheme.ndb_seq_num 
_pdbx_nonpoly_scheme.pdb_seq_num 
_pdbx_nonpoly_scheme.auth_seq_num 
_pdbx_nonpoly_scheme.pdb_mon_id 
_pdbx_nonpoly_scheme.auth_mon_id 
_pdbx_nonpoly_scheme.pdb_strand_id 
_pdbx_nonpoly_scheme.pdb_ins_code 
C 3 HOH 1  28 1  HOH HOH W . 
C 3 HOH 2  29 6  HOH HOH W . 
C 3 HOH 3  30 7  HOH HOH W . 
C 3 HOH 4  31 9  HOH HOH W . 
C 3 HOH 5  32 10 HOH HOH W . 
C 3 HOH 6  33 11 HOH HOH W . 
C 3 HOH 7  34 13 HOH HOH W . 
C 3 HOH 8  35 17 HOH HOH W . 
C 3 HOH 9  36 25 HOH HOH W . 
C 3 HOH 10 37 26 HOH HOH W . 
C 3 HOH 11 38 29 HOH HOH W . 
C 3 HOH 12 39 32 HOH HOH W . 
C 3 HOH 13 40 33 HOH HOH W . 
C 3 HOH 14 41 34 HOH HOH W . 
C 3 HOH 15 42 37 HOH HOH W . 
C 3 HOH 16 43 48 HOH HOH W . 
C 3 HOH 17 44 49 HOH HOH W . 
C 3 HOH 18 45 53 HOH HOH W . 
C 3 HOH 19 46 55 HOH HOH W . 
C 3 HOH 20 47 59 HOH HOH W . 
C 3 HOH 21 48 64 HOH HOH W . 
C 3 HOH 22 49 65 HOH HOH W . 
C 3 HOH 23 50 67 HOH HOH W . 
C 3 HOH 24 51 75 HOH HOH W . 
C 3 HOH 25 52 77 HOH HOH W . 
C 3 HOH 26 53 79 HOH HOH W . 
D 3 HOH 1  2  2  HOH HOH A . 
D 3 HOH 2  3  3  HOH HOH A . 
D 3 HOH 3  4  4  HOH HOH A . 
D 3 HOH 4  5  5  HOH HOH A . 
D 3 HOH 5  8  8  HOH HOH A . 
D 3 HOH 6  12 12 HOH HOH A . 
D 3 HOH 7  14 14 HOH HOH A . 
D 3 HOH 8  15 15 HOH HOH A . 
D 3 HOH 9  16 16 HOH HOH A . 
D 3 HOH 10 18 18 HOH HOH A . 
D 3 HOH 11 19 19 HOH HOH A . 
D 3 HOH 12 20 20 HOH HOH A . 
D 3 HOH 13 21 21 HOH HOH A . 
D 3 HOH 14 22 22 HOH HOH A . 
D 3 HOH 15 23 23 HOH HOH A . 
D 3 HOH 16 24 24 HOH HOH A . 
D 3 HOH 17 27 27 HOH HOH A . 
D 3 HOH 18 28 28 HOH HOH A . 
D 3 HOH 19 30 30 HOH HOH A . 
D 3 HOH 20 31 31 HOH HOH A . 
D 3 HOH 21 35 35 HOH HOH A . 
D 3 HOH 22 36 36 HOH HOH A . 
D 3 HOH 23 38 38 HOH HOH A . 
D 3 HOH 24 39 39 HOH HOH A . 
D 3 HOH 25 40 40 HOH HOH A . 
D 3 HOH 26 41 41 HOH HOH A . 
D 3 HOH 27 42 42 HOH HOH A . 
D 3 HOH 28 43 43 HOH HOH A . 
D 3 HOH 29 44 44 HOH HOH A . 
D 3 HOH 30 45 45 HOH HOH A . 
D 3 HOH 31 46 46 HOH HOH A . 
D 3 HOH 32 47 47 HOH HOH A . 
D 3 HOH 33 50 50 HOH HOH A . 
D 3 HOH 34 51 51 HOH HOH A . 
D 3 HOH 35 52 52 HOH HOH A . 
D 3 HOH 36 54 54 HOH HOH A . 
D 3 HOH 37 56 56 HOH HOH A . 
D 3 HOH 38 57 57 HOH HOH A . 
D 3 HOH 39 58 58 HOH HOH A . 
D 3 HOH 40 60 60 HOH HOH A . 
D 3 HOH 41 61 61 HOH HOH A . 
D 3 HOH 42 62 62 HOH HOH A . 
D 3 HOH 43 63 63 HOH HOH A . 
D 3 HOH 44 66 66 HOH HOH A . 
D 3 HOH 45 68 68 HOH HOH A . 
D 3 HOH 46 69 69 HOH HOH A . 
D 3 HOH 47 70 70 HOH HOH A . 
D 3 HOH 48 71 71 HOH HOH A . 
D 3 HOH 49 72 72 HOH HOH A . 
D 3 HOH 50 73 73 HOH HOH A . 
D 3 HOH 51 74 74 HOH HOH A . 
D 3 HOH 52 76 76 HOH HOH A . 
D 3 HOH 53 78 78 HOH HOH A . 
D 3 HOH 54 80 80 HOH HOH A . 
D 3 HOH 55 81 81 HOH HOH A . 
D 3 HOH 56 82 82 HOH HOH A . 
# 
loop_
_software.name 
_software.classification 
_software.version 
_software.citation_id 
_software.pdbx_ordinal 
CrystalClear 'data collection' '(MSC/RIGAKU)' ? 1 
MOLREP       phasing           .              ? 2 
REFMAC       refinement        5.2            ? 3 
DENZO        'data reduction'  .              ? 4 
SCALEPACK    'data scaling'    .              ? 5 
# 
_cell.entry_id           2NL8 
_cell.length_a           43.870 
_cell.length_b           43.870 
_cell.length_c           238.308 
_cell.angle_alpha        90.00 
_cell.angle_beta         90.00 
_cell.angle_gamma        90.00 
_cell.Z_PDB              8 
_cell.pdbx_unique_axis   ? 
_cell.length_a_esd       ? 
_cell.length_b_esd       ? 
_cell.length_c_esd       ? 
_cell.angle_alpha_esd    ? 
_cell.angle_beta_esd     ? 
_cell.angle_gamma_esd    ? 
# 
_symmetry.entry_id                         2NL8 
_symmetry.space_group_name_H-M             'P 43 21 2' 
_symmetry.pdbx_full_space_group_name_H-M   ? 
_symmetry.Int_Tables_number                96 
_symmetry.cell_setting                     ? 
_symmetry.space_group_name_Hall            ? 
# 
_exptl.entry_id          2NL8 
_exptl.method            'X-RAY DIFFRACTION' 
_exptl.crystals_number   1 
# 
_exptl_crystal.id                    1 
_exptl_crystal.density_meas          ? 
_exptl_crystal.density_Matthews      2.72 
_exptl_crystal.density_percent_sol   54.76 
_exptl_crystal.description           ? 
_exptl_crystal.F_000                 ? 
_exptl_crystal.preparation           ? 
# 
_exptl_crystal_grow.crystal_id      1 
_exptl_crystal_grow.method          'VAPOR DIFFUSION, HANGING DROP' 
_exptl_crystal_grow.temp            297 
_exptl_crystal_grow.pH              7.5 
_exptl_crystal_grow.pdbx_details    
'20 mM NaAcetate, 20% PEG 3000 + 4% PEG 600, pH 7.5, VAPOR DIFFUSION, HANGING DROP, temperature 297K' 
_exptl_crystal_grow.temp_details    ? 
_exptl_crystal_grow.pdbx_pH_range   . 
# 
loop_
_exptl_crystal_grow_comp.crystal_id 
_exptl_crystal_grow_comp.id 
_exptl_crystal_grow_comp.sol_id 
_exptl_crystal_grow_comp.name 
_exptl_crystal_grow_comp.conc 
_exptl_crystal_grow_comp.volume 
_exptl_crystal_grow_comp.details 
1 1 1 NaAcetate  ? ? ? 
1 2 1 'PEG 3000' ? ? ? 
1 3 1 'PEG 600'  ? ? ? 
1 4 2 NaAcetate  ? ? ? 
1 5 2 'PEG 3000' ? ? ? 
1 6 2 'PEG 600'  ? ? ? 
# 
_diffrn.id                     1 
_diffrn.ambient_temp           100 
_diffrn.ambient_temp_details   ? 
_diffrn.crystal_id             1 
# 
_diffrn_detector.diffrn_id              1 
_diffrn_detector.detector               'IMAGE PLATE' 
_diffrn_detector.type                   'RIGAKU RAXIS IV' 
_diffrn_detector.pdbx_collection_date   2004-05-26 
_diffrn_detector.details                mirrors 
# 
_diffrn_radiation.diffrn_id                        1 
_diffrn_radiation.wavelength_id                    1 
_diffrn_radiation.pdbx_monochromatic_or_laue_m_l   M 
_diffrn_radiation.monochromator                    'Rigaku/MSC green optics' 
_diffrn_radiation.pdbx_diffrn_protocol             'SINGLE WAVELENGTH' 
_diffrn_radiation.pdbx_scattering_type             x-ray 
# 
_diffrn_radiation_wavelength.id           1 
_diffrn_radiation_wavelength.wavelength   1.5418 
_diffrn_radiation_wavelength.wt           1.0 
# 
_diffrn_source.diffrn_id                   1 
_diffrn_source.source                      'ROTATING ANODE' 
_diffrn_source.type                        RIGAKU 
_diffrn_source.pdbx_synchrotron_site       ? 
_diffrn_source.pdbx_synchrotron_beamline   ? 
_diffrn_source.pdbx_wavelength             ? 
_diffrn_source.pdbx_wavelength_list        1.5418 
# 
_reflns.entry_id                     2NL8 
_reflns.observed_criterion_sigma_F   ? 
_reflns.observed_criterion_sigma_I   -3 
_reflns.d_resolution_high            2.25 
_reflns.d_resolution_low             20. 
_reflns.number_all                   11307 
_reflns.number_obs                   11307 
_reflns.percent_possible_obs         94.00 
_reflns.pdbx_Rmerge_I_obs            ? 
_reflns.pdbx_Rsym_value              0.044 
_reflns.pdbx_netI_over_sigmaI        18.1 
_reflns.B_iso_Wilson_estimate        ? 
_reflns.pdbx_redundancy              3.6 
_reflns.R_free_details               ? 
_reflns.pdbx_chi_squared             ? 
_reflns.pdbx_scaling_rejects         ? 
_reflns.pdbx_diffrn_id               1 
_reflns.pdbx_ordinal                 1 
# 
_reflns_shell.d_res_high             2.25 
_reflns_shell.d_res_low              2.33 
_reflns_shell.percent_possible_all   93. 
_reflns_shell.Rmerge_I_obs           ? 
_reflns_shell.pdbx_Rsym_value        0.439 
_reflns_shell.meanI_over_sigI_obs    2.1 
_reflns_shell.pdbx_redundancy        ? 
_reflns_shell.percent_possible_obs   ? 
_reflns_shell.number_unique_all      ? 
_reflns_shell.number_measured_all    ? 
_reflns_shell.number_measured_obs    ? 
_reflns_shell.number_unique_obs      ? 
_reflns_shell.pdbx_chi_squared       ? 
_reflns_shell.pdbx_diffrn_id         ? 
_reflns_shell.pdbx_ordinal           1 
# 
_refine.entry_id                                 2NL8 
_refine.ls_number_reflns_obs                     10057 
_refine.ls_number_reflns_all                     ? 
_refine.pdbx_ls_sigma_I                          ? 
_refine.pdbx_ls_sigma_F                          0 
_refine.pdbx_data_cutoff_high_absF               ? 
_refine.pdbx_data_cutoff_low_absF                ? 
_refine.pdbx_data_cutoff_high_rms_absF           ? 
_refine.ls_d_res_low                             19.92 
_refine.ls_d_res_high                            2.30 
_refine.ls_percent_reflns_obs                    94.61 
_refine.ls_R_factor_obs                          0.23999 
_refine.ls_R_factor_all                          ? 
_refine.ls_R_factor_R_work                       0.23682 
_refine.ls_R_factor_R_free                       0.29895 
_refine.ls_R_factor_R_free_error                 ? 
_refine.ls_R_factor_R_free_error_details         ? 
_refine.ls_percent_reflns_R_free                 4.9 
_refine.ls_number_reflns_R_free                  518 
_refine.ls_number_parameters                     ? 
_refine.ls_number_restraints                     ? 
_refine.occupancy_min                            ? 
_refine.occupancy_max                            ? 
_refine.correlation_coeff_Fo_to_Fc               0.935 
_refine.correlation_coeff_Fo_to_Fc_free          0.910 
_refine.B_iso_mean                               43.138 
_refine.aniso_B[1][1]                            0.14 
_refine.aniso_B[2][2]                            0.14 
_refine.aniso_B[3][3]                            -0.28 
_refine.aniso_B[1][2]                            0.00 
_refine.aniso_B[1][3]                            0.00 
_refine.aniso_B[2][3]                            0.00 
_refine.solvent_model_details                    MASK 
_refine.solvent_model_param_ksol                 ? 
_refine.solvent_model_param_bsol                 ? 
_refine.pdbx_solvent_vdw_probe_radii             1.40 
_refine.pdbx_solvent_ion_probe_radii             0.80 
_refine.pdbx_solvent_shrinkage_radii             0.80 
_refine.pdbx_ls_cross_valid_method               THROUGHOUT 
_refine.details                                  'HYDROGENS HAVE BEEN ADDED IN THE RIDING POSITIONS' 
_refine.pdbx_starting_model                      1IPR 
_refine.pdbx_method_to_determine_struct          'MOLECULAR REPLACEMENT' 
_refine.pdbx_isotropic_thermal_model             ? 
_refine.pdbx_stereochemistry_target_values       'MAXIMUM LIKELIHOOD' 
_refine.pdbx_stereochem_target_val_spec_case     ? 
_refine.pdbx_R_Free_selection_details            RANDOM 
_refine.pdbx_overall_ESU_R                       0.318 
_refine.pdbx_overall_ESU_R_Free                  0.269 
_refine.overall_SU_ML                            0.210 
_refine.overall_SU_B                             8.599 
_refine.ls_redundancy_reflns_obs                 ? 
_refine.overall_SU_R_Cruickshank_DPI             ? 
_refine.overall_SU_R_free                        ? 
_refine.ls_wR_factor_R_free                      ? 
_refine.ls_wR_factor_R_work                      ? 
_refine.overall_FOM_free_R_set                   ? 
_refine.overall_FOM_work_R_set                   ? 
_refine.pdbx_refine_id                           'X-RAY DIFFRACTION' 
_refine.pdbx_diffrn_id                           1 
_refine.pdbx_TLS_residual_ADP_flag               ? 
_refine.pdbx_overall_phase_error                 ? 
_refine.pdbx_overall_SU_R_free_Cruickshank_DPI   ? 
_refine.pdbx_overall_SU_R_Blow_DPI               ? 
_refine.pdbx_overall_SU_R_free_Blow_DPI          ? 
# 
_refine_hist.pdbx_refine_id                   'X-RAY DIFFRACTION' 
_refine_hist.cycle_id                         LAST 
_refine_hist.pdbx_number_atoms_protein        961 
_refine_hist.pdbx_number_atoms_nucleic_acid   363 
_refine_hist.pdbx_number_atoms_ligand         0 
_refine_hist.number_atoms_solvent             82 
_refine_hist.number_atoms_total               1406 
_refine_hist.d_res_high                       2.30 
_refine_hist.d_res_low                        19.92 
# 
loop_
_refine_ls_restr.type 
_refine_ls_restr.dev_ideal 
_refine_ls_restr.dev_ideal_target 
_refine_ls_restr.weight 
_refine_ls_restr.number 
_refine_ls_restr.pdbx_refine_id 
_refine_ls_restr.pdbx_restraint_function 
r_bond_refined_d             0.018  0.022  ? 1393 'X-RAY DIFFRACTION' ? 
r_bond_other_d               ?      ?      ? ?    'X-RAY DIFFRACTION' ? 
r_angle_refined_deg          2.191  2.286  ? 1958 'X-RAY DIFFRACTION' ? 
r_angle_other_deg            ?      ?      ? ?    'X-RAY DIFFRACTION' ? 
r_dihedral_angle_1_deg       7.687  5.000  ? 116  'X-RAY DIFFRACTION' ? 
r_dihedral_angle_2_deg       30.013 22.889 ? 45   'X-RAY DIFFRACTION' ? 
r_dihedral_angle_3_deg       19.284 15.000 ? 172  'X-RAY DIFFRACTION' ? 
r_dihedral_angle_4_deg       18.005 15.000 ? 5    'X-RAY DIFFRACTION' ? 
r_chiral_restr               0.120  0.200  ? 219  'X-RAY DIFFRACTION' ? 
r_gen_planes_refined         0.009  0.020  ? 923  'X-RAY DIFFRACTION' ? 
r_gen_planes_other           ?      ?      ? ?    'X-RAY DIFFRACTION' ? 
r_nbd_refined                0.252  0.200  ? 554  'X-RAY DIFFRACTION' ? 
r_nbd_other                  ?      ?      ? ?    'X-RAY DIFFRACTION' ? 
r_nbtor_refined              0.315  0.200  ? 900  'X-RAY DIFFRACTION' ? 
r_nbtor_other                ?      ?      ? ?    'X-RAY DIFFRACTION' ? 
r_xyhbond_nbd_refined        0.185  0.200  ? 78   'X-RAY DIFFRACTION' ? 
r_xyhbond_nbd_other          ?      ?      ? ?    'X-RAY DIFFRACTION' ? 
r_metal_ion_refined          ?      ?      ? ?    'X-RAY DIFFRACTION' ? 
r_metal_ion_other            ?      ?      ? ?    'X-RAY DIFFRACTION' ? 
r_symmetry_vdw_refined       0.325  0.200  ? 34   'X-RAY DIFFRACTION' ? 
r_symmetry_vdw_other         ?      ?      ? ?    'X-RAY DIFFRACTION' ? 
r_symmetry_hbond_refined     0.220  0.200  ? 20   'X-RAY DIFFRACTION' ? 
r_symmetry_hbond_other       ?      ?      ? ?    'X-RAY DIFFRACTION' ? 
r_symmetry_metal_ion_refined ?      ?      ? ?    'X-RAY DIFFRACTION' ? 
r_symmetry_metal_ion_other   ?      ?      ? ?    'X-RAY DIFFRACTION' ? 
r_mcbond_it                  1.015  1.500  ? 603  'X-RAY DIFFRACTION' ? 
r_mcbond_other               ?      ?      ? ?    'X-RAY DIFFRACTION' ? 
r_mcangle_it                 1.788  2.000  ? 956  'X-RAY DIFFRACTION' ? 
r_scbond_it                  2.563  3.000  ? 1016 'X-RAY DIFFRACTION' ? 
r_scangle_it                 3.853  4.500  ? 1002 'X-RAY DIFFRACTION' ? 
r_rigid_bond_restr           ?      ?      ? ?    'X-RAY DIFFRACTION' ? 
r_sphericity_free            ?      ?      ? ?    'X-RAY DIFFRACTION' ? 
r_sphericity_bonded          ?      ?      ? ?    'X-RAY DIFFRACTION' ? 
# 
_refine_ls_shell.pdbx_total_number_of_bins_used   20 
_refine_ls_shell.d_res_high                       2.300 
_refine_ls_shell.d_res_low                        2.359 
_refine_ls_shell.number_reflns_R_work             673 
_refine_ls_shell.R_factor_R_work                  0.328 
_refine_ls_shell.percent_reflns_obs               92.16 
_refine_ls_shell.R_factor_R_free                  0.561 
_refine_ls_shell.R_factor_R_free_error            ? 
_refine_ls_shell.percent_reflns_R_free            ? 
_refine_ls_shell.number_reflns_R_free             32 
_refine_ls_shell.number_reflns_all                ? 
_refine_ls_shell.R_factor_all                     ? 
_refine_ls_shell.number_reflns_obs                ? 
_refine_ls_shell.redundancy_reflns_obs            ? 
_refine_ls_shell.pdbx_refine_id                   'X-RAY DIFFRACTION' 
# 
_struct.entry_id                  2NL8 
_struct.title                     
'The origin binding domain of the SV40 large T antigen bound non specifically to a 17 bp palindrome DNA (sites 1 and 3)' 
_struct.pdbx_model_details        ? 
_struct.pdbx_CASP_flag            N 
_struct.pdbx_model_type_details   ? 
# 
_struct_keywords.entry_id        2NL8 
_struct_keywords.pdbx_keywords   'DNA binding protein/DNA' 
_struct_keywords.text            'DNA binding protein, DNA binding protein-DNA COMPLEX' 
# 
loop_
_struct_asym.id 
_struct_asym.pdbx_blank_PDB_chainid_flag 
_struct_asym.pdbx_modified 
_struct_asym.entity_id 
_struct_asym.details 
A N N 1 ? 
B N N 2 ? 
C N N 3 ? 
D N N 3 ? 
# 
loop_
_struct_ref.id 
_struct_ref.entity_id 
_struct_ref.db_name 
_struct_ref.db_code 
_struct_ref.pdbx_db_accession 
_struct_ref.pdbx_align_begin 
_struct_ref.pdbx_seq_one_letter_code 
_struct_ref.pdbx_db_isoform 
1 2 UNP TALA_SV40 P03070 131 
;KVEDPKDFPSELLSFLSHAVFSNRTLACFAIYTTKEKAALLYKKIMEKYSVTFISRHNSYNHNILFFLTPHRHRVSAINN
YAQKLCTFSFLICKGVNKEYLMYSALTRDPFSVIEESLPGGLKEHDFNP
;
? 
2 1 PDB 2NL8      2NL8   ?   ? ? 
# 
loop_
_struct_ref_seq.align_id 
_struct_ref_seq.ref_id 
_struct_ref_seq.pdbx_PDB_id_code 
_struct_ref_seq.pdbx_strand_id 
_struct_ref_seq.seq_align_beg 
_struct_ref_seq.pdbx_seq_align_beg_ins_code 
_struct_ref_seq.seq_align_end 
_struct_ref_seq.pdbx_seq_align_end_ins_code 
_struct_ref_seq.pdbx_db_accession 
_struct_ref_seq.db_align_beg 
_struct_ref_seq.pdbx_db_align_beg_ins_code 
_struct_ref_seq.db_align_end 
_struct_ref_seq.pdbx_db_align_end_ins_code 
_struct_ref_seq.pdbx_auth_seq_align_beg 
_struct_ref_seq.pdbx_auth_seq_align_end 
1 1 2NL8 A 5 ? 133 ? P03070 131 ? 259 ? 131 259 
2 2 2NL8 W 1 ? 18  ? 2NL8   10  ? 27  ? 10  27  
# 
loop_
_struct_ref_seq_dif.align_id 
_struct_ref_seq_dif.pdbx_pdb_id_code 
_struct_ref_seq_dif.mon_id 
_struct_ref_seq_dif.pdbx_pdb_strand_id 
_struct_ref_seq_dif.seq_num 
_struct_ref_seq_dif.pdbx_pdb_ins_code 
_struct_ref_seq_dif.pdbx_seq_db_name 
_struct_ref_seq_dif.pdbx_seq_db_accession_code 
_struct_ref_seq_dif.db_mon_id 
_struct_ref_seq_dif.pdbx_seq_db_seq_num 
_struct_ref_seq_dif.details 
_struct_ref_seq_dif.pdbx_auth_seq_num 
_struct_ref_seq_dif.pdbx_ordinal 
1 2NL8 GLY A 1  ? UNP P03070 ?   ?   'cloning artifact'    127 1 
1 2NL8 SER A 2  ? UNP P03070 ?   ?   'cloning artifact'    128 2 
1 2NL8 HIS A 3  ? UNP P03070 ?   ?   'cloning artifact'    129 3 
1 2NL8 MET A 4  ? UNP P03070 ?   ?   'cloning artifact'    130 4 
1 2NL8 SER A 90 ? UNP P03070 CYS 216 'engineered mutation' 216 5 
# 
_pdbx_struct_assembly.id                   1 
_pdbx_struct_assembly.details              author_defined_assembly 
_pdbx_struct_assembly.method_details       ? 
_pdbx_struct_assembly.oligomeric_details   tetrameric 
_pdbx_struct_assembly.oligomeric_count     4 
# 
_pdbx_struct_assembly_gen.assembly_id       1 
_pdbx_struct_assembly_gen.oper_expression   1,2 
_pdbx_struct_assembly_gen.asym_id_list      A,B,C,D 
# 
loop_
_pdbx_struct_oper_list.id 
_pdbx_struct_oper_list.type 
_pdbx_struct_oper_list.name 
_pdbx_struct_oper_list.symmetry_operation 
_pdbx_struct_oper_list.matrix[1][1] 
_pdbx_struct_oper_list.matrix[1][2] 
_pdbx_struct_oper_list.matrix[1][3] 
_pdbx_struct_oper_list.vector[1] 
_pdbx_struct_oper_list.matrix[2][1] 
_pdbx_struct_oper_list.matrix[2][2] 
_pdbx_struct_oper_list.matrix[2][3] 
_pdbx_struct_oper_list.vector[2] 
_pdbx_struct_oper_list.matrix[3][1] 
_pdbx_struct_oper_list.matrix[3][2] 
_pdbx_struct_oper_list.matrix[3][3] 
_pdbx_struct_oper_list.vector[3] 
1 'identity operation'         1_555 x,y,z            1.0000000000  0.0000000000  0.0000000000 0.0000000000  0.0000000000  1.0000000000  0.0000000000  0.0000000000  0.0000000000 0.0000000000  1.0000000000  0.0000000000 
2 'crystal symmetry operation' 8_665 -y+1,-x+1,-z+1/2 -0.4427526223 -0.5114343892 0.7364814873 24.3709769893 -0.5114343892 -0.5306121754 -0.6759331216 40.2980933798 0.7364814873 -0.6759331216 -0.0266352024 9.5442558611 
# 
loop_
_struct_conf.conf_type_id 
_struct_conf.id 
_struct_conf.pdbx_PDB_helix_id 
_struct_conf.beg_label_comp_id 
_struct_conf.beg_label_asym_id 
_struct_conf.beg_label_seq_id 
_struct_conf.pdbx_beg_PDB_ins_code 
_struct_conf.end_label_comp_id 
_struct_conf.end_label_asym_id 
_struct_conf.end_label_seq_id 
_struct_conf.pdbx_end_PDB_ins_code 
_struct_conf.beg_auth_comp_id 
_struct_conf.beg_auth_asym_id 
_struct_conf.beg_auth_seq_id 
_struct_conf.end_auth_comp_id 
_struct_conf.end_auth_asym_id 
_struct_conf.end_auth_seq_id 
_struct_conf.pdbx_PDB_helix_class 
_struct_conf.details 
_struct_conf.pdbx_PDB_helix_length 
HELX_P HELX_P1 1 THR B 38  ? TYR B 53  ? THR A 164 TYR A 179 1 ? 16 
HELX_P HELX_P2 2 ARG B 78  ? GLN B 87  ? ARG A 204 GLN A 213 1 ? 10 
HELX_P HELX_P3 3 LYS B 102 ? ASP B 113 ? LYS A 228 ASP A 239 1 ? 12 
# 
_struct_conf_type.id          HELX_P 
_struct_conf_type.criteria    ? 
_struct_conf_type.reference   ? 
# 
loop_
_struct_conn.id 
_struct_conn.conn_type_id 
_struct_conn.pdbx_leaving_atom_flag 
_struct_conn.pdbx_PDB_id 
_struct_conn.ptnr1_label_asym_id 
_struct_conn.ptnr1_label_comp_id 
_struct_conn.ptnr1_label_seq_id 
_struct_conn.ptnr1_label_atom_id 
_struct_conn.pdbx_ptnr1_label_alt_id 
_struct_conn.pdbx_ptnr1_PDB_ins_code 
_struct_conn.pdbx_ptnr1_standard_comp_id 
_struct_conn.ptnr1_symmetry 
_struct_conn.ptnr2_label_asym_id 
_struct_conn.ptnr2_label_comp_id 
_struct_conn.ptnr2_label_seq_id 
_struct_conn.ptnr2_label_atom_id 
_struct_conn.pdbx_ptnr2_label_alt_id 
_struct_conn.pdbx_ptnr2_PDB_ins_code 
_struct_conn.ptnr1_auth_asym_id 
_struct_conn.ptnr1_auth_comp_id 
_struct_conn.ptnr1_auth_seq_id 
_struct_conn.ptnr2_auth_asym_id 
_struct_conn.ptnr2_auth_comp_id 
_struct_conn.ptnr2_auth_seq_id 
_struct_conn.ptnr2_symmetry 
_struct_conn.pdbx_ptnr3_label_atom_id 
_struct_conn.pdbx_ptnr3_label_seq_id 
_struct_conn.pdbx_ptnr3_label_comp_id 
_struct_conn.pdbx_ptnr3_label_asym_id 
_struct_conn.pdbx_ptnr3_label_alt_id 
_struct_conn.pdbx_ptnr3_PDB_ins_code 
_struct_conn.details 
_struct_conn.pdbx_dist_value 
_struct_conn.pdbx_value_order 
_struct_conn.pdbx_role 
hydrog1  hydrog ? ? A DG 2  N1 ? ? ? 1_555 A DC 18 N3 ? ? W DG 11 W DC 27 8_665 ? ? ? ? ? ? WATSON-CRICK ? ? ? 
hydrog2  hydrog ? ? A DG 2  N2 ? ? ? 1_555 A DC 18 O2 ? ? W DG 11 W DC 27 8_665 ? ? ? ? ? ? WATSON-CRICK ? ? ? 
hydrog3  hydrog ? ? A DG 2  O6 ? ? ? 1_555 A DC 18 N4 ? ? W DG 11 W DC 27 8_665 ? ? ? ? ? ? WATSON-CRICK ? ? ? 
hydrog4  hydrog ? ? A DA 3  N1 ? ? ? 1_555 A DT 17 N3 ? ? W DA 12 W DT 26 8_665 ? ? ? ? ? ? WATSON-CRICK ? ? ? 
hydrog5  hydrog ? ? A DA 3  N6 ? ? ? 1_555 A DT 17 O4 ? ? W DA 12 W DT 26 8_665 ? ? ? ? ? ? WATSON-CRICK ? ? ? 
hydrog6  hydrog ? ? A DG 4  N1 ? ? ? 1_555 A DC 16 N3 ? ? W DG 13 W DC 25 8_665 ? ? ? ? ? ? WATSON-CRICK ? ? ? 
hydrog7  hydrog ? ? A DG 4  N2 ? ? ? 1_555 A DC 16 O2 ? ? W DG 13 W DC 25 8_665 ? ? ? ? ? ? WATSON-CRICK ? ? ? 
hydrog8  hydrog ? ? A DG 4  O6 ? ? ? 1_555 A DC 16 N4 ? ? W DG 13 W DC 25 8_665 ? ? ? ? ? ? WATSON-CRICK ? ? ? 
hydrog9  hydrog ? ? A DG 5  N1 ? ? ? 1_555 A DC 15 N3 ? ? W DG 14 W DC 24 8_665 ? ? ? ? ? ? WATSON-CRICK ? ? ? 
hydrog10 hydrog ? ? A DG 5  N2 ? ? ? 1_555 A DC 15 O2 ? ? W DG 14 W DC 24 8_665 ? ? ? ? ? ? WATSON-CRICK ? ? ? 
hydrog11 hydrog ? ? A DG 5  O6 ? ? ? 1_555 A DC 15 N4 ? ? W DG 14 W DC 24 8_665 ? ? ? ? ? ? WATSON-CRICK ? ? ? 
hydrog12 hydrog ? ? A DC 6  N3 ? ? ? 1_555 A DG 14 N1 ? ? W DC 15 W DG 23 8_665 ? ? ? ? ? ? WATSON-CRICK ? ? ? 
hydrog13 hydrog ? ? A DC 6  N4 ? ? ? 1_555 A DG 14 O6 ? ? W DC 15 W DG 23 8_665 ? ? ? ? ? ? WATSON-CRICK ? ? ? 
hydrog14 hydrog ? ? A DC 6  O2 ? ? ? 1_555 A DG 14 N2 ? ? W DC 15 W DG 23 8_665 ? ? ? ? ? ? WATSON-CRICK ? ? ? 
hydrog15 hydrog ? ? A DC 7  N3 ? ? ? 1_555 A DG 13 N1 ? ? W DC 16 W DG 22 8_665 ? ? ? ? ? ? WATSON-CRICK ? ? ? 
hydrog16 hydrog ? ? A DC 7  N4 ? ? ? 1_555 A DG 13 O6 ? ? W DC 16 W DG 22 8_665 ? ? ? ? ? ? WATSON-CRICK ? ? ? 
hydrog17 hydrog ? ? A DC 7  O2 ? ? ? 1_555 A DG 13 N2 ? ? W DC 16 W DG 22 8_665 ? ? ? ? ? ? WATSON-CRICK ? ? ? 
hydrog18 hydrog ? ? A DA 8  N1 ? ? ? 1_555 A DT 12 N3 ? ? W DA 17 W DT 21 8_665 ? ? ? ? ? ? WATSON-CRICK ? ? ? 
hydrog19 hydrog ? ? A DA 8  N6 ? ? ? 1_555 A DT 12 O4 ? ? W DA 17 W DT 21 8_665 ? ? ? ? ? ? WATSON-CRICK ? ? ? 
hydrog20 hydrog ? ? A DT 9  N3 ? ? ? 1_555 A DA 11 N1 ? ? W DT 18 W DA 20 8_665 ? ? ? ? ? ? WATSON-CRICK ? ? ? 
hydrog21 hydrog ? ? A DT 9  O4 ? ? ? 1_555 A DA 11 N6 ? ? W DT 18 W DA 20 8_665 ? ? ? ? ? ? WATSON-CRICK ? ? ? 
hydrog22 hydrog ? ? A DA 11 N1 ? ? ? 1_555 A DT 9  N3 ? ? W DA 20 W DT 18 8_665 ? ? ? ? ? ? WATSON-CRICK ? ? ? 
hydrog23 hydrog ? ? A DA 11 N6 ? ? ? 1_555 A DT 9  O4 ? ? W DA 20 W DT 18 8_665 ? ? ? ? ? ? WATSON-CRICK ? ? ? 
hydrog24 hydrog ? ? A DT 12 N3 ? ? ? 1_555 A DA 8  N1 ? ? W DT 21 W DA 17 8_665 ? ? ? ? ? ? WATSON-CRICK ? ? ? 
hydrog25 hydrog ? ? A DT 12 O4 ? ? ? 1_555 A DA 8  N6 ? ? W DT 21 W DA 17 8_665 ? ? ? ? ? ? WATSON-CRICK ? ? ? 
hydrog26 hydrog ? ? A DG 13 N1 ? ? ? 1_555 A DC 7  N3 ? ? W DG 22 W DC 16 8_665 ? ? ? ? ? ? WATSON-CRICK ? ? ? 
hydrog27 hydrog ? ? A DG 13 N2 ? ? ? 1_555 A DC 7  O2 ? ? W DG 22 W DC 16 8_665 ? ? ? ? ? ? WATSON-CRICK ? ? ? 
hydrog28 hydrog ? ? A DG 13 O6 ? ? ? 1_555 A DC 7  N4 ? ? W DG 22 W DC 16 8_665 ? ? ? ? ? ? WATSON-CRICK ? ? ? 
hydrog29 hydrog ? ? A DG 14 N1 ? ? ? 1_555 A DC 6  N3 ? ? W DG 23 W DC 15 8_665 ? ? ? ? ? ? WATSON-CRICK ? ? ? 
hydrog30 hydrog ? ? A DG 14 N2 ? ? ? 1_555 A DC 6  O2 ? ? W DG 23 W DC 15 8_665 ? ? ? ? ? ? WATSON-CRICK ? ? ? 
hydrog31 hydrog ? ? A DG 14 O6 ? ? ? 1_555 A DC 6  N4 ? ? W DG 23 W DC 15 8_665 ? ? ? ? ? ? WATSON-CRICK ? ? ? 
hydrog32 hydrog ? ? A DC 15 N3 ? ? ? 1_555 A DG 5  N1 ? ? W DC 24 W DG 14 8_665 ? ? ? ? ? ? WATSON-CRICK ? ? ? 
hydrog33 hydrog ? ? A DC 15 N4 ? ? ? 1_555 A DG 5  O6 ? ? W DC 24 W DG 14 8_665 ? ? ? ? ? ? WATSON-CRICK ? ? ? 
hydrog34 hydrog ? ? A DC 15 O2 ? ? ? 1_555 A DG 5  N2 ? ? W DC 24 W DG 14 8_665 ? ? ? ? ? ? WATSON-CRICK ? ? ? 
hydrog35 hydrog ? ? A DC 16 N3 ? ? ? 1_555 A DG 4  N1 ? ? W DC 25 W DG 13 8_665 ? ? ? ? ? ? WATSON-CRICK ? ? ? 
hydrog36 hydrog ? ? A DC 16 N4 ? ? ? 1_555 A DG 4  O6 ? ? W DC 25 W DG 13 8_665 ? ? ? ? ? ? WATSON-CRICK ? ? ? 
hydrog37 hydrog ? ? A DC 16 O2 ? ? ? 1_555 A DG 4  N2 ? ? W DC 25 W DG 13 8_665 ? ? ? ? ? ? WATSON-CRICK ? ? ? 
hydrog38 hydrog ? ? A DT 17 N3 ? ? ? 1_555 A DA 3  N1 ? ? W DT 26 W DA 12 8_665 ? ? ? ? ? ? WATSON-CRICK ? ? ? 
hydrog39 hydrog ? ? A DT 17 O4 ? ? ? 1_555 A DA 3  N6 ? ? W DT 26 W DA 12 8_665 ? ? ? ? ? ? WATSON-CRICK ? ? ? 
hydrog40 hydrog ? ? A DC 18 N3 ? ? ? 1_555 A DG 2  N1 ? ? W DC 27 W DG 11 8_665 ? ? ? ? ? ? WATSON-CRICK ? ? ? 
hydrog41 hydrog ? ? A DC 18 N4 ? ? ? 1_555 A DG 2  O6 ? ? W DC 27 W DG 11 8_665 ? ? ? ? ? ? WATSON-CRICK ? ? ? 
hydrog42 hydrog ? ? A DC 18 O2 ? ? ? 1_555 A DG 2  N2 ? ? W DC 27 W DG 11 8_665 ? ? ? ? ? ? WATSON-CRICK ? ? ? 
# 
_struct_conn_type.id          hydrog 
_struct_conn_type.criteria    ? 
_struct_conn_type.reference   ? 
# 
_struct_mon_prot_cis.pdbx_id                1 
_struct_mon_prot_cis.label_comp_id          ASP 
_struct_mon_prot_cis.label_seq_id           113 
_struct_mon_prot_cis.label_asym_id          B 
_struct_mon_prot_cis.label_alt_id           . 
_struct_mon_prot_cis.pdbx_PDB_ins_code      ? 
_struct_mon_prot_cis.auth_comp_id           ASP 
_struct_mon_prot_cis.auth_seq_id            239 
_struct_mon_prot_cis.auth_asym_id           A 
_struct_mon_prot_cis.pdbx_label_comp_id_2   PRO 
_struct_mon_prot_cis.pdbx_label_seq_id_2    114 
_struct_mon_prot_cis.pdbx_label_asym_id_2   B 
_struct_mon_prot_cis.pdbx_PDB_ins_code_2    ? 
_struct_mon_prot_cis.pdbx_auth_comp_id_2    PRO 
_struct_mon_prot_cis.pdbx_auth_seq_id_2     240 
_struct_mon_prot_cis.pdbx_auth_asym_id_2    A 
_struct_mon_prot_cis.pdbx_PDB_model_num     1 
_struct_mon_prot_cis.pdbx_omega_angle       8.15 
# 
_struct_sheet.id               A 
_struct_sheet.type             ? 
_struct_sheet.number_strands   5 
_struct_sheet.details          ? 
# 
loop_
_struct_sheet_order.sheet_id 
_struct_sheet_order.range_id_1 
_struct_sheet_order.range_id_2 
_struct_sheet_order.offset 
_struct_sheet_order.sense 
A 1 2 ? anti-parallel 
A 2 3 ? anti-parallel 
A 3 4 ? anti-parallel 
A 4 5 ? anti-parallel 
# 
loop_
_struct_sheet_range.sheet_id 
_struct_sheet_range.id 
_struct_sheet_range.beg_label_comp_id 
_struct_sheet_range.beg_label_asym_id 
_struct_sheet_range.beg_label_seq_id 
_struct_sheet_range.pdbx_beg_PDB_ins_code 
_struct_sheet_range.end_label_comp_id 
_struct_sheet_range.end_label_asym_id 
_struct_sheet_range.end_label_seq_id 
_struct_sheet_range.pdbx_end_PDB_ins_code 
_struct_sheet_range.beg_auth_comp_id 
_struct_sheet_range.beg_auth_asym_id 
_struct_sheet_range.beg_auth_seq_id 
_struct_sheet_range.end_auth_comp_id 
_struct_sheet_range.end_auth_asym_id 
_struct_sheet_range.end_auth_seq_id 
A 1 LEU B 95  ? GLY B 99  ? LEU A 221 GLY A 225 
A 2 LEU B 30  ? THR B 37  ? LEU A 156 THR A 163 
A 3 HIS B 66  ? HIS B 77  ? HIS A 192 HIS A 203 
A 4 PHE B 57  ? SER B 63  ? PHE A 183 SER A 189 
A 5 PHE B 115 ? GLU B 120 ? PHE A 241 GLU A 246 
# 
loop_
_pdbx_struct_sheet_hbond.sheet_id 
_pdbx_struct_sheet_hbond.range_id_1 
_pdbx_struct_sheet_hbond.range_id_2 
_pdbx_struct_sheet_hbond.range_1_label_atom_id 
_pdbx_struct_sheet_hbond.range_1_label_comp_id 
_pdbx_struct_sheet_hbond.range_1_label_asym_id 
_pdbx_struct_sheet_hbond.range_1_label_seq_id 
_pdbx_struct_sheet_hbond.range_1_PDB_ins_code 
_pdbx_struct_sheet_hbond.range_1_auth_atom_id 
_pdbx_struct_sheet_hbond.range_1_auth_comp_id 
_pdbx_struct_sheet_hbond.range_1_auth_asym_id 
_pdbx_struct_sheet_hbond.range_1_auth_seq_id 
_pdbx_struct_sheet_hbond.range_2_label_atom_id 
_pdbx_struct_sheet_hbond.range_2_label_comp_id 
_pdbx_struct_sheet_hbond.range_2_label_asym_id 
_pdbx_struct_sheet_hbond.range_2_label_seq_id 
_pdbx_struct_sheet_hbond.range_2_PDB_ins_code 
_pdbx_struct_sheet_hbond.range_2_auth_atom_id 
_pdbx_struct_sheet_hbond.range_2_auth_comp_id 
_pdbx_struct_sheet_hbond.range_2_auth_asym_id 
_pdbx_struct_sheet_hbond.range_2_auth_seq_id 
A 1 2 O LYS B 98 ? O LYS A 224 N ALA B 34  ? N ALA A 160 
A 2 3 N LEU B 30 ? N LEU A 156 O HIS B 77  ? O HIS A 203 
A 3 4 O PHE B 70 ? O PHE A 196 N SER B 59  ? N SER A 185 
A 4 5 N ARG B 60 ? N ARG A 186 O GLU B 119 ? O GLU A 245 
# 
_pdbx_validate_symm_contact.id                1 
_pdbx_validate_symm_contact.PDB_model_num     1 
_pdbx_validate_symm_contact.auth_atom_id_1    C7 
_pdbx_validate_symm_contact.auth_asym_id_1    W 
_pdbx_validate_symm_contact.auth_comp_id_1    DT 
_pdbx_validate_symm_contact.auth_seq_id_1     21 
_pdbx_validate_symm_contact.PDB_ins_code_1    ? 
_pdbx_validate_symm_contact.label_alt_id_1    ? 
_pdbx_validate_symm_contact.site_symmetry_1   1_555 
_pdbx_validate_symm_contact.auth_atom_id_2    OG 
_pdbx_validate_symm_contact.auth_asym_id_2    A 
_pdbx_validate_symm_contact.auth_comp_id_2    SER 
_pdbx_validate_symm_contact.auth_seq_id_2     152 
_pdbx_validate_symm_contact.PDB_ins_code_2    ? 
_pdbx_validate_symm_contact.label_alt_id_2    ? 
_pdbx_validate_symm_contact.site_symmetry_2   8_665 
_pdbx_validate_symm_contact.dist              2.01 
# 
loop_
_pdbx_validate_rmsd_bond.id 
_pdbx_validate_rmsd_bond.PDB_model_num 
_pdbx_validate_rmsd_bond.auth_atom_id_1 
_pdbx_validate_rmsd_bond.auth_asym_id_1 
_pdbx_validate_rmsd_bond.auth_comp_id_1 
_pdbx_validate_rmsd_bond.auth_seq_id_1 
_pdbx_validate_rmsd_bond.PDB_ins_code_1 
_pdbx_validate_rmsd_bond.label_alt_id_1 
_pdbx_validate_rmsd_bond.auth_atom_id_2 
_pdbx_validate_rmsd_bond.auth_asym_id_2 
_pdbx_validate_rmsd_bond.auth_comp_id_2 
_pdbx_validate_rmsd_bond.auth_seq_id_2 
_pdbx_validate_rmsd_bond.PDB_ins_code_2 
_pdbx_validate_rmsd_bond.label_alt_id_2 
_pdbx_validate_rmsd_bond.bond_value 
_pdbx_validate_rmsd_bond.bond_target_value 
_pdbx_validate_rmsd_bond.bond_deviation 
_pdbx_validate_rmsd_bond.bond_standard_deviation 
_pdbx_validate_rmsd_bond.linker_flag 
1 1 "O3'" W DG 11 ? ? "C3'" W DG 11 ? ? 1.373 1.419 -0.046 0.006 N 
2 1 "O3'" W DA 12 ? ? "C3'" W DA 12 ? ? 1.379 1.419 -0.040 0.006 N 
3 1 "O3'" W DG 14 ? ? "C3'" W DG 14 ? ? 1.361 1.419 -0.058 0.006 N 
4 1 "O3'" W DC 15 ? ? "C3'" W DC 15 ? ? 1.371 1.419 -0.048 0.006 N 
5 1 "O3'" W DC 19 ? ? "C3'" W DC 19 ? ? 1.381 1.419 -0.038 0.006 N 
6 1 "C1'" W DT 21 ? ? N1    W DT 21 ? ? 1.582 1.488 0.094  0.013 N 
7 1 "O3'" W DT 26 ? ? "C3'" W DT 26 ? ? 1.376 1.419 -0.043 0.006 N 
# 
loop_
_pdbx_validate_rmsd_angle.id 
_pdbx_validate_rmsd_angle.PDB_model_num 
_pdbx_validate_rmsd_angle.auth_atom_id_1 
_pdbx_validate_rmsd_angle.auth_asym_id_1 
_pdbx_validate_rmsd_angle.auth_comp_id_1 
_pdbx_validate_rmsd_angle.auth_seq_id_1 
_pdbx_validate_rmsd_angle.PDB_ins_code_1 
_pdbx_validate_rmsd_angle.label_alt_id_1 
_pdbx_validate_rmsd_angle.auth_atom_id_2 
_pdbx_validate_rmsd_angle.auth_asym_id_2 
_pdbx_validate_rmsd_angle.auth_comp_id_2 
_pdbx_validate_rmsd_angle.auth_seq_id_2 
_pdbx_validate_rmsd_angle.PDB_ins_code_2 
_pdbx_validate_rmsd_angle.label_alt_id_2 
_pdbx_validate_rmsd_angle.auth_atom_id_3 
_pdbx_validate_rmsd_angle.auth_asym_id_3 
_pdbx_validate_rmsd_angle.auth_comp_id_3 
_pdbx_validate_rmsd_angle.auth_seq_id_3 
_pdbx_validate_rmsd_angle.PDB_ins_code_3 
_pdbx_validate_rmsd_angle.label_alt_id_3 
_pdbx_validate_rmsd_angle.angle_value 
_pdbx_validate_rmsd_angle.angle_target_value 
_pdbx_validate_rmsd_angle.angle_deviation 
_pdbx_validate_rmsd_angle.angle_standard_deviation 
_pdbx_validate_rmsd_angle.linker_flag 
1  1 "C3'" W DG  11  ? ? "C2'" W DG  11  ? ? "C1'" W DG  11  ? ? 94.35  102.40 -8.05 0.80 N 
2  1 "O4'" W DA  12  ? ? "C1'" W DA  12  ? ? N9    W DA  12  ? ? 103.79 108.00 -4.21 0.70 N 
3  1 "O4'" W DG  13  ? ? "C1'" W DG  13  ? ? "C2'" W DG  13  ? ? 100.69 105.90 -5.21 0.80 N 
4  1 P     W DG  14  ? ? "O5'" W DG  14  ? ? "C5'" W DG  14  ? ? 135.79 120.90 14.89 1.60 N 
5  1 "O4'" W DG  14  ? ? "C4'" W DG  14  ? ? "C3'" W DG  14  ? ? 102.04 104.50 -2.46 0.40 N 
6  1 "O4'" W DG  14  ? ? "C1'" W DG  14  ? ? N9    W DG  14  ? ? 111.30 108.30 3.00  0.30 N 
7  1 "O4'" W DC  15  ? ? "C4'" W DC  15  ? ? "C3'" W DC  15  ? ? 101.89 104.50 -2.61 0.40 N 
8  1 "O4'" W DC  15  ? ? "C1'" W DC  15  ? ? N1    W DC  15  ? ? 111.00 108.30 2.70  0.30 N 
9  1 N3    W DC  15  ? ? C4    W DC  15  ? ? N4    W DC  15  ? ? 113.17 118.00 -4.83 0.70 N 
10 1 "O4'" W DC  16  ? ? "C1'" W DC  16  ? ? N1    W DC  16  ? ? 111.48 108.30 3.18  0.30 N 
11 1 "O4'" W DA  17  ? ? "C4'" W DA  17  ? ? "C3'" W DA  17  ? ? 101.63 104.50 -2.87 0.40 N 
12 1 C5    W DA  17  ? ? N7    W DA  17  ? ? C8    W DA  17  ? ? 100.59 103.90 -3.31 0.50 N 
13 1 "O4'" W DC  19  ? ? "C1'" W DC  19  ? ? "C2'" W DC  19  ? ? 99.94  105.90 -5.96 0.80 N 
14 1 "O4'" W DC  19  ? ? "C1'" W DC  19  ? ? N1    W DC  19  ? ? 111.49 108.30 3.19  0.30 N 
15 1 N1    W DC  19  ? ? C2    W DC  19  ? ? O2    W DC  19  ? ? 122.71 118.90 3.81  0.60 N 
16 1 N3    W DC  19  ? ? C2    W DC  19  ? ? O2    W DC  19  ? ? 117.49 121.90 -4.41 0.70 N 
17 1 N1    W DA  20  ? ? C2    W DA  20  ? ? N3    W DA  20  ? ? 124.86 129.30 -4.44 0.50 N 
18 1 C2    W DA  20  ? ? N3    W DA  20  ? ? C4    W DA  20  ? ? 113.92 110.60 3.32  0.50 N 
19 1 "O4'" W DT  21  ? ? "C4'" W DT  21  ? ? "C3'" W DT  21  ? ? 101.81 104.50 -2.69 0.40 N 
20 1 "O4'" W DT  21  ? ? "C1'" W DT  21  ? ? "C2'" W DT  21  ? ? 97.34  105.90 -8.56 0.80 N 
21 1 N1    W DT  21  ? ? C2    W DT  21  ? ? N3    W DT  21  ? ? 120.67 114.60 6.07  0.60 N 
22 1 C2    W DT  21  ? ? N3    W DT  21  ? ? C4    W DT  21  ? ? 120.03 127.20 -7.17 0.60 N 
23 1 C4    W DT  21  ? ? C5    W DT  21  ? ? C6    W DT  21  ? ? 124.26 118.00 6.26  0.60 N 
24 1 C5    W DT  21  ? ? C6    W DT  21  ? ? N1    W DT  21  ? ? 118.63 123.70 -5.07 0.60 N 
25 1 N3    W DT  21  ? ? C2    W DT  21  ? ? O2    W DT  21  ? ? 115.66 122.30 -6.64 0.60 N 
26 1 C6    W DT  21  ? ? C5    W DT  21  ? ? C7    W DT  21  ? ? 118.97 122.90 -3.93 0.60 N 
27 1 "C3'" W DG  22  ? ? "C2'" W DG  22  ? ? "C1'" W DG  22  ? ? 97.19  102.40 -5.21 0.80 N 
28 1 "O4'" W DG  22  ? ? "C1'" W DG  22  ? ? N9    W DG  22  ? ? 114.31 108.30 6.01  0.30 N 
29 1 "O4'" W DG  23  ? ? "C1'" W DG  23  ? ? N9    W DG  23  ? ? 112.89 108.30 4.59  0.30 N 
30 1 "O4'" W DC  24  ? ? "C1'" W DC  24  ? ? "C2'" W DC  24  ? ? 100.77 105.90 -5.13 0.80 N 
31 1 "O4'" W DC  24  ? ? "C1'" W DC  24  ? ? N1    W DC  24  ? ? 115.00 108.30 6.70  0.30 N 
32 1 "O4'" W DC  25  ? ? "C1'" W DC  25  ? ? N1    W DC  25  ? ? 115.87 108.30 7.57  0.30 N 
33 1 N1    W DC  25  ? ? C2    W DC  25  ? ? O2    W DC  25  ? ? 123.32 118.90 4.42  0.60 N 
34 1 "O5'" W DT  26  ? ? "C5'" W DT  26  ? ? "C4'" W DT  26  ? ? 102.56 109.40 -6.84 0.80 N 
35 1 CA    A LEU 156 ? ? CB    A LEU 156 ? ? CG    A LEU 156 ? ? 138.26 115.30 22.96 2.30 N 
# 
loop_
_pdbx_validate_torsion.id 
_pdbx_validate_torsion.PDB_model_num 
_pdbx_validate_torsion.auth_comp_id 
_pdbx_validate_torsion.auth_asym_id 
_pdbx_validate_torsion.auth_seq_id 
_pdbx_validate_torsion.PDB_ins_code 
_pdbx_validate_torsion.label_alt_id 
_pdbx_validate_torsion.phi 
_pdbx_validate_torsion.psi 
1 1 PRO A 135 ? ? -49.85  150.65  
2 1 ALA A 157 ? ? -141.31 12.77   
3 1 TYR A 190 ? ? 52.78   -118.73 
4 1 ARG A 238 ? ? -75.73  -79.49  
5 1 ASP A 239 ? ? 162.04  130.20  
6 1 PRO A 240 ? ? -68.86  42.85   
7 1 SER A 247 ? ? -65.82  0.29    
# 
loop_
_pdbx_unobs_or_zero_occ_residues.id 
_pdbx_unobs_or_zero_occ_residues.PDB_model_num 
_pdbx_unobs_or_zero_occ_residues.polymer_flag 
_pdbx_unobs_or_zero_occ_residues.occupancy_flag 
_pdbx_unobs_or_zero_occ_residues.auth_asym_id 
_pdbx_unobs_or_zero_occ_residues.auth_comp_id 
_pdbx_unobs_or_zero_occ_residues.auth_seq_id 
_pdbx_unobs_or_zero_occ_residues.PDB_ins_code 
_pdbx_unobs_or_zero_occ_residues.label_asym_id 
_pdbx_unobs_or_zero_occ_residues.label_comp_id 
_pdbx_unobs_or_zero_occ_residues.label_seq_id 
1  1 Y 1 A GLY 127 ? B GLY 1   
2  1 Y 1 A SER 128 ? B SER 2   
3  1 Y 1 A HIS 129 ? B HIS 3   
4  1 Y 1 A MET 130 ? B MET 4   
5  1 Y 1 A LYS 131 ? B LYS 5   
6  1 Y 1 A VAL 132 ? B VAL 6   
7  1 Y 1 A GLY 250 ? B GLY 124 
8  1 Y 1 A GLY 251 ? B GLY 125 
9  1 Y 1 A LEU 252 ? B LEU 126 
10 1 Y 1 A LYS 253 ? B LYS 127 
11 1 Y 1 A GLU 254 ? B GLU 128 
12 1 Y 1 A HIS 255 ? B HIS 129 
13 1 Y 1 A ASP 256 ? B ASP 130 
14 1 Y 1 A PHE 257 ? B PHE 131 
15 1 Y 1 A ASN 258 ? B ASN 132 
16 1 Y 1 A PRO 259 ? B PRO 133 
# 
loop_
_chem_comp_atom.comp_id 
_chem_comp_atom.atom_id 
_chem_comp_atom.type_symbol 
_chem_comp_atom.pdbx_aromatic_flag 
_chem_comp_atom.pdbx_stereo_config 
_chem_comp_atom.pdbx_ordinal 
ALA N      N N N 1   
ALA CA     C N S 2   
ALA C      C N N 3   
ALA O      O N N 4   
ALA CB     C N N 5   
ALA OXT    O N N 6   
ALA H      H N N 7   
ALA H2     H N N 8   
ALA HA     H N N 9   
ALA HB1    H N N 10  
ALA HB2    H N N 11  
ALA HB3    H N N 12  
ALA HXT    H N N 13  
ARG N      N N N 14  
ARG CA     C N S 15  
ARG C      C N N 16  
ARG O      O N N 17  
ARG CB     C N N 18  
ARG CG     C N N 19  
ARG CD     C N N 20  
ARG NE     N N N 21  
ARG CZ     C N N 22  
ARG NH1    N N N 23  
ARG NH2    N N N 24  
ARG OXT    O N N 25  
ARG H      H N N 26  
ARG H2     H N N 27  
ARG HA     H N N 28  
ARG HB2    H N N 29  
ARG HB3    H N N 30  
ARG HG2    H N N 31  
ARG HG3    H N N 32  
ARG HD2    H N N 33  
ARG HD3    H N N 34  
ARG HE     H N N 35  
ARG HH11   H N N 36  
ARG HH12   H N N 37  
ARG HH21   H N N 38  
ARG HH22   H N N 39  
ARG HXT    H N N 40  
ASN N      N N N 41  
ASN CA     C N S 42  
ASN C      C N N 43  
ASN O      O N N 44  
ASN CB     C N N 45  
ASN CG     C N N 46  
ASN OD1    O N N 47  
ASN ND2    N N N 48  
ASN OXT    O N N 49  
ASN H      H N N 50  
ASN H2     H N N 51  
ASN HA     H N N 52  
ASN HB2    H N N 53  
ASN HB3    H N N 54  
ASN HD21   H N N 55  
ASN HD22   H N N 56  
ASN HXT    H N N 57  
ASP N      N N N 58  
ASP CA     C N S 59  
ASP C      C N N 60  
ASP O      O N N 61  
ASP CB     C N N 62  
ASP CG     C N N 63  
ASP OD1    O N N 64  
ASP OD2    O N N 65  
ASP OXT    O N N 66  
ASP H      H N N 67  
ASP H2     H N N 68  
ASP HA     H N N 69  
ASP HB2    H N N 70  
ASP HB3    H N N 71  
ASP HD2    H N N 72  
ASP HXT    H N N 73  
CYS N      N N N 74  
CYS CA     C N R 75  
CYS C      C N N 76  
CYS O      O N N 77  
CYS CB     C N N 78  
CYS SG     S N N 79  
CYS OXT    O N N 80  
CYS H      H N N 81  
CYS H2     H N N 82  
CYS HA     H N N 83  
CYS HB2    H N N 84  
CYS HB3    H N N 85  
CYS HG     H N N 86  
CYS HXT    H N N 87  
DA  OP3    O N N 88  
DA  P      P N N 89  
DA  OP1    O N N 90  
DA  OP2    O N N 91  
DA  "O5'"  O N N 92  
DA  "C5'"  C N N 93  
DA  "C4'"  C N R 94  
DA  "O4'"  O N N 95  
DA  "C3'"  C N S 96  
DA  "O3'"  O N N 97  
DA  "C2'"  C N N 98  
DA  "C1'"  C N R 99  
DA  N9     N Y N 100 
DA  C8     C Y N 101 
DA  N7     N Y N 102 
DA  C5     C Y N 103 
DA  C6     C Y N 104 
DA  N6     N N N 105 
DA  N1     N Y N 106 
DA  C2     C Y N 107 
DA  N3     N Y N 108 
DA  C4     C Y N 109 
DA  HOP3   H N N 110 
DA  HOP2   H N N 111 
DA  "H5'"  H N N 112 
DA  "H5''" H N N 113 
DA  "H4'"  H N N 114 
DA  "H3'"  H N N 115 
DA  "HO3'" H N N 116 
DA  "H2'"  H N N 117 
DA  "H2''" H N N 118 
DA  "H1'"  H N N 119 
DA  H8     H N N 120 
DA  H61    H N N 121 
DA  H62    H N N 122 
DA  H2     H N N 123 
DC  OP3    O N N 124 
DC  P      P N N 125 
DC  OP1    O N N 126 
DC  OP2    O N N 127 
DC  "O5'"  O N N 128 
DC  "C5'"  C N N 129 
DC  "C4'"  C N R 130 
DC  "O4'"  O N N 131 
DC  "C3'"  C N S 132 
DC  "O3'"  O N N 133 
DC  "C2'"  C N N 134 
DC  "C1'"  C N R 135 
DC  N1     N N N 136 
DC  C2     C N N 137 
DC  O2     O N N 138 
DC  N3     N N N 139 
DC  C4     C N N 140 
DC  N4     N N N 141 
DC  C5     C N N 142 
DC  C6     C N N 143 
DC  HOP3   H N N 144 
DC  HOP2   H N N 145 
DC  "H5'"  H N N 146 
DC  "H5''" H N N 147 
DC  "H4'"  H N N 148 
DC  "H3'"  H N N 149 
DC  "HO3'" H N N 150 
DC  "H2'"  H N N 151 
DC  "H2''" H N N 152 
DC  "H1'"  H N N 153 
DC  H41    H N N 154 
DC  H42    H N N 155 
DC  H5     H N N 156 
DC  H6     H N N 157 
DG  OP3    O N N 158 
DG  P      P N N 159 
DG  OP1    O N N 160 
DG  OP2    O N N 161 
DG  "O5'"  O N N 162 
DG  "C5'"  C N N 163 
DG  "C4'"  C N R 164 
DG  "O4'"  O N N 165 
DG  "C3'"  C N S 166 
DG  "O3'"  O N N 167 
DG  "C2'"  C N N 168 
DG  "C1'"  C N R 169 
DG  N9     N Y N 170 
DG  C8     C Y N 171 
DG  N7     N Y N 172 
DG  C5     C Y N 173 
DG  C6     C N N 174 
DG  O6     O N N 175 
DG  N1     N N N 176 
DG  C2     C N N 177 
DG  N2     N N N 178 
DG  N3     N N N 179 
DG  C4     C Y N 180 
DG  HOP3   H N N 181 
DG  HOP2   H N N 182 
DG  "H5'"  H N N 183 
DG  "H5''" H N N 184 
DG  "H4'"  H N N 185 
DG  "H3'"  H N N 186 
DG  "HO3'" H N N 187 
DG  "H2'"  H N N 188 
DG  "H2''" H N N 189 
DG  "H1'"  H N N 190 
DG  H8     H N N 191 
DG  H1     H N N 192 
DG  H21    H N N 193 
DG  H22    H N N 194 
DT  OP3    O N N 195 
DT  P      P N N 196 
DT  OP1    O N N 197 
DT  OP2    O N N 198 
DT  "O5'"  O N N 199 
DT  "C5'"  C N N 200 
DT  "C4'"  C N R 201 
DT  "O4'"  O N N 202 
DT  "C3'"  C N S 203 
DT  "O3'"  O N N 204 
DT  "C2'"  C N N 205 
DT  "C1'"  C N R 206 
DT  N1     N N N 207 
DT  C2     C N N 208 
DT  O2     O N N 209 
DT  N3     N N N 210 
DT  C4     C N N 211 
DT  O4     O N N 212 
DT  C5     C N N 213 
DT  C7     C N N 214 
DT  C6     C N N 215 
DT  HOP3   H N N 216 
DT  HOP2   H N N 217 
DT  "H5'"  H N N 218 
DT  "H5''" H N N 219 
DT  "H4'"  H N N 220 
DT  "H3'"  H N N 221 
DT  "HO3'" H N N 222 
DT  "H2'"  H N N 223 
DT  "H2''" H N N 224 
DT  "H1'"  H N N 225 
DT  H3     H N N 226 
DT  H71    H N N 227 
DT  H72    H N N 228 
DT  H73    H N N 229 
DT  H6     H N N 230 
GLN N      N N N 231 
GLN CA     C N S 232 
GLN C      C N N 233 
GLN O      O N N 234 
GLN CB     C N N 235 
GLN CG     C N N 236 
GLN CD     C N N 237 
GLN OE1    O N N 238 
GLN NE2    N N N 239 
GLN OXT    O N N 240 
GLN H      H N N 241 
GLN H2     H N N 242 
GLN HA     H N N 243 
GLN HB2    H N N 244 
GLN HB3    H N N 245 
GLN HG2    H N N 246 
GLN HG3    H N N 247 
GLN HE21   H N N 248 
GLN HE22   H N N 249 
GLN HXT    H N N 250 
GLU N      N N N 251 
GLU CA     C N S 252 
GLU C      C N N 253 
GLU O      O N N 254 
GLU CB     C N N 255 
GLU CG     C N N 256 
GLU CD     C N N 257 
GLU OE1    O N N 258 
GLU OE2    O N N 259 
GLU OXT    O N N 260 
GLU H      H N N 261 
GLU H2     H N N 262 
GLU HA     H N N 263 
GLU HB2    H N N 264 
GLU HB3    H N N 265 
GLU HG2    H N N 266 
GLU HG3    H N N 267 
GLU HE2    H N N 268 
GLU HXT    H N N 269 
GLY N      N N N 270 
GLY CA     C N N 271 
GLY C      C N N 272 
GLY O      O N N 273 
GLY OXT    O N N 274 
GLY H      H N N 275 
GLY H2     H N N 276 
GLY HA2    H N N 277 
GLY HA3    H N N 278 
GLY HXT    H N N 279 
HIS N      N N N 280 
HIS CA     C N S 281 
HIS C      C N N 282 
HIS O      O N N 283 
HIS CB     C N N 284 
HIS CG     C Y N 285 
HIS ND1    N Y N 286 
HIS CD2    C Y N 287 
HIS CE1    C Y N 288 
HIS NE2    N Y N 289 
HIS OXT    O N N 290 
HIS H      H N N 291 
HIS H2     H N N 292 
HIS HA     H N N 293 
HIS HB2    H N N 294 
HIS HB3    H N N 295 
HIS HD1    H N N 296 
HIS HD2    H N N 297 
HIS HE1    H N N 298 
HIS HE2    H N N 299 
HIS HXT    H N N 300 
HOH O      O N N 301 
HOH H1     H N N 302 
HOH H2     H N N 303 
ILE N      N N N 304 
ILE CA     C N S 305 
ILE C      C N N 306 
ILE O      O N N 307 
ILE CB     C N S 308 
ILE CG1    C N N 309 
ILE CG2    C N N 310 
ILE CD1    C N N 311 
ILE OXT    O N N 312 
ILE H      H N N 313 
ILE H2     H N N 314 
ILE HA     H N N 315 
ILE HB     H N N 316 
ILE HG12   H N N 317 
ILE HG13   H N N 318 
ILE HG21   H N N 319 
ILE HG22   H N N 320 
ILE HG23   H N N 321 
ILE HD11   H N N 322 
ILE HD12   H N N 323 
ILE HD13   H N N 324 
ILE HXT    H N N 325 
LEU N      N N N 326 
LEU CA     C N S 327 
LEU C      C N N 328 
LEU O      O N N 329 
LEU CB     C N N 330 
LEU CG     C N N 331 
LEU CD1    C N N 332 
LEU CD2    C N N 333 
LEU OXT    O N N 334 
LEU H      H N N 335 
LEU H2     H N N 336 
LEU HA     H N N 337 
LEU HB2    H N N 338 
LEU HB3    H N N 339 
LEU HG     H N N 340 
LEU HD11   H N N 341 
LEU HD12   H N N 342 
LEU HD13   H N N 343 
LEU HD21   H N N 344 
LEU HD22   H N N 345 
LEU HD23   H N N 346 
LEU HXT    H N N 347 
LYS N      N N N 348 
LYS CA     C N S 349 
LYS C      C N N 350 
LYS O      O N N 351 
LYS CB     C N N 352 
LYS CG     C N N 353 
LYS CD     C N N 354 
LYS CE     C N N 355 
LYS NZ     N N N 356 
LYS OXT    O N N 357 
LYS H      H N N 358 
LYS H2     H N N 359 
LYS HA     H N N 360 
LYS HB2    H N N 361 
LYS HB3    H N N 362 
LYS HG2    H N N 363 
LYS HG3    H N N 364 
LYS HD2    H N N 365 
LYS HD3    H N N 366 
LYS HE2    H N N 367 
LYS HE3    H N N 368 
LYS HZ1    H N N 369 
LYS HZ2    H N N 370 
LYS HZ3    H N N 371 
LYS HXT    H N N 372 
MET N      N N N 373 
MET CA     C N S 374 
MET C      C N N 375 
MET O      O N N 376 
MET CB     C N N 377 
MET CG     C N N 378 
MET SD     S N N 379 
MET CE     C N N 380 
MET OXT    O N N 381 
MET H      H N N 382 
MET H2     H N N 383 
MET HA     H N N 384 
MET HB2    H N N 385 
MET HB3    H N N 386 
MET HG2    H N N 387 
MET HG3    H N N 388 
MET HE1    H N N 389 
MET HE2    H N N 390 
MET HE3    H N N 391 
MET HXT    H N N 392 
PHE N      N N N 393 
PHE CA     C N S 394 
PHE C      C N N 395 
PHE O      O N N 396 
PHE CB     C N N 397 
PHE CG     C Y N 398 
PHE CD1    C Y N 399 
PHE CD2    C Y N 400 
PHE CE1    C Y N 401 
PHE CE2    C Y N 402 
PHE CZ     C Y N 403 
PHE OXT    O N N 404 
PHE H      H N N 405 
PHE H2     H N N 406 
PHE HA     H N N 407 
PHE HB2    H N N 408 
PHE HB3    H N N 409 
PHE HD1    H N N 410 
PHE HD2    H N N 411 
PHE HE1    H N N 412 
PHE HE2    H N N 413 
PHE HZ     H N N 414 
PHE HXT    H N N 415 
PRO N      N N N 416 
PRO CA     C N S 417 
PRO C      C N N 418 
PRO O      O N N 419 
PRO CB     C N N 420 
PRO CG     C N N 421 
PRO CD     C N N 422 
PRO OXT    O N N 423 
PRO H      H N N 424 
PRO HA     H N N 425 
PRO HB2    H N N 426 
PRO HB3    H N N 427 
PRO HG2    H N N 428 
PRO HG3    H N N 429 
PRO HD2    H N N 430 
PRO HD3    H N N 431 
PRO HXT    H N N 432 
SER N      N N N 433 
SER CA     C N S 434 
SER C      C N N 435 
SER O      O N N 436 
SER CB     C N N 437 
SER OG     O N N 438 
SER OXT    O N N 439 
SER H      H N N 440 
SER H2     H N N 441 
SER HA     H N N 442 
SER HB2    H N N 443 
SER HB3    H N N 444 
SER HG     H N N 445 
SER HXT    H N N 446 
THR N      N N N 447 
THR CA     C N S 448 
THR C      C N N 449 
THR O      O N N 450 
THR CB     C N R 451 
THR OG1    O N N 452 
THR CG2    C N N 453 
THR OXT    O N N 454 
THR H      H N N 455 
THR H2     H N N 456 
THR HA     H N N 457 
THR HB     H N N 458 
THR HG1    H N N 459 
THR HG21   H N N 460 
THR HG22   H N N 461 
THR HG23   H N N 462 
THR HXT    H N N 463 
TYR N      N N N 464 
TYR CA     C N S 465 
TYR C      C N N 466 
TYR O      O N N 467 
TYR CB     C N N 468 
TYR CG     C Y N 469 
TYR CD1    C Y N 470 
TYR CD2    C Y N 471 
TYR CE1    C Y N 472 
TYR CE2    C Y N 473 
TYR CZ     C Y N 474 
TYR OH     O N N 475 
TYR OXT    O N N 476 
TYR H      H N N 477 
TYR H2     H N N 478 
TYR HA     H N N 479 
TYR HB2    H N N 480 
TYR HB3    H N N 481 
TYR HD1    H N N 482 
TYR HD2    H N N 483 
TYR HE1    H N N 484 
TYR HE2    H N N 485 
TYR HH     H N N 486 
TYR HXT    H N N 487 
VAL N      N N N 488 
VAL CA     C N S 489 
VAL C      C N N 490 
VAL O      O N N 491 
VAL CB     C N N 492 
VAL CG1    C N N 493 
VAL CG2    C N N 494 
VAL OXT    O N N 495 
VAL H      H N N 496 
VAL H2     H N N 497 
VAL HA     H N N 498 
VAL HB     H N N 499 
VAL HG11   H N N 500 
VAL HG12   H N N 501 
VAL HG13   H N N 502 
VAL HG21   H N N 503 
VAL HG22   H N N 504 
VAL HG23   H N N 505 
VAL HXT    H N N 506 
# 
loop_
_chem_comp_bond.comp_id 
_chem_comp_bond.atom_id_1 
_chem_comp_bond.atom_id_2 
_chem_comp_bond.value_order 
_chem_comp_bond.pdbx_aromatic_flag 
_chem_comp_bond.pdbx_stereo_config 
_chem_comp_bond.pdbx_ordinal 
ALA N     CA     sing N N 1   
ALA N     H      sing N N 2   
ALA N     H2     sing N N 3   
ALA CA    C      sing N N 4   
ALA CA    CB     sing N N 5   
ALA CA    HA     sing N N 6   
ALA C     O      doub N N 7   
ALA C     OXT    sing N N 8   
ALA CB    HB1    sing N N 9   
ALA CB    HB2    sing N N 10  
ALA CB    HB3    sing N N 11  
ALA OXT   HXT    sing N N 12  
ARG N     CA     sing N N 13  
ARG N     H      sing N N 14  
ARG N     H2     sing N N 15  
ARG CA    C      sing N N 16  
ARG CA    CB     sing N N 17  
ARG CA    HA     sing N N 18  
ARG C     O      doub N N 19  
ARG C     OXT    sing N N 20  
ARG CB    CG     sing N N 21  
ARG CB    HB2    sing N N 22  
ARG CB    HB3    sing N N 23  
ARG CG    CD     sing N N 24  
ARG CG    HG2    sing N N 25  
ARG CG    HG3    sing N N 26  
ARG CD    NE     sing N N 27  
ARG CD    HD2    sing N N 28  
ARG CD    HD3    sing N N 29  
ARG NE    CZ     sing N N 30  
ARG NE    HE     sing N N 31  
ARG CZ    NH1    sing N N 32  
ARG CZ    NH2    doub N N 33  
ARG NH1   HH11   sing N N 34  
ARG NH1   HH12   sing N N 35  
ARG NH2   HH21   sing N N 36  
ARG NH2   HH22   sing N N 37  
ARG OXT   HXT    sing N N 38  
ASN N     CA     sing N N 39  
ASN N     H      sing N N 40  
ASN N     H2     sing N N 41  
ASN CA    C      sing N N 42  
ASN CA    CB     sing N N 43  
ASN CA    HA     sing N N 44  
ASN C     O      doub N N 45  
ASN C     OXT    sing N N 46  
ASN CB    CG     sing N N 47  
ASN CB    HB2    sing N N 48  
ASN CB    HB3    sing N N 49  
ASN CG    OD1    doub N N 50  
ASN CG    ND2    sing N N 51  
ASN ND2   HD21   sing N N 52  
ASN ND2   HD22   sing N N 53  
ASN OXT   HXT    sing N N 54  
ASP N     CA     sing N N 55  
ASP N     H      sing N N 56  
ASP N     H2     sing N N 57  
ASP CA    C      sing N N 58  
ASP CA    CB     sing N N 59  
ASP CA    HA     sing N N 60  
ASP C     O      doub N N 61  
ASP C     OXT    sing N N 62  
ASP CB    CG     sing N N 63  
ASP CB    HB2    sing N N 64  
ASP CB    HB3    sing N N 65  
ASP CG    OD1    doub N N 66  
ASP CG    OD2    sing N N 67  
ASP OD2   HD2    sing N N 68  
ASP OXT   HXT    sing N N 69  
CYS N     CA     sing N N 70  
CYS N     H      sing N N 71  
CYS N     H2     sing N N 72  
CYS CA    C      sing N N 73  
CYS CA    CB     sing N N 74  
CYS CA    HA     sing N N 75  
CYS C     O      doub N N 76  
CYS C     OXT    sing N N 77  
CYS CB    SG     sing N N 78  
CYS CB    HB2    sing N N 79  
CYS CB    HB3    sing N N 80  
CYS SG    HG     sing N N 81  
CYS OXT   HXT    sing N N 82  
DA  OP3   P      sing N N 83  
DA  OP3   HOP3   sing N N 84  
DA  P     OP1    doub N N 85  
DA  P     OP2    sing N N 86  
DA  P     "O5'"  sing N N 87  
DA  OP2   HOP2   sing N N 88  
DA  "O5'" "C5'"  sing N N 89  
DA  "C5'" "C4'"  sing N N 90  
DA  "C5'" "H5'"  sing N N 91  
DA  "C5'" "H5''" sing N N 92  
DA  "C4'" "O4'"  sing N N 93  
DA  "C4'" "C3'"  sing N N 94  
DA  "C4'" "H4'"  sing N N 95  
DA  "O4'" "C1'"  sing N N 96  
DA  "C3'" "O3'"  sing N N 97  
DA  "C3'" "C2'"  sing N N 98  
DA  "C3'" "H3'"  sing N N 99  
DA  "O3'" "HO3'" sing N N 100 
DA  "C2'" "C1'"  sing N N 101 
DA  "C2'" "H2'"  sing N N 102 
DA  "C2'" "H2''" sing N N 103 
DA  "C1'" N9     sing N N 104 
DA  "C1'" "H1'"  sing N N 105 
DA  N9    C8     sing Y N 106 
DA  N9    C4     sing Y N 107 
DA  C8    N7     doub Y N 108 
DA  C8    H8     sing N N 109 
DA  N7    C5     sing Y N 110 
DA  C5    C6     sing Y N 111 
DA  C5    C4     doub Y N 112 
DA  C6    N6     sing N N 113 
DA  C6    N1     doub Y N 114 
DA  N6    H61    sing N N 115 
DA  N6    H62    sing N N 116 
DA  N1    C2     sing Y N 117 
DA  C2    N3     doub Y N 118 
DA  C2    H2     sing N N 119 
DA  N3    C4     sing Y N 120 
DC  OP3   P      sing N N 121 
DC  OP3   HOP3   sing N N 122 
DC  P     OP1    doub N N 123 
DC  P     OP2    sing N N 124 
DC  P     "O5'"  sing N N 125 
DC  OP2   HOP2   sing N N 126 
DC  "O5'" "C5'"  sing N N 127 
DC  "C5'" "C4'"  sing N N 128 
DC  "C5'" "H5'"  sing N N 129 
DC  "C5'" "H5''" sing N N 130 
DC  "C4'" "O4'"  sing N N 131 
DC  "C4'" "C3'"  sing N N 132 
DC  "C4'" "H4'"  sing N N 133 
DC  "O4'" "C1'"  sing N N 134 
DC  "C3'" "O3'"  sing N N 135 
DC  "C3'" "C2'"  sing N N 136 
DC  "C3'" "H3'"  sing N N 137 
DC  "O3'" "HO3'" sing N N 138 
DC  "C2'" "C1'"  sing N N 139 
DC  "C2'" "H2'"  sing N N 140 
DC  "C2'" "H2''" sing N N 141 
DC  "C1'" N1     sing N N 142 
DC  "C1'" "H1'"  sing N N 143 
DC  N1    C2     sing N N 144 
DC  N1    C6     sing N N 145 
DC  C2    O2     doub N N 146 
DC  C2    N3     sing N N 147 
DC  N3    C4     doub N N 148 
DC  C4    N4     sing N N 149 
DC  C4    C5     sing N N 150 
DC  N4    H41    sing N N 151 
DC  N4    H42    sing N N 152 
DC  C5    C6     doub N N 153 
DC  C5    H5     sing N N 154 
DC  C6    H6     sing N N 155 
DG  OP3   P      sing N N 156 
DG  OP3   HOP3   sing N N 157 
DG  P     OP1    doub N N 158 
DG  P     OP2    sing N N 159 
DG  P     "O5'"  sing N N 160 
DG  OP2   HOP2   sing N N 161 
DG  "O5'" "C5'"  sing N N 162 
DG  "C5'" "C4'"  sing N N 163 
DG  "C5'" "H5'"  sing N N 164 
DG  "C5'" "H5''" sing N N 165 
DG  "C4'" "O4'"  sing N N 166 
DG  "C4'" "C3'"  sing N N 167 
DG  "C4'" "H4'"  sing N N 168 
DG  "O4'" "C1'"  sing N N 169 
DG  "C3'" "O3'"  sing N N 170 
DG  "C3'" "C2'"  sing N N 171 
DG  "C3'" "H3'"  sing N N 172 
DG  "O3'" "HO3'" sing N N 173 
DG  "C2'" "C1'"  sing N N 174 
DG  "C2'" "H2'"  sing N N 175 
DG  "C2'" "H2''" sing N N 176 
DG  "C1'" N9     sing N N 177 
DG  "C1'" "H1'"  sing N N 178 
DG  N9    C8     sing Y N 179 
DG  N9    C4     sing Y N 180 
DG  C8    N7     doub Y N 181 
DG  C8    H8     sing N N 182 
DG  N7    C5     sing Y N 183 
DG  C5    C6     sing N N 184 
DG  C5    C4     doub Y N 185 
DG  C6    O6     doub N N 186 
DG  C6    N1     sing N N 187 
DG  N1    C2     sing N N 188 
DG  N1    H1     sing N N 189 
DG  C2    N2     sing N N 190 
DG  C2    N3     doub N N 191 
DG  N2    H21    sing N N 192 
DG  N2    H22    sing N N 193 
DG  N3    C4     sing N N 194 
DT  OP3   P      sing N N 195 
DT  OP3   HOP3   sing N N 196 
DT  P     OP1    doub N N 197 
DT  P     OP2    sing N N 198 
DT  P     "O5'"  sing N N 199 
DT  OP2   HOP2   sing N N 200 
DT  "O5'" "C5'"  sing N N 201 
DT  "C5'" "C4'"  sing N N 202 
DT  "C5'" "H5'"  sing N N 203 
DT  "C5'" "H5''" sing N N 204 
DT  "C4'" "O4'"  sing N N 205 
DT  "C4'" "C3'"  sing N N 206 
DT  "C4'" "H4'"  sing N N 207 
DT  "O4'" "C1'"  sing N N 208 
DT  "C3'" "O3'"  sing N N 209 
DT  "C3'" "C2'"  sing N N 210 
DT  "C3'" "H3'"  sing N N 211 
DT  "O3'" "HO3'" sing N N 212 
DT  "C2'" "C1'"  sing N N 213 
DT  "C2'" "H2'"  sing N N 214 
DT  "C2'" "H2''" sing N N 215 
DT  "C1'" N1     sing N N 216 
DT  "C1'" "H1'"  sing N N 217 
DT  N1    C2     sing N N 218 
DT  N1    C6     sing N N 219 
DT  C2    O2     doub N N 220 
DT  C2    N3     sing N N 221 
DT  N3    C4     sing N N 222 
DT  N3    H3     sing N N 223 
DT  C4    O4     doub N N 224 
DT  C4    C5     sing N N 225 
DT  C5    C7     sing N N 226 
DT  C5    C6     doub N N 227 
DT  C7    H71    sing N N 228 
DT  C7    H72    sing N N 229 
DT  C7    H73    sing N N 230 
DT  C6    H6     sing N N 231 
GLN N     CA     sing N N 232 
GLN N     H      sing N N 233 
GLN N     H2     sing N N 234 
GLN CA    C      sing N N 235 
GLN CA    CB     sing N N 236 
GLN CA    HA     sing N N 237 
GLN C     O      doub N N 238 
GLN C     OXT    sing N N 239 
GLN CB    CG     sing N N 240 
GLN CB    HB2    sing N N 241 
GLN CB    HB3    sing N N 242 
GLN CG    CD     sing N N 243 
GLN CG    HG2    sing N N 244 
GLN CG    HG3    sing N N 245 
GLN CD    OE1    doub N N 246 
GLN CD    NE2    sing N N 247 
GLN NE2   HE21   sing N N 248 
GLN NE2   HE22   sing N N 249 
GLN OXT   HXT    sing N N 250 
GLU N     CA     sing N N 251 
GLU N     H      sing N N 252 
GLU N     H2     sing N N 253 
GLU CA    C      sing N N 254 
GLU CA    CB     sing N N 255 
GLU CA    HA     sing N N 256 
GLU C     O      doub N N 257 
GLU C     OXT    sing N N 258 
GLU CB    CG     sing N N 259 
GLU CB    HB2    sing N N 260 
GLU CB    HB3    sing N N 261 
GLU CG    CD     sing N N 262 
GLU CG    HG2    sing N N 263 
GLU CG    HG3    sing N N 264 
GLU CD    OE1    doub N N 265 
GLU CD    OE2    sing N N 266 
GLU OE2   HE2    sing N N 267 
GLU OXT   HXT    sing N N 268 
GLY N     CA     sing N N 269 
GLY N     H      sing N N 270 
GLY N     H2     sing N N 271 
GLY CA    C      sing N N 272 
GLY CA    HA2    sing N N 273 
GLY CA    HA3    sing N N 274 
GLY C     O      doub N N 275 
GLY C     OXT    sing N N 276 
GLY OXT   HXT    sing N N 277 
HIS N     CA     sing N N 278 
HIS N     H      sing N N 279 
HIS N     H2     sing N N 280 
HIS CA    C      sing N N 281 
HIS CA    CB     sing N N 282 
HIS CA    HA     sing N N 283 
HIS C     O      doub N N 284 
HIS C     OXT    sing N N 285 
HIS CB    CG     sing N N 286 
HIS CB    HB2    sing N N 287 
HIS CB    HB3    sing N N 288 
HIS CG    ND1    sing Y N 289 
HIS CG    CD2    doub Y N 290 
HIS ND1   CE1    doub Y N 291 
HIS ND1   HD1    sing N N 292 
HIS CD2   NE2    sing Y N 293 
HIS CD2   HD2    sing N N 294 
HIS CE1   NE2    sing Y N 295 
HIS CE1   HE1    sing N N 296 
HIS NE2   HE2    sing N N 297 
HIS OXT   HXT    sing N N 298 
HOH O     H1     sing N N 299 
HOH O     H2     sing N N 300 
ILE N     CA     sing N N 301 
ILE N     H      sing N N 302 
ILE N     H2     sing N N 303 
ILE CA    C      sing N N 304 
ILE CA    CB     sing N N 305 
ILE CA    HA     sing N N 306 
ILE C     O      doub N N 307 
ILE C     OXT    sing N N 308 
ILE CB    CG1    sing N N 309 
ILE CB    CG2    sing N N 310 
ILE CB    HB     sing N N 311 
ILE CG1   CD1    sing N N 312 
ILE CG1   HG12   sing N N 313 
ILE CG1   HG13   sing N N 314 
ILE CG2   HG21   sing N N 315 
ILE CG2   HG22   sing N N 316 
ILE CG2   HG23   sing N N 317 
ILE CD1   HD11   sing N N 318 
ILE CD1   HD12   sing N N 319 
ILE CD1   HD13   sing N N 320 
ILE OXT   HXT    sing N N 321 
LEU N     CA     sing N N 322 
LEU N     H      sing N N 323 
LEU N     H2     sing N N 324 
LEU CA    C      sing N N 325 
LEU CA    CB     sing N N 326 
LEU CA    HA     sing N N 327 
LEU C     O      doub N N 328 
LEU C     OXT    sing N N 329 
LEU CB    CG     sing N N 330 
LEU CB    HB2    sing N N 331 
LEU CB    HB3    sing N N 332 
LEU CG    CD1    sing N N 333 
LEU CG    CD2    sing N N 334 
LEU CG    HG     sing N N 335 
LEU CD1   HD11   sing N N 336 
LEU CD1   HD12   sing N N 337 
LEU CD1   HD13   sing N N 338 
LEU CD2   HD21   sing N N 339 
LEU CD2   HD22   sing N N 340 
LEU CD2   HD23   sing N N 341 
LEU OXT   HXT    sing N N 342 
LYS N     CA     sing N N 343 
LYS N     H      sing N N 344 
LYS N     H2     sing N N 345 
LYS CA    C      sing N N 346 
LYS CA    CB     sing N N 347 
LYS CA    HA     sing N N 348 
LYS C     O      doub N N 349 
LYS C     OXT    sing N N 350 
LYS CB    CG     sing N N 351 
LYS CB    HB2    sing N N 352 
LYS CB    HB3    sing N N 353 
LYS CG    CD     sing N N 354 
LYS CG    HG2    sing N N 355 
LYS CG    HG3    sing N N 356 
LYS CD    CE     sing N N 357 
LYS CD    HD2    sing N N 358 
LYS CD    HD3    sing N N 359 
LYS CE    NZ     sing N N 360 
LYS CE    HE2    sing N N 361 
LYS CE    HE3    sing N N 362 
LYS NZ    HZ1    sing N N 363 
LYS NZ    HZ2    sing N N 364 
LYS NZ    HZ3    sing N N 365 
LYS OXT   HXT    sing N N 366 
MET N     CA     sing N N 367 
MET N     H      sing N N 368 
MET N     H2     sing N N 369 
MET CA    C      sing N N 370 
MET CA    CB     sing N N 371 
MET CA    HA     sing N N 372 
MET C     O      doub N N 373 
MET C     OXT    sing N N 374 
MET CB    CG     sing N N 375 
MET CB    HB2    sing N N 376 
MET CB    HB3    sing N N 377 
MET CG    SD     sing N N 378 
MET CG    HG2    sing N N 379 
MET CG    HG3    sing N N 380 
MET SD    CE     sing N N 381 
MET CE    HE1    sing N N 382 
MET CE    HE2    sing N N 383 
MET CE    HE3    sing N N 384 
MET OXT   HXT    sing N N 385 
PHE N     CA     sing N N 386 
PHE N     H      sing N N 387 
PHE N     H2     sing N N 388 
PHE CA    C      sing N N 389 
PHE CA    CB     sing N N 390 
PHE CA    HA     sing N N 391 
PHE C     O      doub N N 392 
PHE C     OXT    sing N N 393 
PHE CB    CG     sing N N 394 
PHE CB    HB2    sing N N 395 
PHE CB    HB3    sing N N 396 
PHE CG    CD1    doub Y N 397 
PHE CG    CD2    sing Y N 398 
PHE CD1   CE1    sing Y N 399 
PHE CD1   HD1    sing N N 400 
PHE CD2   CE2    doub Y N 401 
PHE CD2   HD2    sing N N 402 
PHE CE1   CZ     doub Y N 403 
PHE CE1   HE1    sing N N 404 
PHE CE2   CZ     sing Y N 405 
PHE CE2   HE2    sing N N 406 
PHE CZ    HZ     sing N N 407 
PHE OXT   HXT    sing N N 408 
PRO N     CA     sing N N 409 
PRO N     CD     sing N N 410 
PRO N     H      sing N N 411 
PRO CA    C      sing N N 412 
PRO CA    CB     sing N N 413 
PRO CA    HA     sing N N 414 
PRO C     O      doub N N 415 
PRO C     OXT    sing N N 416 
PRO CB    CG     sing N N 417 
PRO CB    HB2    sing N N 418 
PRO CB    HB3    sing N N 419 
PRO CG    CD     sing N N 420 
PRO CG    HG2    sing N N 421 
PRO CG    HG3    sing N N 422 
PRO CD    HD2    sing N N 423 
PRO CD    HD3    sing N N 424 
PRO OXT   HXT    sing N N 425 
SER N     CA     sing N N 426 
SER N     H      sing N N 427 
SER N     H2     sing N N 428 
SER CA    C      sing N N 429 
SER CA    CB     sing N N 430 
SER CA    HA     sing N N 431 
SER C     O      doub N N 432 
SER C     OXT    sing N N 433 
SER CB    OG     sing N N 434 
SER CB    HB2    sing N N 435 
SER CB    HB3    sing N N 436 
SER OG    HG     sing N N 437 
SER OXT   HXT    sing N N 438 
THR N     CA     sing N N 439 
THR N     H      sing N N 440 
THR N     H2     sing N N 441 
THR CA    C      sing N N 442 
THR CA    CB     sing N N 443 
THR CA    HA     sing N N 444 
THR C     O      doub N N 445 
THR C     OXT    sing N N 446 
THR CB    OG1    sing N N 447 
THR CB    CG2    sing N N 448 
THR CB    HB     sing N N 449 
THR OG1   HG1    sing N N 450 
THR CG2   HG21   sing N N 451 
THR CG2   HG22   sing N N 452 
THR CG2   HG23   sing N N 453 
THR OXT   HXT    sing N N 454 
TYR N     CA     sing N N 455 
TYR N     H      sing N N 456 
TYR N     H2     sing N N 457 
TYR CA    C      sing N N 458 
TYR CA    CB     sing N N 459 
TYR CA    HA     sing N N 460 
TYR C     O      doub N N 461 
TYR C     OXT    sing N N 462 
TYR CB    CG     sing N N 463 
TYR CB    HB2    sing N N 464 
TYR CB    HB3    sing N N 465 
TYR CG    CD1    doub Y N 466 
TYR CG    CD2    sing Y N 467 
TYR CD1   CE1    sing Y N 468 
TYR CD1   HD1    sing N N 469 
TYR CD2   CE2    doub Y N 470 
TYR CD2   HD2    sing N N 471 
TYR CE1   CZ     doub Y N 472 
TYR CE1   HE1    sing N N 473 
TYR CE2   CZ     sing Y N 474 
TYR CE2   HE2    sing N N 475 
TYR CZ    OH     sing N N 476 
TYR OH    HH     sing N N 477 
TYR OXT   HXT    sing N N 478 
VAL N     CA     sing N N 479 
VAL N     H      sing N N 480 
VAL N     H2     sing N N 481 
VAL CA    C      sing N N 482 
VAL CA    CB     sing N N 483 
VAL CA    HA     sing N N 484 
VAL C     O      doub N N 485 
VAL C     OXT    sing N N 486 
VAL CB    CG1    sing N N 487 
VAL CB    CG2    sing N N 488 
VAL CB    HB     sing N N 489 
VAL CG1   HG11   sing N N 490 
VAL CG1   HG12   sing N N 491 
VAL CG1   HG13   sing N N 492 
VAL CG2   HG21   sing N N 493 
VAL CG2   HG22   sing N N 494 
VAL CG2   HG23   sing N N 495 
VAL OXT   HXT    sing N N 496 
# 
loop_
_ndb_struct_conf_na.entry_id 
_ndb_struct_conf_na.feature 
2NL8 'double helix'         
2NL8 'b-form double helix'  
2NL8 'mismatched base pair' 
# 
loop_
_ndb_struct_na_base_pair.model_number 
_ndb_struct_na_base_pair.i_label_asym_id 
_ndb_struct_na_base_pair.i_label_comp_id 
_ndb_struct_na_base_pair.i_label_seq_id 
_ndb_struct_na_base_pair.i_symmetry 
_ndb_struct_na_base_pair.j_label_asym_id 
_ndb_struct_na_base_pair.j_label_comp_id 
_ndb_struct_na_base_pair.j_label_seq_id 
_ndb_struct_na_base_pair.j_symmetry 
_ndb_struct_na_base_pair.shear 
_ndb_struct_na_base_pair.stretch 
_ndb_struct_na_base_pair.stagger 
_ndb_struct_na_base_pair.buckle 
_ndb_struct_na_base_pair.propeller 
_ndb_struct_na_base_pair.opening 
_ndb_struct_na_base_pair.pair_number 
_ndb_struct_na_base_pair.pair_name 
_ndb_struct_na_base_pair.i_auth_asym_id 
_ndb_struct_na_base_pair.i_auth_seq_id 
_ndb_struct_na_base_pair.i_PDB_ins_code 
_ndb_struct_na_base_pair.j_auth_asym_id 
_ndb_struct_na_base_pair.j_auth_seq_id 
_ndb_struct_na_base_pair.j_PDB_ins_code 
_ndb_struct_na_base_pair.hbond_type_28 
_ndb_struct_na_base_pair.hbond_type_12 
1 A DG 2  1_555 A DC 18 8_665 -0.041 -0.375 -0.420 -12.802 -18.851 -5.927 1  W_DG11:DC27_W W 11 ? W 27 ? 19 1 
1 A DA 3  1_555 A DT 17 8_665 -0.313 -0.146 -0.070 -11.111 -11.705 0.190  2  W_DA12:DT26_W W 12 ? W 26 ? 20 1 
1 A DG 4  1_555 A DC 16 8_665 -0.048 -0.053 0.154  3.725   -8.387  3.275  3  W_DG13:DC25_W W 13 ? W 25 ? 19 1 
1 A DG 5  1_555 A DC 15 8_665 0.095  -0.262 0.383  -7.916  -16.646 2.107  4  W_DG14:DC24_W W 14 ? W 24 ? 19 1 
1 A DC 6  1_555 A DG 14 8_665 0.428  -0.437 0.206  -11.791 -16.004 1.987  5  W_DC15:DG23_W W 15 ? W 23 ? 19 1 
1 A DC 7  1_555 A DG 13 8_665 0.207  -0.302 0.222  -12.608 -2.005  1.304  6  W_DC16:DG22_W W 16 ? W 22 ? 19 1 
1 A DA 8  1_555 A DT 12 8_665 0.795  -0.209 0.056  5.329   -11.265 -2.945 7  W_DA17:DT21_W W 17 ? W 21 ? 20 1 
1 A DT 9  1_555 A DA 11 8_665 0.135  -0.004 -0.045 -3.381  -11.986 -2.686 8  W_DT18:DA20_W W 18 ? W 20 ? 20 1 
1 A DA 11 1_555 A DT 9  8_665 -0.135 -0.004 -0.045 3.381   -11.986 -2.686 9  W_DA20:DT18_W W 20 ? W 18 ? 20 1 
1 A DT 12 1_555 A DA 8  8_665 -0.795 -0.209 0.056  -5.329  -11.265 -2.945 10 W_DT21:DA17_W W 21 ? W 17 ? 20 1 
1 A DG 13 1_555 A DC 7  8_665 -0.207 -0.302 0.222  12.608  -2.005  1.304  11 W_DG22:DC16_W W 22 ? W 16 ? 19 1 
1 A DG 14 1_555 A DC 6  8_665 -0.428 -0.437 0.206  11.791  -16.004 1.987  12 W_DG23:DC15_W W 23 ? W 15 ? 19 1 
1 A DC 15 1_555 A DG 5  8_665 -0.095 -0.262 0.383  7.916   -16.645 2.107  13 W_DC24:DG14_W W 24 ? W 14 ? 19 1 
1 A DC 16 1_555 A DG 4  8_665 0.048  -0.053 0.154  -3.725  -8.387  3.275  14 W_DC25:DG13_W W 25 ? W 13 ? 19 1 
1 A DT 17 1_555 A DA 3  8_665 0.313  -0.146 -0.070 11.111  -11.705 0.190  15 W_DT26:DA12_W W 26 ? W 12 ? 20 1 
1 A DC 18 1_555 A DG 2  8_665 0.041  -0.375 -0.420 12.802  -18.851 -5.927 16 W_DC27:DG11_W W 27 ? W 11 ? 19 1 
# 
loop_
_ndb_struct_na_base_pair_step.model_number 
_ndb_struct_na_base_pair_step.i_label_asym_id_1 
_ndb_struct_na_base_pair_step.i_label_comp_id_1 
_ndb_struct_na_base_pair_step.i_label_seq_id_1 
_ndb_struct_na_base_pair_step.i_symmetry_1 
_ndb_struct_na_base_pair_step.j_label_asym_id_1 
_ndb_struct_na_base_pair_step.j_label_comp_id_1 
_ndb_struct_na_base_pair_step.j_label_seq_id_1 
_ndb_struct_na_base_pair_step.j_symmetry_1 
_ndb_struct_na_base_pair_step.i_label_asym_id_2 
_ndb_struct_na_base_pair_step.i_label_comp_id_2 
_ndb_struct_na_base_pair_step.i_label_seq_id_2 
_ndb_struct_na_base_pair_step.i_symmetry_2 
_ndb_struct_na_base_pair_step.j_label_asym_id_2 
_ndb_struct_na_base_pair_step.j_label_comp_id_2 
_ndb_struct_na_base_pair_step.j_label_seq_id_2 
_ndb_struct_na_base_pair_step.j_symmetry_2 
_ndb_struct_na_base_pair_step.shift 
_ndb_struct_na_base_pair_step.slide 
_ndb_struct_na_base_pair_step.rise 
_ndb_struct_na_base_pair_step.tilt 
_ndb_struct_na_base_pair_step.roll 
_ndb_struct_na_base_pair_step.twist 
_ndb_struct_na_base_pair_step.x_displacement 
_ndb_struct_na_base_pair_step.y_displacement 
_ndb_struct_na_base_pair_step.helical_rise 
_ndb_struct_na_base_pair_step.inclination 
_ndb_struct_na_base_pair_step.tip 
_ndb_struct_na_base_pair_step.helical_twist 
_ndb_struct_na_base_pair_step.step_number 
_ndb_struct_na_base_pair_step.step_name 
_ndb_struct_na_base_pair_step.i_auth_asym_id_1 
_ndb_struct_na_base_pair_step.i_auth_seq_id_1 
_ndb_struct_na_base_pair_step.i_PDB_ins_code_1 
_ndb_struct_na_base_pair_step.j_auth_asym_id_1 
_ndb_struct_na_base_pair_step.j_auth_seq_id_1 
_ndb_struct_na_base_pair_step.j_PDB_ins_code_1 
_ndb_struct_na_base_pair_step.i_auth_asym_id_2 
_ndb_struct_na_base_pair_step.i_auth_seq_id_2 
_ndb_struct_na_base_pair_step.i_PDB_ins_code_2 
_ndb_struct_na_base_pair_step.j_auth_asym_id_2 
_ndb_struct_na_base_pair_step.j_auth_seq_id_2 
_ndb_struct_na_base_pair_step.j_PDB_ins_code_2 
1 A DG 2  1_555 A DC 18 8_665 A DA 3  1_555 A DT 17 8_665 -0.135 1.025  3.190 -8.114 1.196  40.956 1.315  -0.651 3.186 1.689  
11.458  41.734 1  WW_DG11DA12:DT26DC27_WW W 11 ? W 27 ? W 12 ? W 26 ? 
1 A DA 3  1_555 A DT 17 8_665 A DG 4  1_555 A DC 16 8_665 0.570  -0.108 3.010 -2.544 6.571  28.451 -1.504 -1.626 2.853 13.116 
5.078   29.293 2  WW_DA12DG13:DC25DT26_WW W 12 ? W 26 ? W 13 ? W 25 ? 
1 A DG 4  1_555 A DC 16 8_665 A DG 5  1_555 A DC 15 8_665 -0.418 -0.667 3.548 -4.154 1.841  35.906 -1.355 0.037  3.535 2.972  
6.705   36.183 3  WW_DG13DG14:DC24DC25_WW W 13 ? W 25 ? W 14 ? W 24 ? 
1 A DG 5  1_555 A DC 15 8_665 A DC 6  1_555 A DG 14 8_665 -0.442 -1.091 3.442 4.285  0.818  33.853 -1.994 1.460  3.336 1.398  
-7.320  34.125 4  WW_DG14DC15:DG23DC24_WW W 14 ? W 24 ? W 15 ? W 23 ? 
1 A DC 6  1_555 A DG 14 8_665 A DC 7  1_555 A DG 13 8_665 0.841  -0.103 3.345 3.624  4.785  35.100 -0.889 -0.830 3.369 7.863  
-5.955  35.593 5  WW_DC15DC16:DG22DG23_WW W 15 ? W 23 ? W 16 ? W 22 ? 
1 A DC 7  1_555 A DG 13 8_665 A DA 8  1_555 A DT 12 8_665 -1.227 0.725  3.006 2.626  1.417  32.556 1.066  2.593  2.929 2.521  
-4.673  32.689 6  WW_DC16DA17:DT21DG22_WW W 16 ? W 22 ? W 17 ? W 21 ? 
1 A DA 8  1_555 A DT 12 8_665 A DT 9  1_555 A DA 11 8_665 0.084  -0.719 3.552 1.201  -0.447 31.998 -1.216 0.082  3.563 -0.810 
-2.177  32.023 7  WW_DA17DT18:DA20DT21_WW W 17 ? W 21 ? W 18 ? W 20 ? 
1 A DT 9  1_555 A DA 11 8_665 A DA 11 1_555 A DT 9  8_665 0.000  0.183  6.673 0.000  0.900  67.643 0.094  0.000  6.675 0.809  
0.000   67.648 8  WW_DT18DA20:DT18DA20_WW W 18 ? W 20 ? W 20 ? W 18 ? 
1 A DA 11 1_555 A DT 9  8_665 A DT 12 1_555 A DA 8  8_665 -0.084 -0.719 3.552 -1.201 -0.447 31.998 -1.216 -0.082 3.563 -0.810 
2.177   32.023 9  WW_DA20DT21:DA17DT18_WW W 20 ? W 18 ? W 21 ? W 17 ? 
1 A DT 12 1_555 A DA 8  8_665 A DG 13 1_555 A DC 7  8_665 1.227  0.725  3.006 -2.626 1.417  32.556 1.066  -2.593 2.929 2.521  
4.673   32.689 10 WW_DT21DG22:DC16DA17_WW W 21 ? W 17 ? W 22 ? W 16 ? 
1 A DG 13 1_555 A DC 7  8_665 A DG 14 1_555 A DC 6  8_665 -0.841 -0.103 3.345 -3.624 4.785  35.100 -0.889 0.830  3.369 7.863  
5.955   35.593 11 WW_DG22DG23:DC15DC16_WW W 22 ? W 16 ? W 23 ? W 15 ? 
1 A DG 14 1_555 A DC 6  8_665 A DC 15 1_555 A DG 5  8_665 0.442  -1.091 3.442 -4.284 0.818  33.853 -1.994 -1.460 3.336 1.398  
7.320   34.125 12 WW_DG23DC24:DG14DC15_WW W 23 ? W 15 ? W 24 ? W 14 ? 
1 A DC 15 1_555 A DG 5  8_665 A DC 16 1_555 A DG 4  8_665 0.418  -0.667 3.548 4.154  1.841  35.906 -1.355 -0.037 3.535 2.972  
-6.705  36.183 13 WW_DC24DC25:DG13DG14_WW W 24 ? W 14 ? W 25 ? W 13 ? 
1 A DC 16 1_555 A DG 4  8_665 A DT 17 1_555 A DA 3  8_665 -0.570 -0.108 3.010 2.544  6.571  28.451 -1.504 1.626  2.853 13.116 
-5.078  29.293 14 WW_DC25DT26:DA12DG13_WW W 25 ? W 13 ? W 26 ? W 12 ? 
1 A DT 17 1_555 A DA 3  8_665 A DC 18 1_555 A DG 2  8_665 0.135  1.025  3.190 8.114  1.196  40.956 1.315  0.651  3.186 1.689  
-11.458 41.734 15 WW_DT26DC27:DG11DA12_WW W 26 ? W 12 ? W 27 ? W 11 ? 
# 
_pdbx_initial_refinement_model.accession_code   2IPR 
_pdbx_initial_refinement_model.id               1 
_pdbx_initial_refinement_model.entity_id_list   ? 
_pdbx_initial_refinement_model.type             'experimental model' 
_pdbx_initial_refinement_model.source_name      PDB 
_pdbx_initial_refinement_model.details          ? 
# 
_atom_sites.entry_id                    2NL8 
_atom_sites.fract_transf_matrix[1][1]   0.02200591 
_atom_sites.fract_transf_matrix[1][2]   -0.00523501 
_atom_sites.fract_transf_matrix[1][3]   0.00281900 
_atom_sites.fract_transf_matrix[2][1]   0.00498967 
_atom_sites.fract_transf_matrix[2][2]   0.01038228 
_atom_sites.fract_transf_matrix[2][3]   -0.01967037 
_atom_sites.fract_transf_matrix[3][1]   0.00059520 
_atom_sites.fract_transf_matrix[3][2]   0.00360908 
_atom_sites.fract_transf_matrix[3][3]   0.00205590 
_atom_sites.fract_transf_vector[1]      0.222136 
_atom_sites.fract_transf_vector[2]      0.425631 
_atom_sites.fract_transf_vector[3]      0.160202 
# 
loop_
_atom_type.symbol 
C 
N 
O 
P 
S 
# 
loop_
_atom_site.group_PDB 
_atom_site.id 
_atom_site.type_symbol 
_atom_site.label_atom_id 
_atom_site.label_alt_id 
_atom_site.label_comp_id 
_atom_site.label_asym_id 
_atom_site.label_entity_id 
_atom_site.label_seq_id 
_atom_site.pdbx_PDB_ins_code 
_atom_site.Cartn_x 
_atom_site.Cartn_y 
_atom_site.Cartn_z 
_atom_site.occupancy 
_atom_site.B_iso_or_equiv 
_atom_site.pdbx_formal_charge 
_atom_site.auth_seq_id 
_atom_site.auth_comp_id 
_atom_site.auth_asym_id 
_atom_site.auth_atom_id 
_atom_site.pdbx_PDB_model_num 
ATOM   1    O "O5'" . DC  A 1 1   ? 23.975  10.311  -19.493 1.00 57.95 ? 10  DC  W "O5'" 1 
ATOM   2    C "C5'" . DC  A 1 1   ? 23.267  10.158  -20.749 1.00 57.91 ? 10  DC  W "C5'" 1 
ATOM   3    C "C4'" . DC  A 1 1   ? 22.226  9.049   -20.616 1.00 55.82 ? 10  DC  W "C4'" 1 
ATOM   4    O "O4'" . DC  A 1 1   ? 22.878  7.833   -20.147 1.00 54.63 ? 10  DC  W "O4'" 1 
ATOM   5    C "C3'" . DC  A 1 1   ? 21.097  9.327   -19.612 1.00 54.60 ? 10  DC  W "C3'" 1 
ATOM   6    O "O3'" . DC  A 1 1   ? 19.862  9.086   -20.302 1.00 55.36 ? 10  DC  W "O3'" 1 
ATOM   7    C "C2'" . DC  A 1 1   ? 21.423  8.427   -18.410 1.00 51.04 ? 10  DC  W "C2'" 1 
ATOM   8    C "C1'" . DC  A 1 1   ? 22.127  7.246   -19.090 1.00 48.09 ? 10  DC  W "C1'" 1 
ATOM   9    N N1    . DC  A 1 1   ? 23.125  6.462   -18.276 1.00 44.99 ? 10  DC  W N1    1 
ATOM   10   C C2    . DC  A 1 1   ? 22.847  5.139   -17.871 1.00 41.96 ? 10  DC  W C2    1 
ATOM   11   O O2    . DC  A 1 1   ? 21.760  4.630   -18.176 1.00 43.12 ? 10  DC  W O2    1 
ATOM   12   N N3    . DC  A 1 1   ? 23.777  4.454   -17.148 1.00 42.23 ? 10  DC  W N3    1 
ATOM   13   C C4    . DC  A 1 1   ? 24.972  5.021   -16.837 1.00 44.06 ? 10  DC  W C4    1 
ATOM   14   N N4    . DC  A 1 1   ? 25.878  4.332   -16.135 1.00 41.30 ? 10  DC  W N4    1 
ATOM   15   C C5    . DC  A 1 1   ? 25.269  6.357   -17.264 1.00 44.75 ? 10  DC  W C5    1 
ATOM   16   C C6    . DC  A 1 1   ? 24.336  7.035   -17.974 1.00 44.47 ? 10  DC  W C6    1 
ATOM   17   P P     . DG  A 1 2   ? 18.414  9.098   -19.616 1.00 56.68 ? 11  DG  W P     1 
ATOM   18   O OP1   . DG  A 1 2   ? 17.383  9.202   -20.699 1.00 55.78 ? 11  DG  W OP1   1 
ATOM   19   O OP2   . DG  A 1 2   ? 18.432  10.100  -18.510 1.00 58.80 ? 11  DG  W OP2   1 
ATOM   20   O "O5'" . DG  A 1 2   ? 18.468  7.598   -18.997 1.00 55.87 ? 11  DG  W "O5'" 1 
ATOM   21   C "C5'" . DG  A 1 2   ? 17.399  6.651   -18.853 1.00 52.88 ? 11  DG  W "C5'" 1 
ATOM   22   C "C4'" . DG  A 1 2   ? 17.331  6.176   -17.401 1.00 50.03 ? 11  DG  W "C4'" 1 
ATOM   23   O "O4'" . DG  A 1 2   ? 18.691  6.055   -16.911 1.00 47.68 ? 11  DG  W "O4'" 1 
ATOM   24   C "C3'" . DG  A 1 2   ? 16.681  7.107   -16.382 1.00 48.46 ? 11  DG  W "C3'" 1 
ATOM   25   O "O3'" . DG  A 1 2   ? 16.160  6.316   -15.388 1.00 49.79 ? 11  DG  W "O3'" 1 
ATOM   26   C "C2'" . DG  A 1 2   ? 17.841  7.843   -15.757 1.00 46.77 ? 11  DG  W "C2'" 1 
ATOM   27   C "C1'" . DG  A 1 2   ? 18.710  6.598   -15.625 1.00 42.19 ? 11  DG  W "C1'" 1 
ATOM   28   N N9    . DG  A 1 2   ? 20.093  6.765   -15.216 1.00 38.82 ? 11  DG  W N9    1 
ATOM   29   C C8    . DG  A 1 2   ? 20.830  7.912   -15.206 1.00 38.85 ? 11  DG  W C8    1 
ATOM   30   N N7    . DG  A 1 2   ? 22.047  7.770   -14.766 1.00 39.52 ? 11  DG  W N7    1 
ATOM   31   C C5    . DG  A 1 2   ? 22.094  6.427   -14.439 1.00 39.31 ? 11  DG  W C5    1 
ATOM   32   C C6    . DG  A 1 2   ? 23.132  5.681   -13.883 1.00 38.83 ? 11  DG  W C6    1 
ATOM   33   O O6    . DG  A 1 2   ? 24.256  6.060   -13.595 1.00 40.27 ? 11  DG  W O6    1 
ATOM   34   N N1    . DG  A 1 2   ? 22.777  4.349   -13.662 1.00 38.75 ? 11  DG  W N1    1 
ATOM   35   C C2    . DG  A 1 2   ? 21.577  3.793   -13.969 1.00 39.02 ? 11  DG  W C2    1 
ATOM   36   N N2    . DG  A 1 2   ? 21.496  2.486   -13.656 1.00 39.96 ? 11  DG  W N2    1 
ATOM   37   N N3    . DG  A 1 2   ? 20.548  4.484   -14.477 1.00 36.53 ? 11  DG  W N3    1 
ATOM   38   C C4    . DG  A 1 2   ? 20.883  5.784   -14.693 1.00 38.60 ? 11  DG  W C4    1 
ATOM   39   P P     . DA  A 1 3   ? 14.566  6.128   -15.193 1.00 52.08 ? 12  DA  W P     1 
ATOM   40   O OP1   . DA  A 1 3   ? 14.034  5.842   -16.569 1.00 50.30 ? 12  DA  W OP1   1 
ATOM   41   O OP2   . DA  A 1 3   ? 14.101  7.243   -14.339 1.00 49.56 ? 12  DA  W OP2   1 
ATOM   42   O "O5'" . DA  A 1 3   ? 14.425  4.849   -14.220 1.00 44.13 ? 12  DA  W "O5'" 1 
ATOM   43   C "C5'" . DA  A 1 3   ? 14.765  3.568   -14.713 1.00 39.65 ? 12  DA  W "C5'" 1 
ATOM   44   C "C4'" . DA  A 1 3   ? 15.332  2.762   -13.556 1.00 35.82 ? 12  DA  W "C4'" 1 
ATOM   45   O "O4'" . DA  A 1 3   ? 16.668  3.256   -13.286 1.00 32.45 ? 12  DA  W "O4'" 1 
ATOM   46   C "C3'" . DA  A 1 3   ? 14.536  2.923   -12.272 1.00 31.74 ? 12  DA  W "C3'" 1 
ATOM   47   O "O3'" . DA  A 1 3   ? 14.252  1.652   -11.819 1.00 28.72 ? 12  DA  W "O3'" 1 
ATOM   48   C "C2'" . DA  A 1 3   ? 15.441  3.734   -11.351 1.00 30.64 ? 12  DA  W "C2'" 1 
ATOM   49   C "C1'" . DA  A 1 3   ? 16.828  3.467   -11.909 1.00 31.96 ? 12  DA  W "C1'" 1 
ATOM   50   N N9    . DA  A 1 3   ? 17.731  4.590   -11.835 1.00 31.89 ? 12  DA  W N9    1 
ATOM   51   C C8    . DA  A 1 3   ? 17.511  5.870   -12.294 1.00 32.48 ? 12  DA  W C8    1 
ATOM   52   N N7    . DA  A 1 3   ? 18.524  6.670   -12.091 1.00 32.93 ? 12  DA  W N7    1 
ATOM   53   C C5    . DA  A 1 3   ? 19.502  5.825   -11.517 1.00 31.42 ? 12  DA  W C5    1 
ATOM   54   C C6    . DA  A 1 3   ? 20.817  6.020   -11.066 1.00 32.09 ? 12  DA  W C6    1 
ATOM   55   N N6    . DA  A 1 3   ? 21.441  7.209   -11.129 1.00 34.47 ? 12  DA  W N6    1 
ATOM   56   N N1    . DA  A 1 3   ? 21.486  4.988   -10.507 1.00 32.09 ? 12  DA  W N1    1 
ATOM   57   C C2    . DA  A 1 3   ? 20.907  3.795   -10.426 1.00 32.71 ? 12  DA  W C2    1 
ATOM   58   N N3    . DA  A 1 3   ? 19.680  3.485   -10.823 1.00 34.75 ? 12  DA  W N3    1 
ATOM   59   C C4    . DA  A 1 3   ? 19.027  4.552   -11.348 1.00 31.80 ? 12  DA  W C4    1 
ATOM   60   P P     . DG  A 1 4   ? 13.408  1.469   -10.490 1.00 28.78 ? 13  DG  W P     1 
ATOM   61   O OP1   . DG  A 1 4   ? 12.964  0.081   -10.386 1.00 26.84 ? 13  DG  W OP1   1 
ATOM   62   O OP2   . DG  A 1 4   ? 12.528  2.645   -10.237 1.00 30.74 ? 13  DG  W OP2   1 
ATOM   63   O "O5'" . DG  A 1 4   ? 14.525  1.634   -9.341  1.00 32.05 ? 13  DG  W "O5'" 1 
ATOM   64   C "C5'" . DG  A 1 4   ? 15.637  0.726   -9.170  1.00 30.21 ? 13  DG  W "C5'" 1 
ATOM   65   C "C4'" . DG  A 1 4   ? 16.534  1.201   -8.054  1.00 29.47 ? 13  DG  W "C4'" 1 
ATOM   66   O "O4'" . DG  A 1 4   ? 17.117  2.474   -8.435  1.00 31.22 ? 13  DG  W "O4'" 1 
ATOM   67   C "C3'" . DG  A 1 4   ? 15.767  1.541   -6.809  1.00 32.38 ? 13  DG  W "C3'" 1 
ATOM   68   O "O3'" . DG  A 1 4   ? 16.386  0.949   -5.717  1.00 31.84 ? 13  DG  W "O3'" 1 
ATOM   69   C "C2'" . DG  A 1 4   ? 15.796  3.068   -6.707  1.00 29.36 ? 13  DG  W "C2'" 1 
ATOM   70   C "C1'" . DG  A 1 4   ? 17.177  3.294   -7.284  1.00 30.11 ? 13  DG  W "C1'" 1 
ATOM   71   N N9    . DG  A 1 4   ? 17.527  4.626   -7.727  1.00 29.79 ? 13  DG  W N9    1 
ATOM   72   C C8    . DG  A 1 4   ? 16.755  5.531   -8.365  1.00 28.08 ? 13  DG  W C8    1 
ATOM   73   N N7    . DG  A 1 4   ? 17.389  6.636   -8.633  1.00 28.34 ? 13  DG  W N7    1 
ATOM   74   C C5    . DG  A 1 4   ? 18.685  6.424   -8.215  1.00 28.34 ? 13  DG  W C5    1 
ATOM   75   C C6    . DG  A 1 4   ? 19.827  7.270   -8.274  1.00 31.41 ? 13  DG  W C6    1 
ATOM   76   O O6    . DG  A 1 4   ? 19.909  8.430   -8.747  1.00 30.21 ? 13  DG  W O6    1 
ATOM   77   N N1    . DG  A 1 4   ? 20.946  6.666   -7.699  1.00 30.34 ? 13  DG  W N1    1 
ATOM   78   C C2    . DG  A 1 4   ? 20.969  5.423   -7.164  1.00 29.64 ? 13  DG  W C2    1 
ATOM   79   N N2    . DG  A 1 4   ? 22.133  5.030   -6.678  1.00 29.59 ? 13  DG  W N2    1 
ATOM   80   N N3    . DG  A 1 4   ? 19.928  4.607   -7.110  1.00 33.63 ? 13  DG  W N3    1 
ATOM   81   C C4    . DG  A 1 4   ? 18.801  5.189   -7.650  1.00 32.25 ? 13  DG  W C4    1 
ATOM   82   P P     . DG  A 1 5   ? 15.509  0.977   -4.383  1.00 32.97 ? 14  DG  W P     1 
ATOM   83   O OP1   . DG  A 1 5   ? 14.747  -0.261  -4.349  1.00 32.02 ? 14  DG  W OP1   1 
ATOM   84   O OP2   . DG  A 1 5   ? 14.903  2.274   -4.257  1.00 33.60 ? 14  DG  W OP2   1 
ATOM   85   O "O5'" . DG  A 1 5   ? 16.638  0.794   -3.237  1.00 37.08 ? 14  DG  W "O5'" 1 
ATOM   86   C "C5'" . DG  A 1 5   ? 17.174  1.605   -2.190  1.00 35.31 ? 14  DG  W "C5'" 1 
ATOM   87   C "C4'" . DG  A 1 5   ? 18.684  1.857   -2.275  1.00 32.63 ? 14  DG  W "C4'" 1 
ATOM   88   O "O4'" . DG  A 1 5   ? 19.069  2.520   -3.516  1.00 33.35 ? 14  DG  W "O4'" 1 
ATOM   89   C "C3'" . DG  A 1 5   ? 19.096  2.880   -1.227  1.00 34.48 ? 14  DG  W "C3'" 1 
ATOM   90   O "O3'" . DG  A 1 5   ? 19.434  2.245   -0.072  1.00 37.81 ? 14  DG  W "O3'" 1 
ATOM   91   C "C2'" . DG  A 1 5   ? 20.337  3.533   -1.801  1.00 35.05 ? 14  DG  W "C2'" 1 
ATOM   92   C "C1'" . DG  A 1 5   ? 19.979  3.570   -3.258  1.00 32.42 ? 14  DG  W "C1'" 1 
ATOM   93   N N9    . DG  A 1 5   ? 19.477  4.842   -3.765  1.00 33.18 ? 14  DG  W N9    1 
ATOM   94   C C8    . DG  A 1 5   ? 18.220  5.085   -4.249  1.00 31.55 ? 14  DG  W C8    1 
ATOM   95   N N7    . DG  A 1 5   ? 18.066  6.320   -4.642  1.00 32.23 ? 14  DG  W N7    1 
ATOM   96   C C5    . DG  A 1 5   ? 19.314  6.944   -4.449  1.00 31.67 ? 14  DG  W C5    1 
ATOM   97   C C6    . DG  A 1 5   ? 19.768  8.279   -4.744  1.00 32.94 ? 14  DG  W C6    1 
ATOM   98   O O6    . DG  A 1 5   ? 19.128  9.202   -5.267  1.00 32.57 ? 14  DG  W O6    1 
ATOM   99   N N1    . DG  A 1 5   ? 21.109  8.522   -4.396  1.00 32.05 ? 14  DG  W N1    1 
ATOM   100  C C2    . DG  A 1 5   ? 21.909  7.549   -3.834  1.00 32.43 ? 14  DG  W C2    1 
ATOM   101  N N2    . DG  A 1 5   ? 23.168  7.921   -3.543  1.00 33.42 ? 14  DG  W N2    1 
ATOM   102  N N3    . DG  A 1 5   ? 21.502  6.305   -3.555  1.00 33.40 ? 14  DG  W N3    1 
ATOM   103  C C4    . DG  A 1 5   ? 20.195  6.048   -3.899  1.00 32.86 ? 14  DG  W C4    1 
ATOM   104  P P     . DC  A 1 6   ? 19.226  2.917   1.348   1.00 42.36 ? 15  DC  W P     1 
ATOM   105  O OP1   . DC  A 1 6   ? 19.156  1.832   2.367   1.00 42.14 ? 15  DC  W OP1   1 
ATOM   106  O OP2   . DC  A 1 6   ? 18.095  3.858   1.266   1.00 42.45 ? 15  DC  W OP2   1 
ATOM   107  O "O5'" . DC  A 1 6   ? 20.522  3.812   1.580   1.00 42.59 ? 15  DC  W "O5'" 1 
ATOM   108  C "C5'" . DC  A 1 6   ? 21.862  3.539   1.168   1.00 39.72 ? 15  DC  W "C5'" 1 
ATOM   109  C "C4'" . DC  A 1 6   ? 22.683  4.810   1.279   1.00 39.38 ? 15  DC  W "C4'" 1 
ATOM   110  O "O4'" . DC  A 1 6   ? 22.503  5.594   0.101   1.00 38.05 ? 15  DC  W "O4'" 1 
ATOM   111  C "C3'" . DC  A 1 6   ? 22.249  5.765   2.356   1.00 41.29 ? 15  DC  W "C3'" 1 
ATOM   112  O "O3'" . DC  A 1 6   ? 22.896  5.406   3.509   1.00 44.85 ? 15  DC  W "O3'" 1 
ATOM   113  C "C2'" . DC  A 1 6   ? 22.739  7.124   1.867   1.00 40.14 ? 15  DC  W "C2'" 1 
ATOM   114  C "C1'" . DC  A 1 6   ? 22.519  6.994   0.397   1.00 36.48 ? 15  DC  W "C1'" 1 
ATOM   115  N N1    . DC  A 1 6   ? 21.299  7.682   -0.175  1.00 36.53 ? 15  DC  W N1    1 
ATOM   116  C C2    . DC  A 1 6   ? 21.498  8.952   -0.686  1.00 34.93 ? 15  DC  W C2    1 
ATOM   117  O O2    . DC  A 1 6   ? 22.609  9.472   -0.600  1.00 35.56 ? 15  DC  W O2    1 
ATOM   118  N N3    . DC  A 1 6   ? 20.479  9.615   -1.240  1.00 34.55 ? 15  DC  W N3    1 
ATOM   119  C C4    . DC  A 1 6   ? 19.287  9.063   -1.289  1.00 31.82 ? 15  DC  W C4    1 
ATOM   120  N N4    . DC  A 1 6   ? 18.388  9.821   -1.889  1.00 33.53 ? 15  DC  W N4    1 
ATOM   121  C C5    . DC  A 1 6   ? 19.028  7.771   -0.786  1.00 32.01 ? 15  DC  W C5    1 
ATOM   122  C C6    . DC  A 1 6   ? 20.059  7.098   -0.238  1.00 33.50 ? 15  DC  W C6    1 
ATOM   123  P P     . DC  A 1 7   ? 22.449  6.044   4.910   1.00 51.23 ? 16  DC  W P     1 
ATOM   124  O OP1   . DC  A 1 7   ? 23.213  5.310   5.930   1.00 49.83 ? 16  DC  W OP1   1 
ATOM   125  O OP2   . DC  A 1 7   ? 20.958  6.041   5.018   1.00 49.79 ? 16  DC  W OP2   1 
ATOM   126  O "O5'" . DC  A 1 7   ? 22.892  7.581   4.864   1.00 49.09 ? 16  DC  W "O5'" 1 
ATOM   127  C "C5'" . DC  A 1 7   ? 24.225  8.037   4.830   1.00 47.76 ? 16  DC  W "C5'" 1 
ATOM   128  C "C4'" . DC  A 1 7   ? 24.271  9.501   4.442   1.00 44.61 ? 16  DC  W "C4'" 1 
ATOM   129  O "O4'" . DC  A 1 7   ? 23.497  9.725   3.251   1.00 39.41 ? 16  DC  W "O4'" 1 
ATOM   130  C "C3'" . DC  A 1 7   ? 23.671  10.393  5.503   1.00 46.34 ? 16  DC  W "C3'" 1 
ATOM   131  O "O3'" . DC  A 1 7   ? 24.686  10.951  6.359   1.00 51.84 ? 16  DC  W "O3'" 1 
ATOM   132  C "C2'" . DC  A 1 7   ? 22.986  11.511  4.729   1.00 45.68 ? 16  DC  W "C2'" 1 
ATOM   133  C "C1'" . DC  A 1 7   ? 22.800  10.966  3.327   1.00 39.97 ? 16  DC  W "C1'" 1 
ATOM   134  N N1    . DC  A 1 7   ? 21.353  10.831  2.823   1.00 37.09 ? 16  DC  W N1    1 
ATOM   135  C C2    . DC  A 1 7   ? 20.823  11.848  2.033   1.00 36.15 ? 16  DC  W C2    1 
ATOM   136  O O2    . DC  A 1 7   ? 21.491  12.870  1.805   1.00 36.31 ? 16  DC  W O2    1 
ATOM   137  N N3    . DC  A 1 7   ? 19.563  11.693  1.540   1.00 36.85 ? 16  DC  W N3    1 
ATOM   138  C C4    . DC  A 1 7   ? 18.843  10.589  1.806   1.00 37.21 ? 16  DC  W C4    1 
ATOM   139  N N4    . DC  A 1 7   ? 17.616  10.504  1.262   1.00 34.81 ? 16  DC  W N4    1 
ATOM   140  C C5    . DC  A 1 7   ? 19.388  9.530   2.599   1.00 35.93 ? 16  DC  W C5    1 
ATOM   141  C C6    . DC  A 1 7   ? 20.620  9.695   3.074   1.00 35.65 ? 16  DC  W C6    1 
ATOM   142  P P     . DA  A 1 8   ? 24.273  11.839  7.643   1.00 52.59 ? 17  DA  W P     1 
ATOM   143  O OP1   . DA  A 1 8   ? 25.295  11.706  8.683   1.00 55.55 ? 17  DA  W OP1   1 
ATOM   144  O OP2   . DA  A 1 8   ? 22.877  11.534  8.033   1.00 50.54 ? 17  DA  W OP2   1 
ATOM   145  O "O5'" . DA  A 1 8   ? 24.421  13.271  6.945   1.00 53.48 ? 17  DA  W "O5'" 1 
ATOM   146  C "C5'" . DA  A 1 8   ? 25.556  13.670  6.118   1.00 51.74 ? 17  DA  W "C5'" 1 
ATOM   147  C "C4'" . DA  A 1 8   ? 25.307  15.098  5.624   1.00 50.95 ? 17  DA  W "C4'" 1 
ATOM   148  O "O4'" . DA  A 1 8   ? 24.093  15.215  4.818   1.00 50.79 ? 17  DA  W "O4'" 1 
ATOM   149  C "C3'" . DA  A 1 8   ? 25.030  16.097  6.744   1.00 52.01 ? 17  DA  W "C3'" 1 
ATOM   150  O "O3'" . DA  A 1 8   ? 25.562  17.379  6.361   1.00 56.64 ? 17  DA  W "O3'" 1 
ATOM   151  C "C2'" . DA  A 1 8   ? 23.507  16.098  6.916   1.00 46.43 ? 17  DA  W "C2'" 1 
ATOM   152  C "C1'" . DA  A 1 8   ? 23.027  15.913  5.483   1.00 44.87 ? 17  DA  W "C1'" 1 
ATOM   153  N N9    . DA  A 1 8   ? 21.788  15.119  5.331   1.00 42.93 ? 17  DA  W N9    1 
ATOM   154  C C8    . DA  A 1 8   ? 21.430  13.989  6.052   1.00 44.16 ? 17  DA  W C8    1 
ATOM   155  N N7    . DA  A 1 8   ? 20.289  13.414  5.716   1.00 42.97 ? 17  DA  W N7    1 
ATOM   156  C C5    . DA  A 1 8   ? 19.866  14.262  4.690   1.00 41.05 ? 17  DA  W C5    1 
ATOM   157  C C6    . DA  A 1 8   ? 18.699  14.198  3.902   1.00 42.65 ? 17  DA  W C6    1 
ATOM   158  N N6    . DA  A 1 8   ? 17.761  13.228  4.054   1.00 40.68 ? 17  DA  W N6    1 
ATOM   159  N N1    . DA  A 1 8   ? 18.555  15.173  2.951   1.00 44.10 ? 17  DA  W N1    1 
ATOM   160  C C2    . DA  A 1 8   ? 19.536  16.121  2.839   1.00 44.38 ? 17  DA  W C2    1 
ATOM   161  N N3    . DA  A 1 8   ? 20.690  16.259  3.506   1.00 40.46 ? 17  DA  W N3    1 
ATOM   162  C C4    . DA  A 1 8   ? 20.768  15.298  4.440   1.00 39.48 ? 17  DA  W C4    1 
ATOM   163  P P     . DT  A 1 9   ? 25.318  18.703  7.258   1.00 59.42 ? 18  DT  W P     1 
ATOM   164  O OP1   . DT  A 1 9   ? 26.461  19.610  6.933   1.00 57.07 ? 18  DT  W OP1   1 
ATOM   165  O OP2   . DT  A 1 9   ? 24.985  18.276  8.658   1.00 56.96 ? 18  DT  W OP2   1 
ATOM   166  O "O5'" . DT  A 1 9   ? 23.988  19.336  6.606   1.00 55.11 ? 18  DT  W "O5'" 1 
ATOM   167  C "C5'" . DT  A 1 9   ? 24.079  19.738  5.255   1.00 50.52 ? 18  DT  W "C5'" 1 
ATOM   168  C "C4'" . DT  A 1 9   ? 22.809  20.466  4.891   1.00 47.80 ? 18  DT  W "C4'" 1 
ATOM   169  O "O4'" . DT  A 1 9   ? 21.733  19.500  4.870   1.00 44.98 ? 18  DT  W "O4'" 1 
ATOM   170  C "C3'" . DT  A 1 9   ? 22.362  21.557  5.859   1.00 46.89 ? 18  DT  W "C3'" 1 
ATOM   171  O "O3'" . DT  A 1 9   ? 22.096  22.609  4.969   1.00 46.60 ? 18  DT  W "O3'" 1 
ATOM   172  C "C2'" . DT  A 1 9   ? 21.065  21.002  6.472   1.00 45.12 ? 18  DT  W "C2'" 1 
ATOM   173  C "C1'" . DT  A 1 9   ? 20.553  20.066  5.382   1.00 40.39 ? 18  DT  W "C1'" 1 
ATOM   174  N N1    . DT  A 1 9   ? 19.724  18.896  5.836   1.00 37.57 ? 18  DT  W N1    1 
ATOM   175  C C2    . DT  A 1 9   ? 18.530  18.609  5.206   1.00 34.14 ? 18  DT  W C2    1 
ATOM   176  O O2    . DT  A 1 9   ? 18.088  19.282  4.294   1.00 35.41 ? 18  DT  W O2    1 
ATOM   177  N N3    . DT  A 1 9   ? 17.858  17.520  5.683   1.00 30.94 ? 18  DT  W N3    1 
ATOM   178  C C4    . DT  A 1 9   ? 18.271  16.725  6.719   1.00 34.96 ? 18  DT  W C4    1 
ATOM   179  O O4    . DT  A 1 9   ? 17.608  15.753  7.089   1.00 38.73 ? 18  DT  W O4    1 
ATOM   180  C C5    . DT  A 1 9   ? 19.541  17.061  7.322   1.00 37.17 ? 18  DT  W C5    1 
ATOM   181  C C7    . DT  A 1 9   ? 20.100  16.241  8.457   1.00 38.39 ? 18  DT  W C7    1 
ATOM   182  C C6    . DT  A 1 9   ? 20.214  18.121  6.865   1.00 36.18 ? 18  DT  W C6    1 
ATOM   183  P P     . DC  A 1 10  ? 22.015  24.146  5.372   1.00 45.18 ? 19  DC  W P     1 
ATOM   184  O OP1   . DC  A 1 10  ? 22.165  24.972  4.155   1.00 40.98 ? 19  DC  W OP1   1 
ATOM   185  O OP2   . DC  A 1 10  ? 22.901  24.273  6.553   1.00 42.01 ? 19  DC  W OP2   1 
ATOM   186  O "O5'" . DC  A 1 10  ? 20.439  24.269  5.747   1.00 41.74 ? 19  DC  W "O5'" 1 
ATOM   187  C "C5'" . DC  A 1 10  ? 19.488  24.303  4.687   1.00 39.41 ? 19  DC  W "C5'" 1 
ATOM   188  C "C4'" . DC  A 1 10  ? 18.094  24.172  5.261   1.00 39.81 ? 19  DC  W "C4'" 1 
ATOM   189  O "O4'" . DC  A 1 10  ? 17.999  22.852  5.810   1.00 40.13 ? 19  DC  W "O4'" 1 
ATOM   190  C "C3'" . DC  A 1 10  ? 17.716  25.074  6.438   1.00 38.96 ? 19  DC  W "C3'" 1 
ATOM   191  O "O3'" . DC  A 1 10  ? 16.458  25.570  6.154   1.00 38.20 ? 19  DC  W "O3'" 1 
ATOM   192  C "C2'" . DC  A 1 10  ? 17.699  24.119  7.635   1.00 36.51 ? 19  DC  W "C2'" 1 
ATOM   193  C "C1'" . DC  A 1 10  ? 17.154  22.881  6.924   1.00 36.24 ? 19  DC  W "C1'" 1 
ATOM   194  N N1    . DC  A 1 10  ? 17.121  21.511  7.646   1.00 33.67 ? 19  DC  W N1    1 
ATOM   195  C C2    . DC  A 1 10  ? 16.114  20.608  7.346   1.00 32.27 ? 19  DC  W C2    1 
ATOM   196  O O2    . DC  A 1 10  ? 15.241  20.833  6.486   1.00 35.01 ? 19  DC  W O2    1 
ATOM   197  N N3    . DC  A 1 10  ? 16.066  19.436  7.978   1.00 32.45 ? 19  DC  W N3    1 
ATOM   198  C C4    . DC  A 1 10  ? 16.967  19.120  8.866   1.00 33.82 ? 19  DC  W C4    1 
ATOM   199  N N4    . DC  A 1 10  ? 16.795  17.907  9.432   1.00 36.74 ? 19  DC  W N4    1 
ATOM   200  C C5    . DC  A 1 10  ? 18.032  20.004  9.214   1.00 33.63 ? 19  DC  W C5    1 
ATOM   201  C C6    . DC  A 1 10  ? 18.063  21.184  8.573   1.00 34.13 ? 19  DC  W C6    1 
ATOM   202  P P     . DA  A 1 11  ? 16.218  27.020  5.578   1.00 41.72 ? 20  DA  W P     1 
ATOM   203  O OP1   . DA  A 1 11  ? 17.092  27.246  4.419   1.00 43.75 ? 20  DA  W OP1   1 
ATOM   204  O OP2   . DA  A 1 11  ? 16.162  27.907  6.761   1.00 40.88 ? 20  DA  W OP2   1 
ATOM   205  O "O5'" . DA  A 1 11  ? 14.734  27.064  4.986   1.00 39.84 ? 20  DA  W "O5'" 1 
ATOM   206  C "C5'" . DA  A 1 11  ? 14.301  26.229  3.863   1.00 36.29 ? 20  DA  W "C5'" 1 
ATOM   207  C "C4'" . DA  A 1 11  ? 12.884  25.664  4.059   1.00 29.56 ? 20  DA  W "C4'" 1 
ATOM   208  O "O4'" . DA  A 1 11  ? 12.912  24.534  4.970   1.00 32.14 ? 20  DA  W "O4'" 1 
ATOM   209  C "C3'" . DA  A 1 11  ? 11.923  26.621  4.713   1.00 33.47 ? 20  DA  W "C3'" 1 
ATOM   210  O "O3'" . DA  A 1 11  ? 10.694  26.472  4.006   1.00 34.58 ? 20  DA  W "O3'" 1 
ATOM   211  C "C2'" . DA  A 1 11  ? 11.900  26.199  6.206   1.00 30.85 ? 20  DA  W "C2'" 1 
ATOM   212  C "C1'" . DA  A 1 11  ? 12.100  24.709  6.125   1.00 26.72 ? 20  DA  W "C1'" 1 
ATOM   213  N N9    . DA  A 1 11  ? 12.792  24.013  7.237   1.00 27.71 ? 20  DA  W N9    1 
ATOM   214  C C8    . DA  A 1 11  ? 13.904  24.420  7.928   1.00 24.62 ? 20  DA  W C8    1 
ATOM   215  N N7    . DA  A 1 11  ? 14.277  23.564  8.811   1.00 25.03 ? 20  DA  W N7    1 
ATOM   216  C C5    . DA  A 1 11  ? 13.340  22.515  8.718   1.00 24.87 ? 20  DA  W C5    1 
ATOM   217  C C6    . DA  A 1 11  ? 13.149  21.301  9.396   1.00 25.01 ? 20  DA  W C6    1 
ATOM   218  N N6    . DA  A 1 11  ? 13.933  20.864  10.360  1.00 24.99 ? 20  DA  W N6    1 
ATOM   219  N N1    . DA  A 1 11  ? 12.122  20.503  9.062   1.00 26.93 ? 20  DA  W N1    1 
ATOM   220  C C2    . DA  A 1 11  ? 11.300  20.863  8.080   1.00 23.91 ? 20  DA  W C2    1 
ATOM   221  N N3    . DA  A 1 11  ? 11.397  21.982  7.387   1.00 26.61 ? 20  DA  W N3    1 
ATOM   222  C C4    . DA  A 1 11  ? 12.428  22.771  7.763   1.00 24.01 ? 20  DA  W C4    1 
ATOM   223  P P     . DT  A 1 12  ? 9.422   27.244  4.495   1.00 37.41 ? 21  DT  W P     1 
ATOM   224  O OP1   . DT  A 1 12  ? 8.650   27.683  3.298   1.00 37.05 ? 21  DT  W OP1   1 
ATOM   225  O OP2   . DT  A 1 12  ? 9.798   28.307  5.457   1.00 36.85 ? 21  DT  W OP2   1 
ATOM   226  O "O5'" . DT  A 1 12  ? 8.682   26.081  5.314   1.00 30.77 ? 21  DT  W "O5'" 1 
ATOM   227  C "C5'" . DT  A 1 12  ? 8.182   24.896  4.651   1.00 32.35 ? 21  DT  W "C5'" 1 
ATOM   228  C "C4'" . DT  A 1 12  ? 7.392   24.071  5.641   1.00 33.83 ? 21  DT  W "C4'" 1 
ATOM   229  O "O4'" . DT  A 1 12  ? 8.224   23.677  6.759   1.00 35.61 ? 21  DT  W "O4'" 1 
ATOM   230  C "C3'" . DT  A 1 12  ? 6.330   24.889  6.321   1.00 36.56 ? 21  DT  W "C3'" 1 
ATOM   231  O "O3'" . DT  A 1 12  ? 5.053   24.253  6.045   1.00 39.70 ? 21  DT  W "O3'" 1 
ATOM   232  C "C2'" . DT  A 1 12  ? 6.791   24.971  7.788   1.00 32.67 ? 21  DT  W "C2'" 1 
ATOM   233  C "C1'" . DT  A 1 12  ? 7.558   23.687  7.994   1.00 31.14 ? 21  DT  W "C1'" 1 
ATOM   234  N N1    . DT  A 1 12  ? 8.686   23.591  9.099   1.00 29.47 ? 21  DT  W N1    1 
ATOM   235  C C2    . DT  A 1 12  ? 8.768   22.531  10.007  1.00 26.96 ? 21  DT  W C2    1 
ATOM   236  O O2    . DT  A 1 12  ? 8.020   21.606  10.009  1.00 29.05 ? 21  DT  W O2    1 
ATOM   237  N N3    . DT  A 1 12  ? 9.800   22.474  10.943  1.00 29.72 ? 21  DT  W N3    1 
ATOM   238  C C4    . DT  A 1 12  ? 10.723  23.508  11.022  1.00 28.51 ? 21  DT  W C4    1 
ATOM   239  O O4    . DT  A 1 12  ? 11.636  23.517  11.855  1.00 30.83 ? 21  DT  W O4    1 
ATOM   240  C C5    . DT  A 1 12  ? 10.552  24.582  10.066  1.00 26.97 ? 21  DT  W C5    1 
ATOM   241  C C7    . DT  A 1 12  ? 11.536  25.688  10.122  1.00 30.50 ? 21  DT  W C7    1 
ATOM   242  C C6    . DT  A 1 12  ? 9.593   24.619  9.144   1.00 24.26 ? 21  DT  W C6    1 
ATOM   243  P P     . DG  A 1 13  ? 3.697   25.049  6.355   1.00 42.46 ? 22  DG  W P     1 
ATOM   244  O OP1   . DG  A 1 13  ? 2.761   24.326  5.498   1.00 46.26 ? 22  DG  W OP1   1 
ATOM   245  O OP2   . DG  A 1 13  ? 3.861   26.501  6.306   1.00 42.70 ? 22  DG  W OP2   1 
ATOM   246  O "O5'" . DG  A 1 13  ? 3.384   24.694  7.893   1.00 40.46 ? 22  DG  W "O5'" 1 
ATOM   247  C "C5'" . DG  A 1 13  ? 3.281   23.328  8.299   1.00 39.82 ? 22  DG  W "C5'" 1 
ATOM   248  C "C4'" . DG  A 1 13  ? 3.354   23.204  9.814   1.00 41.11 ? 22  DG  W "C4'" 1 
ATOM   249  O "O4'" . DG  A 1 13  ? 4.726   23.302  10.252  1.00 38.01 ? 22  DG  W "O4'" 1 
ATOM   250  C "C3'" . DG  A 1 13  ? 2.598   24.258  10.621  1.00 41.92 ? 22  DG  W "C3'" 1 
ATOM   251  O "O3'" . DG  A 1 13  ? 2.006   23.669  11.730  1.00 47.58 ? 22  DG  W "O3'" 1 
ATOM   252  C "C2'" . DG  A 1 13  ? 3.686   25.178  11.144  1.00 38.45 ? 22  DG  W "C2'" 1 
ATOM   253  C "C1'" . DG  A 1 13  ? 4.722   24.111  11.417  1.00 32.77 ? 22  DG  W "C1'" 1 
ATOM   254  N N9    . DG  A 1 13  ? 6.025   24.700  11.749  1.00 30.55 ? 22  DG  W N9    1 
ATOM   255  C C8    . DG  A 1 13  ? 6.541   25.897  11.282  1.00 29.25 ? 22  DG  W C8    1 
ATOM   256  N N7    . DG  A 1 13  ? 7.738   26.156  11.788  1.00 30.02 ? 22  DG  W N7    1 
ATOM   257  C C5    . DG  A 1 13  ? 7.986   25.082  12.644  1.00 28.58 ? 22  DG  W C5    1 
ATOM   258  C C6    . DG  A 1 13  ? 9.080   24.796  13.474  1.00 28.43 ? 22  DG  W C6    1 
ATOM   259  O O6    . DG  A 1 13  ? 10.108  25.443  13.616  1.00 29.80 ? 22  DG  W O6    1 
ATOM   260  N N1    . DG  A 1 13  ? 8.951   23.579  14.176  1.00 29.97 ? 22  DG  W N1    1 
ATOM   261  C C2    . DG  A 1 13  ? 7.875   22.734  14.116  1.00 28.83 ? 22  DG  W C2    1 
ATOM   262  N N2    . DG  A 1 13  ? 7.932   21.628  14.881  0.50 28.03 ? 22  DG  W N2    1 
ATOM   263  N N3    . DG  A 1 13  ? 6.837   23.003  13.316  1.00 29.77 ? 22  DG  W N3    1 
ATOM   264  C C4    . DG  A 1 13  ? 6.948   24.167  12.617  1.00 27.93 ? 22  DG  W C4    1 
ATOM   265  P P     . DG  A 1 14  ? 0.414   23.554  11.834  1.00 51.43 ? 23  DG  W P     1 
ATOM   266  O OP1   . DG  A 1 14  ? -0.015  22.644  10.734  1.00 52.42 ? 23  DG  W OP1   1 
ATOM   267  O OP2   . DG  A 1 14  ? -0.131  24.924  12.004  1.00 50.47 ? 23  DG  W OP2   1 
ATOM   268  O "O5'" . DG  A 1 14  ? 0.282   22.759  13.194  1.00 48.09 ? 23  DG  W "O5'" 1 
ATOM   269  C "C5'" . DG  A 1 14  ? 0.817   21.448  13.236  1.00 46.39 ? 23  DG  W "C5'" 1 
ATOM   270  C "C4'" . DG  A 1 14  ? 1.253   21.151  14.651  1.00 46.40 ? 23  DG  W "C4'" 1 
ATOM   271  O "O4'" . DG  A 1 14  ? 2.641   21.500  14.861  1.00 45.66 ? 23  DG  W "O4'" 1 
ATOM   272  C "C3'" . DG  A 1 14  ? 0.441   21.872  15.714  1.00 50.65 ? 23  DG  W "C3'" 1 
ATOM   273  O "O3'" . DG  A 1 14  ? 0.064   20.924  16.714  1.00 59.64 ? 23  DG  W "O3'" 1 
ATOM   274  C "C2'" . DG  A 1 14  ? 1.382   22.930  16.256  1.00 46.75 ? 23  DG  W "C2'" 1 
ATOM   275  C "C1'" . DG  A 1 14  ? 2.770   22.368  15.976  1.00 39.73 ? 23  DG  W "C1'" 1 
ATOM   276  N N9    . DG  A 1 14  ? 3.726   23.479  15.736  1.00 36.40 ? 23  DG  W N9    1 
ATOM   277  C C8    . DG  A 1 14  ? 3.549   24.545  14.892  1.00 34.50 ? 23  DG  W C8    1 
ATOM   278  N N7    . DG  A 1 14  ? 4.545   25.383  14.896  1.00 34.52 ? 23  DG  W N7    1 
ATOM   279  C C5    . DG  A 1 14  ? 5.452   24.832  15.797  1.00 33.60 ? 23  DG  W C5    1 
ATOM   280  C C6    . DG  A 1 14  ? 6.704   25.318  16.221  1.00 34.29 ? 23  DG  W C6    1 
ATOM   281  O O6    . DG  A 1 14  ? 7.270   26.349  15.848  1.00 34.97 ? 23  DG  W O6    1 
ATOM   282  N N1    . DG  A 1 14  ? 7.284   24.513  17.207  1.00 34.24 ? 23  DG  W N1    1 
ATOM   283  C C2    . DG  A 1 14  ? 6.703   23.318  17.686  1.00 34.55 ? 23  DG  W C2    1 
ATOM   284  N N2    . DG  A 1 14  ? 7.408   22.634  18.592  1.00 33.06 ? 23  DG  W N2    1 
ATOM   285  N N3    . DG  A 1 14  ? 5.531   22.832  17.282  1.00 31.56 ? 23  DG  W N3    1 
ATOM   286  C C4    . DG  A 1 14  ? 4.955   23.657  16.349  1.00 35.01 ? 23  DG  W C4    1 
ATOM   287  P P     . DC  A 1 15  ? -0.949  21.248  17.924  1.00 64.47 ? 24  DC  W P     1 
ATOM   288  O OP1   . DC  A 1 15  ? -1.491  19.881  18.191  1.00 62.97 ? 24  DC  W OP1   1 
ATOM   289  O OP2   . DC  A 1 15  ? -1.813  22.423  17.563  1.00 63.53 ? 24  DC  W OP2   1 
ATOM   290  O "O5'" . DC  A 1 15  ? -0.028  21.749  19.156  1.00 59.58 ? 24  DC  W "O5'" 1 
ATOM   291  C "C5'" . DC  A 1 15  ? 1.044   20.901  19.585  1.00 56.44 ? 24  DC  W "C5'" 1 
ATOM   292  C "C4'" . DC  A 1 15  ? 2.016   21.661  20.455  1.00 52.35 ? 24  DC  W "C4'" 1 
ATOM   293  O "O4'" . DC  A 1 15  ? 2.876   22.475  19.648  1.00 52.06 ? 24  DC  W "O4'" 1 
ATOM   294  C "C3'" . DC  A 1 15  ? 1.319   22.663  21.339  1.00 52.76 ? 24  DC  W "C3'" 1 
ATOM   295  O "O3'" . DC  A 1 15  ? 1.499   22.268  22.699  1.00 55.82 ? 24  DC  W "O3'" 1 
ATOM   296  C "C2'" . DC  A 1 15  ? 2.023   23.984  21.100  1.00 49.39 ? 24  DC  W "C2'" 1 
ATOM   297  C "C1'" . DC  A 1 15  ? 3.314   23.588  20.407  1.00 46.52 ? 24  DC  W "C1'" 1 
ATOM   298  N N1    . DC  A 1 15  ? 3.707   24.811  19.590  1.00 42.12 ? 24  DC  W N1    1 
ATOM   299  C C2    . DC  A 1 15  ? 4.879   25.508  19.866  1.00 38.94 ? 24  DC  W C2    1 
ATOM   300  O O2    . DC  A 1 15  ? 5.648   25.088  20.769  1.00 38.14 ? 24  DC  W O2    1 
ATOM   301  N N3    . DC  A 1 15  ? 5.144   26.613  19.124  1.00 36.49 ? 24  DC  W N3    1 
ATOM   302  C C4    . DC  A 1 15  ? 4.295   27.047  18.190  1.00 39.60 ? 24  DC  W C4    1 
ATOM   303  N N4    . DC  A 1 15  ? 4.579   28.159  17.498  1.00 37.87 ? 24  DC  W N4    1 
ATOM   304  C C5    . DC  A 1 15  ? 3.074   26.360  17.920  1.00 40.65 ? 24  DC  W C5    1 
ATOM   305  C C6    . DC  A 1 15  ? 2.831   25.261  18.633  1.00 41.98 ? 24  DC  W C6    1 
ATOM   306  P P     . DC  A 1 16  ? 0.481   22.821  23.816  1.00 54.77 ? 25  DC  W P     1 
ATOM   307  O OP1   . DC  A 1 16  ? 0.033   21.582  24.512  1.00 55.26 ? 25  DC  W OP1   1 
ATOM   308  O OP2   . DC  A 1 16  ? -0.522  23.699  23.139  1.00 51.81 ? 25  DC  W OP2   1 
ATOM   309  O "O5'" . DC  A 1 16  ? 1.499   23.668  24.749  1.00 48.93 ? 25  DC  W "O5'" 1 
ATOM   310  C "C5'" . DC  A 1 16  ? 2.834   23.157  25.018  1.00 47.83 ? 25  DC  W "C5'" 1 
ATOM   311  C "C4'" . DC  A 1 16  ? 3.792   24.312  25.350  1.00 48.97 ? 25  DC  W "C4'" 1 
ATOM   312  O "O4'" . DC  A 1 16  ? 4.259   25.068  24.173  1.00 46.66 ? 25  DC  W "O4'" 1 
ATOM   313  C "C3'" . DC  A 1 16  ? 3.075   25.340  26.238  1.00 48.61 ? 25  DC  W "C3'" 1 
ATOM   314  O "O3'" . DC  A 1 16  ? 3.741   25.569  27.536  1.00 48.57 ? 25  DC  W "O3'" 1 
ATOM   315  C "C2'" . DC  A 1 16  ? 2.967   26.585  25.345  1.00 46.50 ? 25  DC  W "C2'" 1 
ATOM   316  C "C1'" . DC  A 1 16  ? 4.165   26.468  24.387  1.00 42.35 ? 25  DC  W "C1'" 1 
ATOM   317  N N1    . DC  A 1 16  ? 3.876   27.315  23.146  1.00 37.40 ? 25  DC  W N1    1 
ATOM   318  C C2    . DC  A 1 16  ? 4.693   28.405  22.717  1.00 37.99 ? 25  DC  W C2    1 
ATOM   319  O O2    . DC  A 1 16  ? 5.763   28.738  23.293  1.00 38.29 ? 25  DC  W O2    1 
ATOM   320  N N3    . DC  A 1 16  ? 4.290   29.110  21.618  1.00 36.71 ? 25  DC  W N3    1 
ATOM   321  C C4    . DC  A 1 16  ? 3.160   28.808  20.967  1.00 39.21 ? 25  DC  W C4    1 
ATOM   322  N N4    . DC  A 1 16  ? 2.827   29.550  19.910  1.00 37.66 ? 25  DC  W N4    1 
ATOM   323  C C5    . DC  A 1 16  ? 2.299   27.727  21.397  1.00 40.77 ? 25  DC  W C5    1 
ATOM   324  C C6    . DC  A 1 16  ? 2.718   27.033  22.480  1.00 38.10 ? 25  DC  W C6    1 
ATOM   325  P P     . DT  A 1 17  ? 2.938   26.329  28.731  1.00 48.88 ? 26  DT  W P     1 
ATOM   326  O OP1   . DT  A 1 17  ? 3.197   25.491  29.929  1.00 50.67 ? 26  DT  W OP1   1 
ATOM   327  O OP2   . DT  A 1 17  ? 1.580   26.714  28.244  1.00 47.17 ? 26  DT  W OP2   1 
ATOM   328  O "O5'" . DT  A 1 17  ? 3.680   27.699  28.960  1.00 46.37 ? 26  DT  W "O5'" 1 
ATOM   329  C "C5'" . DT  A 1 17  ? 5.105   27.734  29.160  1.00 47.98 ? 26  DT  W "C5'" 1 
ATOM   330  C "C4'" . DT  A 1 17  ? 5.456   29.146  28.768  1.00 47.75 ? 26  DT  W "C4'" 1 
ATOM   331  O "O4'" . DT  A 1 17  ? 4.981   29.387  27.415  1.00 46.12 ? 26  DT  W "O4'" 1 
ATOM   332  C "C3'" . DT  A 1 17  ? 4.619   30.110  29.594  1.00 47.26 ? 26  DT  W "C3'" 1 
ATOM   333  O "O3'" . DT  A 1 17  ? 5.444   30.617  30.570  1.00 50.15 ? 26  DT  W "O3'" 1 
ATOM   334  C "C2'" . DT  A 1 17  ? 4.054   31.160  28.623  1.00 43.79 ? 26  DT  W "C2'" 1 
ATOM   335  C "C1'" . DT  A 1 17  ? 4.687   30.749  27.311  1.00 40.53 ? 26  DT  W "C1'" 1 
ATOM   336  N N1    . DT  A 1 17  ? 3.851   30.851  26.108  1.00 39.80 ? 26  DT  W N1    1 
ATOM   337  C C2    . DT  A 1 17  ? 4.324   31.692  25.117  1.00 37.74 ? 26  DT  W C2    1 
ATOM   338  O O2    . DT  A 1 17  ? 5.355   32.351  25.233  1.00 37.18 ? 26  DT  W O2    1 
ATOM   339  N N3    . DT  A 1 17  ? 3.522   31.761  24.023  1.00 34.12 ? 26  DT  W N3    1 
ATOM   340  C C4    . DT  A 1 17  ? 2.343   31.078  23.774  1.00 39.28 ? 26  DT  W C4    1 
ATOM   341  O O4    . DT  A 1 17  ? 1.719   31.237  22.701  1.00 37.18 ? 26  DT  W O4    1 
ATOM   342  C C5    . DT  A 1 17  ? 1.889   30.212  24.894  1.00 40.22 ? 26  DT  W C5    1 
ATOM   343  C C7    . DT  A 1 17  ? 0.617   29.413  24.794  1.00 38.80 ? 26  DT  W C7    1 
ATOM   344  C C6    . DT  A 1 17  ? 2.660   30.142  25.996  1.00 39.19 ? 26  DT  W C6    1 
ATOM   345  P P     . DC  A 1 18  ? 4.891   31.454  31.796  1.00 51.34 ? 27  DC  W P     1 
ATOM   346  O OP1   . DC  A 1 18  ? 5.697   31.009  32.964  1.00 52.82 ? 27  DC  W OP1   1 
ATOM   347  O OP2   . DC  A 1 18  ? 3.399   31.475  31.773  1.00 49.74 ? 27  DC  W OP2   1 
ATOM   348  O "O5'" . DC  A 1 18  ? 5.356   32.947  31.482  1.00 48.36 ? 27  DC  W "O5'" 1 
ATOM   349  C "C5'" . DC  A 1 18  ? 6.668   33.383  31.229  1.00 44.11 ? 27  DC  W "C5'" 1 
ATOM   350  C "C4'" . DC  A 1 18  ? 6.617   34.711  30.448  1.00 42.61 ? 27  DC  W "C4'" 1 
ATOM   351  O "O4'" . DC  A 1 18  ? 5.945   34.593  29.164  1.00 36.46 ? 27  DC  W "O4'" 1 
ATOM   352  C "C3'" . DC  A 1 18  ? 5.954   35.903  31.107  1.00 42.71 ? 27  DC  W "C3'" 1 
ATOM   353  O "O3'" . DC  A 1 18  ? 6.723   37.061  30.783  1.00 47.14 ? 27  DC  W "O3'" 1 
ATOM   354  C "C2'" . DC  A 1 18  ? 4.621   36.026  30.402  1.00 44.25 ? 27  DC  W "C2'" 1 
ATOM   355  C "C1'" . DC  A 1 18  ? 4.982   35.586  28.991  1.00 39.27 ? 27  DC  W "C1'" 1 
ATOM   356  N N1    . DC  A 1 18  ? 3.833   34.967  28.267  1.00 39.15 ? 27  DC  W N1    1 
ATOM   357  C C2    . DC  A 1 18  ? 3.730   35.188  26.885  1.00 39.91 ? 27  DC  W C2    1 
ATOM   358  O O2    . DC  A 1 18  ? 4.578   35.856  26.281  1.00 39.65 ? 27  DC  W O2    1 
ATOM   359  N N3    . DC  A 1 18  ? 2.690   34.667  26.224  1.00 38.29 ? 27  DC  W N3    1 
ATOM   360  C C4    . DC  A 1 18  ? 1.776   33.932  26.833  1.00 39.37 ? 27  DC  W C4    1 
ATOM   361  N N4    . DC  A 1 18  ? 0.807   33.449  26.046  1.00 39.35 ? 27  DC  W N4    1 
ATOM   362  C C5    . DC  A 1 18  ? 1.832   33.704  28.237  1.00 40.44 ? 27  DC  W C5    1 
ATOM   363  C C6    . DC  A 1 18  ? 2.870   34.253  28.903  1.00 38.49 ? 27  DC  W C6    1 
ATOM   364  N N     . GLU B 2 7   ? -15.384 7.586   -10.791 1.00 56.32 ? 133 GLU A N     1 
ATOM   365  C CA    . GLU B 2 7   ? -15.366 6.099   -10.562 1.00 56.96 ? 133 GLU A CA    1 
ATOM   366  C C     . GLU B 2 7   ? -14.103 5.644   -9.806  1.00 55.51 ? 133 GLU A C     1 
ATOM   367  O O     . GLU B 2 7   ? -14.075 5.646   -8.570  1.00 55.78 ? 133 GLU A O     1 
ATOM   368  C CB    . GLU B 2 7   ? -15.548 5.309   -11.881 1.00 56.85 ? 133 GLU A CB    1 
ATOM   369  C CG    . GLU B 2 7   ? -16.988 5.286   -12.405 1.00 58.62 ? 133 GLU A CG    1 
ATOM   370  C CD    . GLU B 2 7   ? -17.318 4.106   -13.338 1.00 59.75 ? 133 GLU A CD    1 
ATOM   371  O OE1   . GLU B 2 7   ? -16.855 2.955   -13.071 1.00 61.05 ? 133 GLU A OE1   1 
ATOM   372  O OE2   . GLU B 2 7   ? -18.078 4.338   -14.334 1.00 61.82 ? 133 GLU A OE2   1 
ATOM   373  N N     . ASP B 2 8   ? -13.066 5.250   -10.539 1.00 54.23 ? 134 ASP A N     1 
ATOM   374  C CA    . ASP B 2 8   ? -11.788 4.853   -9.906  1.00 52.48 ? 134 ASP A CA    1 
ATOM   375  C C     . ASP B 2 8   ? -11.178 6.012   -9.121  1.00 51.12 ? 134 ASP A C     1 
ATOM   376  O O     . ASP B 2 8   ? -11.058 7.141   -9.648  1.00 50.78 ? 134 ASP A O     1 
ATOM   377  C CB    . ASP B 2 8   ? -10.776 4.344   -10.941 1.00 52.55 ? 134 ASP A CB    1 
ATOM   378  C CG    . ASP B 2 8   ? -11.264 3.110   -11.698 1.00 52.41 ? 134 ASP A CG    1 
ATOM   379  O OD1   . ASP B 2 8   ? -11.990 2.266   -11.122 1.00 52.80 ? 134 ASP A OD1   1 
ATOM   380  O OD2   . ASP B 2 8   ? -10.911 2.993   -12.884 1.00 51.68 ? 134 ASP A OD2   1 
ATOM   381  N N     . PRO B 2 9   ? -10.826 5.750   -7.854  1.00 49.53 ? 135 PRO A N     1 
ATOM   382  C CA    . PRO B 2 9   ? -10.165 6.682   -6.951  1.00 48.96 ? 135 PRO A CA    1 
ATOM   383  C C     . PRO B 2 9   ? -8.931  7.343   -7.581  1.00 48.50 ? 135 PRO A C     1 
ATOM   384  O O     . PRO B 2 9   ? -8.271  6.753   -8.450  1.00 47.58 ? 135 PRO A O     1 
ATOM   385  C CB    . PRO B 2 9   ? -9.735  5.776   -5.787  1.00 49.16 ? 135 PRO A CB    1 
ATOM   386  C CG    . PRO B 2 9   ? -10.675 4.671   -5.785  1.00 47.85 ? 135 PRO A CG    1 
ATOM   387  C CD    . PRO B 2 9   ? -11.083 4.453   -7.202  1.00 49.68 ? 135 PRO A CD    1 
ATOM   388  N N     . LYS B 2 10  ? -8.628  8.568   -7.148  1.00 48.60 ? 136 LYS A N     1 
ATOM   389  C CA    . LYS B 2 10  ? -7.472  9.294   -7.698  1.00 48.15 ? 136 LYS A CA    1 
ATOM   390  C C     . LYS B 2 10  ? -6.406  9.621   -6.659  1.00 47.67 ? 136 LYS A C     1 
ATOM   391  O O     . LYS B 2 10  ? -5.306  10.075  -6.980  1.00 46.94 ? 136 LYS A O     1 
ATOM   392  C CB    . LYS B 2 10  ? -7.919  10.497  -8.537  1.00 48.76 ? 136 LYS A CB    1 
ATOM   393  C CG    . LYS B 2 10  ? -8.155  10.067  -10.003 1.00 49.90 ? 136 LYS A CG    1 
ATOM   394  C CD    . LYS B 2 10  ? -9.134  10.925  -10.770 1.00 51.77 ? 136 LYS A CD    1 
ATOM   395  C CE    . LYS B 2 10  ? -9.764  10.098  -11.886 1.00 52.16 ? 136 LYS A CE    1 
ATOM   396  N NZ    . LYS B 2 10  ? -10.516 8.914   -11.325 1.00 50.80 ? 136 LYS A NZ    1 
ATOM   397  N N     . ASP B 2 11  ? -6.766  9.345   -5.415  1.00 47.17 ? 137 ASP A N     1 
ATOM   398  C CA    . ASP B 2 11  ? -5.888  9.393   -4.298  1.00 47.47 ? 137 ASP A CA    1 
ATOM   399  C C     . ASP B 2 11  ? -6.380  8.383   -3.261  1.00 48.04 ? 137 ASP A C     1 
ATOM   400  O O     . ASP B 2 11  ? -7.338  7.616   -3.516  1.00 48.17 ? 137 ASP A O     1 
ATOM   401  C CB    . ASP B 2 11  ? -5.837  10.786  -3.700  1.00 47.64 ? 137 ASP A CB    1 
ATOM   402  C CG    . ASP B 2 11  ? -4.466  11.113  -3.095  1.00 48.32 ? 137 ASP A CG    1 
ATOM   403  O OD1   . ASP B 2 11  ? -4.120  12.311  -3.022  1.00 51.41 ? 137 ASP A OD1   1 
ATOM   404  O OD2   . ASP B 2 11  ? -3.736  10.181  -2.699  1.00 46.72 ? 137 ASP A OD2   1 
ATOM   405  N N     . PHE B 2 12  ? -5.687  8.337   -2.122  1.00 47.76 ? 138 PHE A N     1 
ATOM   406  C CA    . PHE B 2 12  ? -6.202  7.648   -0.970  1.00 47.70 ? 138 PHE A CA    1 
ATOM   407  C C     . PHE B 2 12  ? -7.340  8.497   -0.370  1.00 48.44 ? 138 PHE A C     1 
ATOM   408  O O     . PHE B 2 12  ? -7.456  9.690   -0.702  1.00 47.35 ? 138 PHE A O     1 
ATOM   409  C CB    . PHE B 2 12  ? -5.100  7.383   0.055   1.00 46.56 ? 138 PHE A CB    1 
ATOM   410  C CG    . PHE B 2 12  ? -4.199  6.248   -0.303  1.00 45.54 ? 138 PHE A CG    1 
ATOM   411  C CD1   . PHE B 2 12  ? -4.325  5.027   0.327   1.00 42.40 ? 138 PHE A CD1   1 
ATOM   412  C CD2   . PHE B 2 12  ? -3.203  6.403   -1.278  1.00 44.01 ? 138 PHE A CD2   1 
ATOM   413  C CE1   . PHE B 2 12  ? -3.460  3.972   -0.010  1.00 42.27 ? 138 PHE A CE1   1 
ATOM   414  C CE2   . PHE B 2 12  ? -2.334  5.360   -1.598  1.00 41.85 ? 138 PHE A CE2   1 
ATOM   415  C CZ    . PHE B 2 12  ? -2.464  4.154   -0.973  1.00 42.45 ? 138 PHE A CZ    1 
ATOM   416  N N     . PRO B 2 13  ? -8.197  7.856   0.467   1.00 49.58 ? 139 PRO A N     1 
ATOM   417  C CA    . PRO B 2 13  ? -9.237  8.483   1.294   1.00 50.39 ? 139 PRO A CA    1 
ATOM   418  C C     . PRO B 2 13  ? -8.682  9.541   2.237   1.00 51.46 ? 139 PRO A C     1 
ATOM   419  O O     . PRO B 2 13  ? -7.721  9.288   2.992   1.00 51.45 ? 139 PRO A O     1 
ATOM   420  C CB    . PRO B 2 13  ? -9.782  7.306   2.122   1.00 50.37 ? 139 PRO A CB    1 
ATOM   421  C CG    . PRO B 2 13  ? -9.507  6.104   1.310   1.00 50.01 ? 139 PRO A CG    1 
ATOM   422  C CD    . PRO B 2 13  ? -8.205  6.389   0.618   1.00 49.03 ? 139 PRO A CD    1 
ATOM   423  N N     . SER B 2 14  ? -9.299  10.722  2.201   1.00 52.72 ? 140 SER A N     1 
ATOM   424  C CA    . SER B 2 14  ? -8.997  11.804  3.145   1.00 53.15 ? 140 SER A CA    1 
ATOM   425  C C     . SER B 2 14  ? -8.575  11.323  4.529   1.00 53.11 ? 140 SER A C     1 
ATOM   426  O O     . SER B 2 14  ? -7.587  11.826  5.056   1.00 53.72 ? 140 SER A O     1 
ATOM   427  C CB    . SER B 2 14  ? -10.176 12.770  3.246   1.00 53.62 ? 140 SER A CB    1 
ATOM   428  O OG    . SER B 2 14  ? -11.414 12.072  3.315   1.00 55.49 ? 140 SER A OG    1 
ATOM   429  N N     . GLU B 2 15  ? -9.300  10.364  5.120   1.00 53.32 ? 141 GLU A N     1 
ATOM   430  C CA    . GLU B 2 15  ? -8.977  9.860   6.491   1.00 53.36 ? 141 GLU A CA    1 
ATOM   431  C C     . GLU B 2 15  ? -7.507  9.419   6.654   1.00 52.73 ? 141 GLU A C     1 
ATOM   432  O O     . GLU B 2 15  ? -6.923  9.511   7.756   1.00 52.59 ? 141 GLU A O     1 
ATOM   433  C CB    . GLU B 2 15  ? -9.953  8.758   7.013   1.00 54.28 ? 141 GLU A CB    1 
ATOM   434  C CG    . GLU B 2 15  ? -10.793 7.925   5.987   1.00 56.56 ? 141 GLU A CG    1 
ATOM   435  C CD    . GLU B 2 15  ? -11.723 8.780   5.109   1.00 61.70 ? 141 GLU A CD    1 
ATOM   436  O OE1   . GLU B 2 15  ? -11.999 9.960   5.480   1.00 65.41 ? 141 GLU A OE1   1 
ATOM   437  O OE2   . GLU B 2 15  ? -12.177 8.294   4.042   1.00 61.26 ? 141 GLU A OE2   1 
ATOM   438  N N     . LEU B 2 16  ? -6.909  8.992   5.533   1.00 51.57 ? 142 LEU A N     1 
ATOM   439  C CA    . LEU B 2 16  ? -5.552  8.430   5.508   1.00 49.67 ? 142 LEU A CA    1 
ATOM   440  C C     . LEU B 2 16  ? -4.440  9.405   5.118   1.00 48.28 ? 142 LEU A C     1 
ATOM   441  O O     . LEU B 2 16  ? -3.302  9.222   5.528   1.00 47.34 ? 142 LEU A O     1 
ATOM   442  C CB    . LEU B 2 16  ? -5.541  7.227   4.582   1.00 49.65 ? 142 LEU A CB    1 
ATOM   443  C CG    . LEU B 2 16  ? -6.655  6.234   4.903   1.00 48.77 ? 142 LEU A CG    1 
ATOM   444  C CD1   . LEU B 2 16  ? -6.731  5.222   3.786   1.00 47.87 ? 142 LEU A CD1   1 
ATOM   445  C CD2   . LEU B 2 16  ? -6.405  5.556   6.284   1.00 46.86 ? 142 LEU A CD2   1 
ATOM   446  N N     . LEU B 2 17  ? -4.809  10.438  4.361   1.00 47.08 ? 143 LEU A N     1 
ATOM   447  C CA    . LEU B 2 17  ? -3.904  11.379  3.713   1.00 46.67 ? 143 LEU A CA    1 
ATOM   448  C C     . LEU B 2 17  ? -2.813  12.027  4.564   1.00 46.69 ? 143 LEU A C     1 
ATOM   449  O O     . LEU B 2 17  ? -1.790  12.496  4.025   1.00 47.02 ? 143 LEU A O     1 
ATOM   450  C CB    . LEU B 2 17  ? -4.694  12.468  2.981   1.00 45.79 ? 143 LEU A CB    1 
ATOM   451  C CG    . LEU B 2 17  ? -5.419  12.018  1.735   1.00 46.45 ? 143 LEU A CG    1 
ATOM   452  C CD1   . LEU B 2 17  ? -5.814  13.200  0.886   1.00 49.54 ? 143 LEU A CD1   1 
ATOM   453  C CD2   . LEU B 2 17  ? -4.549  11.098  0.914   1.00 48.16 ? 143 LEU A CD2   1 
ATOM   454  N N     . SER B 2 18  ? -3.019  12.057  5.876   1.00 46.25 ? 144 SER A N     1 
ATOM   455  C CA    . SER B 2 18  ? -2.050  12.672  6.770   1.00 45.33 ? 144 SER A CA    1 
ATOM   456  C C     . SER B 2 18  ? -0.972  11.706  7.194   1.00 44.22 ? 144 SER A C     1 
ATOM   457  O O     . SER B 2 18  ? 0.069   12.141  7.659   1.00 45.01 ? 144 SER A O     1 
ATOM   458  C CB    . SER B 2 18  ? -2.731  13.314  8.004   1.00 46.10 ? 144 SER A CB    1 
ATOM   459  O OG    . SER B 2 18  ? -3.450  12.363  8.776   1.00 46.05 ? 144 SER A OG    1 
ATOM   460  N N     . PHE B 2 19  ? -1.212  10.407  7.063   1.00 43.04 ? 145 PHE A N     1 
ATOM   461  C CA    . PHE B 2 19  ? -0.213  9.397   7.408   1.00 41.59 ? 145 PHE A CA    1 
ATOM   462  C C     . PHE B 2 19  ? 0.780   9.117   6.260   1.00 40.56 ? 145 PHE A C     1 
ATOM   463  O O     . PHE B 2 19  ? 1.771   8.367   6.422   1.00 39.26 ? 145 PHE A O     1 
ATOM   464  C CB    . PHE B 2 19  ? -0.886  8.078   7.841   1.00 43.43 ? 145 PHE A CB    1 
ATOM   465  C CG    . PHE B 2 19  ? -2.083  8.252   8.750   1.00 45.59 ? 145 PHE A CG    1 
ATOM   466  C CD1   . PHE B 2 19  ? -3.267  7.532   8.506   1.00 48.54 ? 145 PHE A CD1   1 
ATOM   467  C CD2   . PHE B 2 19  ? -2.043  9.118   9.838   1.00 47.09 ? 145 PHE A CD2   1 
ATOM   468  C CE1   . PHE B 2 19  ? -4.403  7.692   9.330   1.00 48.55 ? 145 PHE A CE1   1 
ATOM   469  C CE2   . PHE B 2 19  ? -3.170  9.280   10.667  1.00 49.94 ? 145 PHE A CE2   1 
ATOM   470  C CZ    . PHE B 2 19  ? -4.354  8.567   10.399  1.00 47.84 ? 145 PHE A CZ    1 
ATOM   471  N N     . LEU B 2 20  ? 0.521   9.751   5.118   1.00 38.89 ? 146 LEU A N     1 
ATOM   472  C CA    . LEU B 2 20  ? 1.136   9.401   3.855   1.00 38.01 ? 146 LEU A CA    1 
ATOM   473  C C     . LEU B 2 20  ? 2.162   10.429  3.384   1.00 38.03 ? 146 LEU A C     1 
ATOM   474  O O     . LEU B 2 20  ? 2.010   11.611  3.634   1.00 37.39 ? 146 LEU A O     1 
ATOM   475  C CB    . LEU B 2 20  ? 0.041   9.296   2.780   1.00 38.30 ? 146 LEU A CB    1 
ATOM   476  C CG    . LEU B 2 20  ? -1.067  8.238   2.841   1.00 35.97 ? 146 LEU A CG    1 
ATOM   477  C CD1   . LEU B 2 20  ? -1.790  8.364   1.542   1.00 35.22 ? 146 LEU A CD1   1 
ATOM   478  C CD2   . LEU B 2 20  ? -0.482  6.827   3.008   1.00 37.52 ? 146 LEU A CD2   1 
ATOM   479  N N     . SER B 2 21  ? 3.204   9.984   2.679   1.00 37.83 ? 147 SER A N     1 
ATOM   480  C CA    . SER B 2 21  ? 4.085   10.917  1.997   1.00 37.17 ? 147 SER A CA    1 
ATOM   481  C C     . SER B 2 21  ? 3.419   11.365  0.699   1.00 37.84 ? 147 SER A C     1 
ATOM   482  O O     . SER B 2 21  ? 2.949   10.538  -0.095  1.00 37.01 ? 147 SER A O     1 
ATOM   483  C CB    . SER B 2 21  ? 5.465   10.277  1.763   1.00 37.32 ? 147 SER A CB    1 
ATOM   484  O OG    . SER B 2 21  ? 6.279   11.084  0.929   1.00 36.83 ? 147 SER A OG    1 
ATOM   485  N N     . HIS B 2 22  ? 3.359   12.668  0.451   1.00 38.68 ? 148 HIS A N     1 
ATOM   486  C CA    . HIS B 2 22  ? 2.974   13.093  -0.912  1.00 40.10 ? 148 HIS A CA    1 
ATOM   487  C C     . HIS B 2 22  ? 4.134   13.737  -1.690  1.00 40.24 ? 148 HIS A C     1 
ATOM   488  O O     . HIS B 2 22  ? 3.881   14.405  -2.684  1.00 39.64 ? 148 HIS A O     1 
ATOM   489  C CB    . HIS B 2 22  ? 1.724   14.012  -0.903  1.00 41.02 ? 148 HIS A CB    1 
ATOM   490  C CG    . HIS B 2 22  ? 0.687   13.598  0.095   1.00 42.90 ? 148 HIS A CG    1 
ATOM   491  N ND1   . HIS B 2 22  ? -0.167  12.540  -0.122  1.00 42.37 ? 148 HIS A ND1   1 
ATOM   492  C CD2   . HIS B 2 22  ? 0.418   14.054  1.342   1.00 43.70 ? 148 HIS A CD2   1 
ATOM   493  C CE1   . HIS B 2 22  ? -0.920  12.367  0.948   1.00 44.44 ? 148 HIS A CE1   1 
ATOM   494  N NE2   . HIS B 2 22  ? -0.585  13.272  1.849   1.00 44.55 ? 148 HIS A NE2   1 
ATOM   495  N N     . ALA B 2 23  ? 5.376   13.531  -1.231  1.00 40.71 ? 149 ALA A N     1 
ATOM   496  C CA    . ALA B 2 23  ? 6.605   14.013  -1.920  1.00 42.29 ? 149 ALA A CA    1 
ATOM   497  C C     . ALA B 2 23  ? 6.725   13.588  -3.366  1.00 44.06 ? 149 ALA A C     1 
ATOM   498  O O     . ALA B 2 23  ? 6.666   12.401  -3.682  1.00 45.11 ? 149 ALA A O     1 
ATOM   499  C CB    . ALA B 2 23  ? 7.831   13.585  -1.189  1.00 41.39 ? 149 ALA A CB    1 
ATOM   500  N N     . VAL B 2 24  ? 6.917   14.570  -4.245  1.00 46.29 ? 150 VAL A N     1 
ATOM   501  C CA    . VAL B 2 24  ? 7.083   14.344  -5.682  1.00 47.51 ? 150 VAL A CA    1 
ATOM   502  C C     . VAL B 2 24  ? 8.582   14.393  -6.115  1.00 47.65 ? 150 VAL A C     1 
ATOM   503  O O     . VAL B 2 24  ? 8.999   13.579  -6.950  1.00 47.40 ? 150 VAL A O     1 
ATOM   504  C CB    . VAL B 2 24  ? 6.243   15.379  -6.492  1.00 47.96 ? 150 VAL A CB    1 
ATOM   505  C CG1   . VAL B 2 24  ? 6.167   15.004  -7.956  1.00 48.00 ? 150 VAL A CG1   1 
ATOM   506  C CG2   . VAL B 2 24  ? 4.844   15.523  -5.898  1.00 47.85 ? 150 VAL A CG2   1 
ATOM   507  N N     . PHE B 2 25  ? 9.369   15.293  -5.504  1.00 48.40 ? 151 PHE A N     1 
ATOM   508  C CA    . PHE B 2 25  ? 10.806  15.595  -5.869  1.00 48.83 ? 151 PHE A CA    1 
ATOM   509  C C     . PHE B 2 25  ? 11.817  15.163  -4.779  1.00 48.87 ? 151 PHE A C     1 
ATOM   510  O O     . PHE B 2 25  ? 12.800  15.838  -4.423  1.00 49.58 ? 151 PHE A O     1 
ATOM   511  C CB    . PHE B 2 25  ? 10.949  17.078  -6.278  1.00 50.81 ? 151 PHE A CB    1 
ATOM   512  C CG    . PHE B 2 25  ? 9.971   17.472  -7.362  1.00 52.88 ? 151 PHE A CG    1 
ATOM   513  C CD1   . PHE B 2 25  ? 8.709   17.989  -7.030  1.00 55.27 ? 151 PHE A CD1   1 
ATOM   514  C CD2   . PHE B 2 25  ? 10.264  17.209  -8.696  1.00 54.53 ? 151 PHE A CD2   1 
ATOM   515  C CE1   . PHE B 2 25  ? 7.765   18.266  -8.026  1.00 58.34 ? 151 PHE A CE1   1 
ATOM   516  C CE2   . PHE B 2 25  ? 9.324   17.498  -9.714  1.00 57.71 ? 151 PHE A CE2   1 
ATOM   517  C CZ    . PHE B 2 25  ? 8.079   18.022  -9.381  1.00 56.38 ? 151 PHE A CZ    1 
ATOM   518  N N     . SER B 2 26  ? 11.539  13.995  -4.235  1.00 47.38 ? 152 SER A N     1 
ATOM   519  C CA    . SER B 2 26  ? 12.383  13.422  -3.252  1.00 45.01 ? 152 SER A CA    1 
ATOM   520  C C     . SER B 2 26  ? 12.981  12.080  -3.716  1.00 42.91 ? 152 SER A C     1 
ATOM   521  O O     . SER B 2 26  ? 12.316  11.205  -4.351  1.00 41.35 ? 152 SER A O     1 
ATOM   522  C CB    . SER B 2 26  ? 11.560  13.208  -1.985  1.00 46.26 ? 152 SER A CB    1 
ATOM   523  O OG    . SER B 2 26  ? 12.420  12.940  -0.897  1.00 46.92 ? 152 SER A OG    1 
ATOM   524  N N     . ASN B 2 27  ? 14.249  11.931  -3.341  1.00 40.59 ? 153 ASN A N     1 
ATOM   525  C CA    . ASN B 2 27  ? 15.026  10.747  -3.602  1.00 38.59 ? 153 ASN A CA    1 
ATOM   526  C C     . ASN B 2 27  ? 15.009  9.890   -2.340  1.00 37.25 ? 153 ASN A C     1 
ATOM   527  O O     . ASN B 2 27  ? 15.779  8.951   -2.178  1.00 37.35 ? 153 ASN A O     1 
ATOM   528  C CB    . ASN B 2 27  ? 16.444  11.175  -3.929  1.00 38.39 ? 153 ASN A CB    1 
ATOM   529  C CG    . ASN B 2 27  ? 16.543  12.021  -5.182  1.00 39.33 ? 153 ASN A CG    1 
ATOM   530  O OD1   . ASN B 2 27  ? 15.667  12.012  -6.041  1.00 43.26 ? 153 ASN A OD1   1 
ATOM   531  N ND2   . ASN B 2 27  ? 17.638  12.739  -5.301  1.00 38.67 ? 153 ASN A ND2   1 
ATOM   532  N N     . ARG B 2 28  ? 14.132  10.264  -1.426  1.00 36.51 ? 154 ARG A N     1 
ATOM   533  C CA    . ARG B 2 28  ? 13.921  9.571   -0.158  1.00 35.02 ? 154 ARG A CA    1 
ATOM   534  C C     . ARG B 2 28  ? 13.504  8.119   -0.386  1.00 33.54 ? 154 ARG A C     1 
ATOM   535  O O     . ARG B 2 28  ? 12.747  7.797   -1.311  1.00 32.55 ? 154 ARG A O     1 
ATOM   536  C CB    . ARG B 2 28  ? 12.851  10.287  0.645   1.00 34.33 ? 154 ARG A CB    1 
ATOM   537  C CG    . ARG B 2 28  ? 12.791  9.952   2.094   1.00 37.22 ? 154 ARG A CG    1 
ATOM   538  C CD    . ARG B 2 28  ? 11.619  10.646  2.815   1.00 35.27 ? 154 ARG A CD    1 
ATOM   539  N NE    . ARG B 2 28  ? 11.245  9.919   4.020   1.00 37.47 ? 154 ARG A NE    1 
ATOM   540  C CZ    . ARG B 2 28  ? 10.022  9.894   4.528   1.00 38.95 ? 154 ARG A CZ    1 
ATOM   541  N NH1   . ARG B 2 28  ? 9.054   10.562  3.921   1.00 30.72 ? 154 ARG A NH1   1 
ATOM   542  N NH2   . ARG B 2 28  ? 9.769   9.198   5.653   1.00 42.85 ? 154 ARG A NH2   1 
ATOM   543  N N     . THR B 2 29  ? 14.044  7.268   0.473   1.00 31.80 ? 155 THR A N     1 
ATOM   544  C CA    . THR B 2 29  ? 13.727  5.861   0.545   1.00 31.15 ? 155 THR A CA    1 
ATOM   545  C C     . THR B 2 29  ? 13.038  5.622   1.901   1.00 30.14 ? 155 THR A C     1 
ATOM   546  O O     . THR B 2 29  ? 13.278  6.291   2.911   1.00 30.29 ? 155 THR A O     1 
ATOM   547  C CB    . THR B 2 29  ? 14.976  4.923   0.334   1.00 29.72 ? 155 THR A CB    1 
ATOM   548  O OG1   . THR B 2 29  ? 15.965  5.252   1.293   1.00 33.17 ? 155 THR A OG1   1 
ATOM   549  C CG2   . THR B 2 29  ? 15.615  5.116   -1.035  1.00 29.21 ? 155 THR A CG2   1 
ATOM   550  N N     . LEU B 2 30  ? 12.112  4.703   1.904   1.00 29.67 ? 156 LEU A N     1 
ATOM   551  C CA    . LEU B 2 30  ? 11.464  4.417   3.127   1.00 29.93 ? 156 LEU A CA    1 
ATOM   552  C C     . LEU B 2 30  ? 11.183  2.969   3.122   1.00 29.82 ? 156 LEU A C     1 
ATOM   553  O O     . LEU B 2 30  ? 11.665  2.259   2.244   1.00 29.45 ? 156 LEU A O     1 
ATOM   554  C CB    . LEU B 2 30  ? 10.192  5.276   3.381   1.00 30.29 ? 156 LEU A CB    1 
ATOM   555  C CG    . LEU B 2 30  ? 9.073   5.917   2.570   1.00 29.62 ? 156 LEU A CG    1 
ATOM   556  C CD1   . LEU B 2 30  ? 8.146   6.546   3.605   1.00 28.98 ? 156 LEU A CD1   1 
ATOM   557  C CD2   . LEU B 2 30  ? 9.495   7.046   1.608   1.00 28.41 ? 156 LEU A CD2   1 
ATOM   558  N N     . ALA B 2 31  ? 10.412  2.533   4.112   1.00 30.22 ? 157 ALA A N     1 
ATOM   559  C CA    . ALA B 2 31  ? 10.291  1.135   4.396   1.00 31.30 ? 157 ALA A CA    1 
ATOM   560  C C     . ALA B 2 31  ? 8.851   0.806   4.775   1.00 31.91 ? 157 ALA A C     1 
ATOM   561  O O     . ALA B 2 31  ? 8.550   -0.272  5.245   1.00 32.65 ? 157 ALA A O     1 
ATOM   562  C CB    . ALA B 2 31  ? 11.311  0.742   5.498   1.00 30.93 ? 157 ALA A CB    1 
ATOM   563  N N     . CYS B 2 32  ? 7.951   1.738   4.531   1.00 32.64 ? 158 CYS A N     1 
ATOM   564  C CA    . CYS B 2 32  ? 6.567   1.450   4.721   1.00 32.69 ? 158 CYS A CA    1 
ATOM   565  C C     . CYS B 2 32  ? 5.731   2.133   3.622   1.00 32.36 ? 158 CYS A C     1 
ATOM   566  O O     . CYS B 2 32  ? 5.900   3.326   3.348   1.00 32.54 ? 158 CYS A O     1 
ATOM   567  C CB    . CYS B 2 32  ? 6.142   1.835   6.132   1.00 32.26 ? 158 CYS A CB    1 
ATOM   568  S SG    . CYS B 2 32  ? 4.444   1.485   6.443   1.00 36.15 ? 158 CYS A SG    1 
ATOM   569  N N     . PHE B 2 33  ? 4.861   1.343   2.985   1.00 31.25 ? 159 PHE A N     1 
ATOM   570  C CA    . PHE B 2 33  ? 4.165   1.728   1.779   1.00 30.52 ? 159 PHE A CA    1 
ATOM   571  C C     . PHE B 2 33  ? 2.767   1.254   1.875   1.00 31.57 ? 159 PHE A C     1 
ATOM   572  O O     . PHE B 2 33  ? 2.467   0.362   2.679   1.00 31.45 ? 159 PHE A O     1 
ATOM   573  C CB    . PHE B 2 33  ? 4.810   1.052   0.575   1.00 29.27 ? 159 PHE A CB    1 
ATOM   574  C CG    . PHE B 2 33  ? 6.272   1.332   0.471   1.00 30.19 ? 159 PHE A CG    1 
ATOM   575  C CD1   . PHE B 2 33  ? 6.725   2.525   -0.177  1.00 23.21 ? 159 PHE A CD1   1 
ATOM   576  C CD2   . PHE B 2 33  ? 7.201   0.454   1.063   1.00 23.86 ? 159 PHE A CD2   1 
ATOM   577  C CE1   . PHE B 2 33  ? 8.045   2.808   -0.231  1.00 22.81 ? 159 PHE A CE1   1 
ATOM   578  C CE2   . PHE B 2 33  ? 8.551   0.756   1.014   1.00 26.12 ? 159 PHE A CE2   1 
ATOM   579  C CZ    . PHE B 2 33  ? 8.982   1.930   0.376   1.00 25.42 ? 159 PHE A CZ    1 
ATOM   580  N N     . ALA B 2 34  ? 1.927   1.860   1.033   1.00 31.19 ? 160 ALA A N     1 
ATOM   581  C CA    . ALA B 2 34  ? 0.551   1.478   0.805   1.00 30.28 ? 160 ALA A CA    1 
ATOM   582  C C     . ALA B 2 34  ? 0.221   1.720   -0.666  1.00 29.60 ? 160 ALA A C     1 
ATOM   583  O O     . ALA B 2 34  ? 0.696   2.653   -1.252  1.00 28.87 ? 160 ALA A O     1 
ATOM   584  C CB    . ALA B 2 34  ? -0.399  2.292   1.704   1.00 31.10 ? 160 ALA A CB    1 
ATOM   585  N N     . ILE B 2 35  ? -0.581  0.830   -1.232  1.00 30.15 ? 161 ILE A N     1 
ATOM   586  C CA    . ILE B 2 35  ? -1.025  0.848   -2.625  1.00 30.50 ? 161 ILE A CA    1 
ATOM   587  C C     . ILE B 2 35  ? -2.551  0.798   -2.534  1.00 31.13 ? 161 ILE A C     1 
ATOM   588  O O     . ILE B 2 35  ? -3.092  0.082   -1.739  1.00 31.98 ? 161 ILE A O     1 
ATOM   589  C CB    . ILE B 2 35  ? -0.461  -0.389  -3.422  1.00 30.38 ? 161 ILE A CB    1 
ATOM   590  C CG1   . ILE B 2 35  ? 1.053   -0.251  -3.608  1.00 31.73 ? 161 ILE A CG1   1 
ATOM   591  C CG2   . ILE B 2 35  ? -1.214  -0.637  -4.728  1.00 28.68 ? 161 ILE A CG2   1 
ATOM   592  C CD1   . ILE B 2 35  ? 1.881   -1.550  -3.771  1.00 29.75 ? 161 ILE A CD1   1 
ATOM   593  N N     . TYR B 2 36  ? -3.229  1.624   -3.306  1.00 33.35 ? 162 TYR A N     1 
ATOM   594  C CA    . TYR B 2 36  ? -4.683  1.608   -3.444  1.00 34.49 ? 162 TYR A CA    1 
ATOM   595  C C     . TYR B 2 36  ? -4.986  1.104   -4.849  1.00 34.58 ? 162 TYR A C     1 
ATOM   596  O O     . TYR B 2 36  ? -4.466  1.630   -5.823  1.00 34.06 ? 162 TYR A O     1 
ATOM   597  C CB    . TYR B 2 36  ? -5.187  3.037   -3.302  1.00 35.75 ? 162 TYR A CB    1 
ATOM   598  C CG    . TYR B 2 36  ? -6.643  3.231   -2.954  1.00 37.74 ? 162 TYR A CG    1 
ATOM   599  C CD1   . TYR B 2 36  ? -7.451  2.166   -2.546  1.00 41.74 ? 162 TYR A CD1   1 
ATOM   600  C CD2   . TYR B 2 36  ? -7.207  4.493   -2.991  1.00 41.07 ? 162 TYR A CD2   1 
ATOM   601  C CE1   . TYR B 2 36  ? -8.792  2.365   -2.199  1.00 40.85 ? 162 TYR A CE1   1 
ATOM   602  C CE2   . TYR B 2 36  ? -8.547  4.713   -2.643  1.00 43.45 ? 162 TYR A CE2   1 
ATOM   603  C CZ    . TYR B 2 36  ? -9.340  3.639   -2.232  1.00 41.06 ? 162 TYR A CZ    1 
ATOM   604  O OH    . TYR B 2 36  ? -10.678 3.838   -1.858  1.00 39.20 ? 162 TYR A OH    1 
ATOM   605  N N     . THR B 2 37  ? -5.793  0.057   -4.935  1.00 35.07 ? 163 THR A N     1 
ATOM   606  C CA    . THR B 2 37  ? -6.200  -0.535  -6.208  1.00 35.76 ? 163 THR A CA    1 
ATOM   607  C C     . THR B 2 37  ? -7.417  -1.472  -6.026  1.00 37.45 ? 163 THR A C     1 
ATOM   608  O O     . THR B 2 37  ? -7.946  -1.620  -4.917  1.00 38.62 ? 163 THR A O     1 
ATOM   609  C CB    . THR B 2 37  ? -5.023  -1.262  -6.931  1.00 34.86 ? 163 THR A CB    1 
ATOM   610  O OG1   . THR B 2 37  ? -5.447  -1.623  -8.252  1.00 35.28 ? 163 THR A OG1   1 
ATOM   611  C CG2   . THR B 2 37  ? -4.587  -2.481  -6.190  1.00 31.53 ? 163 THR A CG2   1 
ATOM   612  N N     . THR B 2 38  ? -7.841  -2.110  -7.102  1.00 39.18 ? 164 THR A N     1 
ATOM   613  C CA    . THR B 2 38  ? -8.992  -3.020  -7.061  1.00 40.85 ? 164 THR A CA    1 
ATOM   614  C C     . THR B 2 38  ? -8.626  -4.290  -6.278  1.00 42.39 ? 164 THR A C     1 
ATOM   615  O O     . THR B 2 38  ? -7.436  -4.657  -6.183  1.00 43.58 ? 164 THR A O     1 
ATOM   616  C CB    . THR B 2 38  ? -9.493  -3.359  -8.476  1.00 40.15 ? 164 THR A CB    1 
ATOM   617  O OG1   . THR B 2 38  ? -8.501  -4.131  -9.152  1.00 41.79 ? 164 THR A OG1   1 
ATOM   618  C CG2   . THR B 2 38  ? -9.725  -2.095  -9.279  1.00 38.59 ? 164 THR A CG2   1 
ATOM   619  N N     . LYS B 2 39  ? -9.652  -4.910  -5.685  1.00 43.35 ? 165 LYS A N     1 
ATOM   620  C CA    . LYS B 2 39  ? -9.562  -6.081  -4.804  1.00 44.35 ? 165 LYS A CA    1 
ATOM   621  C C     . LYS B 2 39  ? -8.758  -7.186  -5.418  1.00 43.42 ? 165 LYS A C     1 
ATOM   622  O O     . LYS B 2 39  ? -7.963  -7.849  -4.730  1.00 44.10 ? 165 LYS A O     1 
ATOM   623  C CB    . LYS B 2 39  ? -10.980 -6.603  -4.497  1.00 45.47 ? 165 LYS A CB    1 
ATOM   624  C CG    . LYS B 2 39  ? -11.074 -7.911  -3.681  1.00 47.23 ? 165 LYS A CG    1 
ATOM   625  C CD    . LYS B 2 39  ? -12.489 -8.551  -3.815  1.00 47.14 ? 165 LYS A CD    1 
ATOM   626  C CE    . LYS B 2 39  ? -12.818 -9.506  -2.630  1.00 50.34 ? 165 LYS A CE    1 
ATOM   627  N NZ    . LYS B 2 39  ? -13.160 -8.852  -1.299  1.00 53.30 ? 165 LYS A NZ    1 
ATOM   628  N N     . GLU B 2 40  ? -8.938  -7.359  -6.719  1.00 42.72 ? 166 GLU A N     1 
ATOM   629  C CA    . GLU B 2 40  ? -8.315  -8.454  -7.412  1.00 42.19 ? 166 GLU A CA    1 
ATOM   630  C C     . GLU B 2 40  ? -6.867  -8.166  -7.744  1.00 40.50 ? 166 GLU A C     1 
ATOM   631  O O     . GLU B 2 40  ? -6.029  -9.091  -7.681  1.00 39.85 ? 166 GLU A O     1 
ATOM   632  C CB    . GLU B 2 40  ? -9.140  -8.847  -8.646  1.00 43.77 ? 166 GLU A CB    1 
ATOM   633  C CG    . GLU B 2 40  ? -10.507 -9.488  -8.271  1.00 47.85 ? 166 GLU A CG    1 
ATOM   634  C CD    . GLU B 2 40  ? -11.536 -8.462  -7.809  1.00 55.04 ? 166 GLU A CD    1 
ATOM   635  O OE1   . GLU B 2 40  ? -11.377 -7.261  -8.193  1.00 56.78 ? 166 GLU A OE1   1 
ATOM   636  O OE2   . GLU B 2 40  ? -12.498 -8.864  -7.073  1.00 56.89 ? 166 GLU A OE2   1 
ATOM   637  N N     . LYS B 2 41  ? -6.562  -6.899  -8.076  1.00 38.36 ? 167 LYS A N     1 
ATOM   638  C CA    . LYS B 2 41  ? -5.149  -6.522  -8.265  1.00 36.37 ? 167 LYS A CA    1 
ATOM   639  C C     . LYS B 2 41  ? -4.384  -6.573  -6.936  1.00 35.49 ? 167 LYS A C     1 
ATOM   640  O O     . LYS B 2 41  ? -3.239  -7.020  -6.880  1.00 35.25 ? 167 LYS A O     1 
ATOM   641  C CB    . LYS B 2 41  ? -4.969  -5.207  -9.008  1.00 35.33 ? 167 LYS A CB    1 
ATOM   642  C CG    . LYS B 2 41  ? -5.647  -5.126  -10.356 1.00 32.60 ? 167 LYS A CG    1 
ATOM   643  C CD    . LYS B 2 41  ? -5.064  -6.045  -11.383 1.00 33.01 ? 167 LYS A CD    1 
ATOM   644  C CE    . LYS B 2 41  ? -5.957  -6.095  -12.651 1.00 33.82 ? 167 LYS A CE    1 
ATOM   645  N NZ    . LYS B 2 41  ? -5.338  -6.825  -13.798 1.00 29.22 ? 167 LYS A NZ    1 
ATOM   646  N N     . ALA B 2 42  ? -5.048  -6.181  -5.865  1.00 36.04 ? 168 ALA A N     1 
ATOM   647  C CA    . ALA B 2 42  ? -4.462  -6.223  -4.532  1.00 36.43 ? 168 ALA A CA    1 
ATOM   648  C C     . ALA B 2 42  ? -4.185  -7.657  -4.018  1.00 37.78 ? 168 ALA A C     1 
ATOM   649  O O     . ALA B 2 42  ? -3.124  -7.914  -3.404  1.00 38.97 ? 168 ALA A O     1 
ATOM   650  C CB    . ALA B 2 42  ? -5.321  -5.470  -3.603  1.00 36.51 ? 168 ALA A CB    1 
ATOM   651  N N     . ALA B 2 43  ? -5.099  -8.603  -4.287  1.00 38.01 ? 169 ALA A N     1 
ATOM   652  C CA    . ALA B 2 43  ? -4.864  -10.017 -3.975  1.00 37.57 ? 169 ALA A CA    1 
ATOM   653  C C     . ALA B 2 43  ? -3.613  -10.544 -4.689  1.00 38.39 ? 169 ALA A C     1 
ATOM   654  O O     . ALA B 2 43  ? -2.789  -11.274 -4.097  1.00 39.57 ? 169 ALA A O     1 
ATOM   655  C CB    . ALA B 2 43  ? -6.079  -10.849 -4.342  1.00 37.36 ? 169 ALA A CB    1 
ATOM   656  N N     . LEU B 2 44  ? -3.452  -10.174 -5.949  1.00 38.53 ? 170 LEU A N     1 
ATOM   657  C CA    . LEU B 2 44  ? -2.244  -10.553 -6.698  1.00 39.38 ? 170 LEU A CA    1 
ATOM   658  C C     . LEU B 2 44  ? -0.948  -9.933  -6.102  1.00 39.73 ? 170 LEU A C     1 
ATOM   659  O O     . LEU B 2 44  ? 0.081   -10.602 -5.939  1.00 39.95 ? 170 LEU A O     1 
ATOM   660  C CB    . LEU B 2 44  ? -2.388  -10.191 -8.191  1.00 38.74 ? 170 LEU A CB    1 
ATOM   661  C CG    . LEU B 2 44  ? -1.134  -10.053 -9.099  1.00 39.44 ? 170 LEU A CG    1 
ATOM   662  C CD1   . LEU B 2 44  ? -0.584  -11.394 -9.480  1.00 41.17 ? 170 LEU A CD1   1 
ATOM   663  C CD2   . LEU B 2 44  ? -1.482  -9.316  -10.347 1.00 38.67 ? 170 LEU A CD2   1 
ATOM   664  N N     . LEU B 2 45  ? -1.008  -8.638  -5.816  1.00 40.02 ? 171 LEU A N     1 
ATOM   665  C CA    . LEU B 2 45  ? 0.157   -7.907  -5.384  1.00 39.82 ? 171 LEU A CA    1 
ATOM   666  C C     . LEU B 2 45  ? 0.536   -8.342  -3.966  1.00 40.16 ? 171 LEU A C     1 
ATOM   667  O O     . LEU B 2 45  ? 1.707   -8.389  -3.626  1.00 40.77 ? 171 LEU A O     1 
ATOM   668  C CB    . LEU B 2 45  ? -0.117  -6.388  -5.497  1.00 40.03 ? 171 LEU A CB    1 
ATOM   669  C CG    . LEU B 2 45  ? 0.451   -5.522  -6.647  1.00 38.11 ? 171 LEU A CG    1 
ATOM   670  C CD1   . LEU B 2 45  ? 0.499   -6.227  -7.917  1.00 34.73 ? 171 LEU A CD1   1 
ATOM   671  C CD2   . LEU B 2 45  ? -0.427  -4.328  -6.813  1.00 41.37 ? 171 LEU A CD2   1 
ATOM   672  N N     . TYR B 2 46  ? -0.442  -8.664  -3.135  1.00 40.11 ? 172 TYR A N     1 
ATOM   673  C CA    . TYR B 2 46  ? -0.130  -9.272  -1.857  1.00 41.59 ? 172 TYR A CA    1 
ATOM   674  C C     . TYR B 2 46  ? 0.974   -10.348 -1.920  1.00 41.76 ? 172 TYR A C     1 
ATOM   675  O O     . TYR B 2 46  ? 1.945   -10.291 -1.189  1.00 42.43 ? 172 TYR A O     1 
ATOM   676  C CB    . TYR B 2 46  ? -1.378  -9.895  -1.243  1.00 42.33 ? 172 TYR A CB    1 
ATOM   677  C CG    . TYR B 2 46  ? -1.156  -10.366 0.170   1.00 42.23 ? 172 TYR A CG    1 
ATOM   678  C CD1   . TYR B 2 46  ? -1.359  -9.511  1.245   1.00 43.15 ? 172 TYR A CD1   1 
ATOM   679  C CD2   . TYR B 2 46  ? -0.750  -11.672 0.435   1.00 45.19 ? 172 TYR A CD2   1 
ATOM   680  C CE1   . TYR B 2 46  ? -1.153  -9.934  2.565   1.00 45.00 ? 172 TYR A CE1   1 
ATOM   681  C CE2   . TYR B 2 46  ? -0.536  -12.116 1.749   1.00 45.61 ? 172 TYR A CE2   1 
ATOM   682  C CZ    . TYR B 2 46  ? -0.755  -11.244 2.813   1.00 45.33 ? 172 TYR A CZ    1 
ATOM   683  O OH    . TYR B 2 46  ? -0.563  -11.670 4.112   1.00 43.24 ? 172 TYR A OH    1 
ATOM   684  N N     . LYS B 2 47  ? 0.777   -11.355 -2.750  1.00 42.01 ? 173 LYS A N     1 
ATOM   685  C CA    . LYS B 2 47  ? 1.697   -12.441 -2.839  1.00 43.18 ? 173 LYS A CA    1 
ATOM   686  C C     . LYS B 2 47  ? 2.998   -11.985 -3.466  1.00 42.48 ? 173 LYS A C     1 
ATOM   687  O O     . LYS B 2 47  ? 4.086   -12.290 -2.964  1.00 41.55 ? 173 LYS A O     1 
ATOM   688  C CB    . LYS B 2 47  ? 1.081   -13.586 -3.661  1.00 43.88 ? 173 LYS A CB    1 
ATOM   689  C CG    . LYS B 2 47  ? 0.012   -14.343 -2.900  1.00 47.58 ? 173 LYS A CG    1 
ATOM   690  C CD    . LYS B 2 47  ? -0.386  -15.626 -3.604  1.00 53.38 ? 173 LYS A CD    1 
ATOM   691  C CE    . LYS B 2 47  ? -1.839  -16.017 -3.265  1.00 57.04 ? 173 LYS A CE    1 
ATOM   692  N NZ    . LYS B 2 47  ? -2.474  -16.968 -4.288  1.00 60.01 ? 173 LYS A NZ    1 
ATOM   693  N N     . LYS B 2 48  ? 2.869   -11.260 -4.578  1.00 42.36 ? 174 LYS A N     1 
ATOM   694  C CA    . LYS B 2 48  ? 4.010   -10.796 -5.338  1.00 41.39 ? 174 LYS A CA    1 
ATOM   695  C C     . LYS B 2 48  ? 4.877   -9.799  -4.555  1.00 40.35 ? 174 LYS A C     1 
ATOM   696  O O     . LYS B 2 48  ? 6.094   -9.917  -4.549  1.00 38.88 ? 174 LYS A O     1 
ATOM   697  C CB    . LYS B 2 48  ? 3.536   -10.229 -6.677  1.00 42.45 ? 174 LYS A CB    1 
ATOM   698  C CG    . LYS B 2 48  ? 3.041   -11.294 -7.658  1.00 44.45 ? 174 LYS A CG    1 
ATOM   699  C CD    . LYS B 2 48  ? 4.175   -12.253 -8.056  1.00 44.63 ? 174 LYS A CD    1 
ATOM   700  C CE    . LYS B 2 48  ? 4.010   -12.748 -9.516  1.00 50.74 ? 174 LYS A CE    1 
ATOM   701  N NZ    . LYS B 2 48  ? 5.260   -13.448 -10.045 1.00 50.17 ? 174 LYS A NZ    1 
ATOM   702  N N     . ILE B 2 49  ? 4.247   -8.864  -3.859  1.00 40.13 ? 175 ILE A N     1 
ATOM   703  C CA    . ILE B 2 49  ? 4.985   -7.844  -3.108  1.00 41.37 ? 175 ILE A CA    1 
ATOM   704  C C     . ILE B 2 49  ? 5.743   -8.448  -1.913  1.00 42.69 ? 175 ILE A C     1 
ATOM   705  O O     . ILE B 2 49  ? 6.939   -8.178  -1.736  1.00 43.18 ? 175 ILE A O     1 
ATOM   706  C CB    . ILE B 2 49  ? 4.075   -6.682  -2.626  1.00 40.85 ? 175 ILE A CB    1 
ATOM   707  C CG1   . ILE B 2 49  ? 3.593   -5.805  -3.795  1.00 39.19 ? 175 ILE A CG1   1 
ATOM   708  C CG2   . ILE B 2 49  ? 4.803   -5.841  -1.551  1.00 41.32 ? 175 ILE A CG2   1 
ATOM   709  C CD1   . ILE B 2 49  ? 4.504   -4.672  -4.197  1.00 34.40 ? 175 ILE A CD1   1 
ATOM   710  N N     . MET B 2 50  ? 5.039   -9.248  -1.106  1.00 42.91 ? 176 MET A N     1 
ATOM   711  C CA    . MET B 2 50  ? 5.663   -10.142 -0.099  1.00 44.17 ? 176 MET A CA    1 
ATOM   712  C C     . MET B 2 50  ? 6.966   -10.825 -0.535  1.00 42.42 ? 176 MET A C     1 
ATOM   713  O O     . MET B 2 50  ? 7.946   -10.866 0.208   1.00 42.13 ? 176 MET A O     1 
ATOM   714  C CB    . MET B 2 50  ? 4.669   -11.241 0.327   1.00 43.61 ? 176 MET A CB    1 
ATOM   715  C CG    . MET B 2 50  ? 5.307   -12.277 1.255   1.00 45.74 ? 176 MET A CG    1 
ATOM   716  S SD    . MET B 2 50  ? 4.293   -13.698 1.671   1.00 47.67 ? 176 MET A SD    1 
ATOM   717  C CE    . MET B 2 50  ? 2.889   -12.914 2.446   1.00 43.33 ? 176 MET A CE    1 
ATOM   718  N N     . GLU B 2 51  ? 6.947   -11.391 -1.724  1.00 42.14 ? 177 GLU A N     1 
ATOM   719  C CA    . GLU B 2 51  ? 8.116   -12.075 -2.252  1.00 43.10 ? 177 GLU A CA    1 
ATOM   720  C C     . GLU B 2 51  ? 9.223   -11.174 -2.754  1.00 42.30 ? 177 GLU A C     1 
ATOM   721  O O     . GLU B 2 51  ? 10.400  -11.349 -2.388  1.00 43.13 ? 177 GLU A O     1 
ATOM   722  C CB    . GLU B 2 51  ? 7.716   -13.010 -3.378  1.00 44.23 ? 177 GLU A CB    1 
ATOM   723  C CG    . GLU B 2 51  ? 6.707   -14.062 -2.979  1.00 48.20 ? 177 GLU A CG    1 
ATOM   724  C CD    . GLU B 2 51  ? 6.375   -14.948 -4.148  1.00 54.56 ? 177 GLU A CD    1 
ATOM   725  O OE1   . GLU B 2 51  ? 7.170   -14.919 -5.151  1.00 55.94 ? 177 GLU A OE1   1 
ATOM   726  O OE2   . GLU B 2 51  ? 5.324   -15.646 -4.057  1.00 54.55 ? 177 GLU A OE2   1 
ATOM   727  N N     . LYS B 2 52  ? 8.865   -10.254 -3.649  1.00 40.67 ? 178 LYS A N     1 
ATOM   728  C CA    . LYS B 2 52  ? 9.799   -9.248  -4.164  1.00 38.68 ? 178 LYS A CA    1 
ATOM   729  C C     . LYS B 2 52  ? 10.622  -8.535  -3.082  1.00 38.72 ? 178 LYS A C     1 
ATOM   730  O O     . LYS B 2 52  ? 11.827  -8.377  -3.268  1.00 38.99 ? 178 LYS A O     1 
ATOM   731  C CB    . LYS B 2 52  ? 9.064   -8.215  -5.000  1.00 37.96 ? 178 LYS A CB    1 
ATOM   732  C CG    . LYS B 2 52  ? 9.950   -7.178  -5.625  1.00 35.49 ? 178 LYS A CG    1 
ATOM   733  C CD    . LYS B 2 52  ? 10.989  -7.745  -6.506  1.00 35.04 ? 178 LYS A CD    1 
ATOM   734  C CE    . LYS B 2 52  ? 11.930  -6.632  -6.910  1.00 37.62 ? 178 LYS A CE    1 
ATOM   735  N NZ    . LYS B 2 52  ? 12.554  -6.933  -8.239  1.00 39.99 ? 178 LYS A NZ    1 
ATOM   736  N N     . TYR B 2 53  ? 10.000  -8.136  -1.967  1.00 37.81 ? 179 TYR A N     1 
ATOM   737  C CA    . TYR B 2 53  ? 10.659  -7.202  -1.036  1.00 38.18 ? 179 TYR A CA    1 
ATOM   738  C C     . TYR B 2 53  ? 11.029  -7.843  0.303   1.00 38.93 ? 179 TYR A C     1 
ATOM   739  O O     . TYR B 2 53  ? 11.442  -7.140  1.246   1.00 37.63 ? 179 TYR A O     1 
ATOM   740  C CB    . TYR B 2 53  ? 9.852   -5.874  -0.869  1.00 37.14 ? 179 TYR A CB    1 
ATOM   741  C CG    . TYR B 2 53  ? 9.816   -5.091  -2.168  1.00 35.71 ? 179 TYR A CG    1 
ATOM   742  C CD1   . TYR B 2 53  ? 10.984  -4.656  -2.729  1.00 33.32 ? 179 TYR A CD1   1 
ATOM   743  C CD2   . TYR B 2 53  ? 8.616   -4.862  -2.861  1.00 33.82 ? 179 TYR A CD2   1 
ATOM   744  C CE1   . TYR B 2 53  ? 11.008  -4.002  -3.918  1.00 36.81 ? 179 TYR A CE1   1 
ATOM   745  C CE2   . TYR B 2 53  ? 8.620   -4.175  -4.067  1.00 31.54 ? 179 TYR A CE2   1 
ATOM   746  C CZ    . TYR B 2 53  ? 9.827   -3.757  -4.592  1.00 34.42 ? 179 TYR A CZ    1 
ATOM   747  O OH    . TYR B 2 53  ? 9.940   -3.114  -5.782  1.00 34.45 ? 179 TYR A OH    1 
ATOM   748  N N     . SER B 2 54  ? 10.886  -9.182  0.353   1.00 40.87 ? 180 SER A N     1 
ATOM   749  C CA    . SER B 2 54  ? 11.227  -10.019 1.527   1.00 41.69 ? 180 SER A CA    1 
ATOM   750  C C     . SER B 2 54  ? 10.536  -9.409  2.730   1.00 42.45 ? 180 SER A C     1 
ATOM   751  O O     . SER B 2 54  ? 11.110  -9.233  3.810   1.00 42.12 ? 180 SER A O     1 
ATOM   752  C CB    . SER B 2 54  ? 12.751  -10.115 1.687   1.00 41.92 ? 180 SER A CB    1 
ATOM   753  O OG    . SER B 2 54  ? 13.324  -10.414 0.401   1.00 45.11 ? 180 SER A OG    1 
ATOM   754  N N     . VAL B 2 55  ? 9.272   -9.063  2.505   1.00 42.99 ? 181 VAL A N     1 
ATOM   755  C CA    . VAL B 2 55  ? 8.534   -8.160  3.379   1.00 43.08 ? 181 VAL A CA    1 
ATOM   756  C C     . VAL B 2 55  ? 8.604   -8.613  4.840   1.00 43.68 ? 181 VAL A C     1 
ATOM   757  O O     . VAL B 2 55  ? 8.620   -9.804  5.084   1.00 43.24 ? 181 VAL A O     1 
ATOM   758  C CB    . VAL B 2 55  ? 7.102   -8.068  2.829   1.00 43.01 ? 181 VAL A CB    1 
ATOM   759  C CG1   . VAL B 2 55  ? 6.073   -8.350  3.839   1.00 42.38 ? 181 VAL A CG1   1 
ATOM   760  C CG2   . VAL B 2 55  ? 6.876   -6.752  2.036   1.00 41.95 ? 181 VAL A CG2   1 
ATOM   761  N N     . THR B 2 56  ? 8.679   -7.675  5.797   1.00 44.81 ? 182 THR A N     1 
ATOM   762  C CA    . THR B 2 56  ? 8.646   -8.034  7.221   1.00 46.02 ? 182 THR A CA    1 
ATOM   763  C C     . THR B 2 56  ? 7.213   -8.242  7.691   1.00 46.58 ? 182 THR A C     1 
ATOM   764  O O     . THR B 2 56  ? 6.972   -9.022  8.632   1.00 48.09 ? 182 THR A O     1 
ATOM   765  C CB    . THR B 2 56  ? 9.293   -6.984  8.193   1.00 46.19 ? 182 THR A CB    1 
ATOM   766  O OG1   . THR B 2 56  ? 8.425   -5.854  8.353   1.00 46.11 ? 182 THR A OG1   1 
ATOM   767  C CG2   . THR B 2 56  ? 10.686  -6.548  7.766   1.00 46.86 ? 182 THR A CG2   1 
ATOM   768  N N     . PHE B 2 57  ? 6.285   -7.519  7.059   1.00 45.66 ? 183 PHE A N     1 
ATOM   769  C CA    . PHE B 2 57  ? 4.846   -7.580  7.324   1.00 44.89 ? 183 PHE A CA    1 
ATOM   770  C C     . PHE B 2 57  ? 4.112   -7.032  6.047   1.00 44.87 ? 183 PHE A C     1 
ATOM   771  O O     . PHE B 2 57  ? 4.709   -6.316  5.238   1.00 44.14 ? 183 PHE A O     1 
ATOM   772  C CB    . PHE B 2 57  ? 4.490   -6.758  8.587   1.00 44.72 ? 183 PHE A CB    1 
ATOM   773  C CG    . PHE B 2 57  ? 2.998   -6.700  8.892   1.00 45.11 ? 183 PHE A CG    1 
ATOM   774  C CD1   . PHE B 2 57  ? 2.357   -7.751  9.573   1.00 46.71 ? 183 PHE A CD1   1 
ATOM   775  C CD2   . PHE B 2 57  ? 2.245   -5.615  8.502   1.00 40.34 ? 183 PHE A CD2   1 
ATOM   776  C CE1   . PHE B 2 57  ? 0.961   -7.709  9.839   1.00 45.49 ? 183 PHE A CE1   1 
ATOM   777  C CE2   . PHE B 2 57  ? 0.876   -5.566  8.744   1.00 44.57 ? 183 PHE A CE2   1 
ATOM   778  C CZ    . PHE B 2 57  ? 0.227   -6.616  9.432   1.00 46.18 ? 183 PHE A CZ    1 
ATOM   779  N N     . ILE B 2 58  ? 2.838   -7.397  5.882   1.00 43.84 ? 184 ILE A N     1 
ATOM   780  C CA    . ILE B 2 58  ? 2.021   -7.008  4.745   1.00 43.12 ? 184 ILE A CA    1 
ATOM   781  C C     . ILE B 2 58  ? 0.568   -7.360  5.066   1.00 43.76 ? 184 ILE A C     1 
ATOM   782  O O     . ILE B 2 58  ? 0.276   -8.505  5.408   1.00 43.31 ? 184 ILE A O     1 
ATOM   783  C CB    . ILE B 2 58  ? 2.473   -7.683  3.399   1.00 43.59 ? 184 ILE A CB    1 
ATOM   784  C CG1   . ILE B 2 58  ? 1.646   -7.190  2.180   1.00 39.00 ? 184 ILE A CG1   1 
ATOM   785  C CG2   . ILE B 2 58  ? 2.538   -9.248  3.491   1.00 42.55 ? 184 ILE A CG2   1 
ATOM   786  C CD1   . ILE B 2 58  ? 2.432   -7.300  0.879   1.00 33.98 ? 184 ILE A CD1   1 
ATOM   787  N N     . SER B 2 59  ? -0.319  -6.378  4.966   1.00 42.59 ? 185 SER A N     1 
ATOM   788  C CA    . SER B 2 59  ? -1.703  -6.635  5.159   1.00 43.65 ? 185 SER A CA    1 
ATOM   789  C C     . SER B 2 59  ? -2.477  -6.113  3.983   1.00 44.37 ? 185 SER A C     1 
ATOM   790  O O     . SER B 2 59  ? -2.092  -5.114  3.376   1.00 45.31 ? 185 SER A O     1 
ATOM   791  C CB    . SER B 2 59  ? -2.177  -5.946  6.403   1.00 43.16 ? 185 SER A CB    1 
ATOM   792  O OG    . SER B 2 59  ? -1.636  -4.652  6.455   1.00 44.12 ? 185 SER A OG    1 
ATOM   793  N N     . ARG B 2 60  ? -3.548  -6.821  3.644   1.00 44.25 ? 186 ARG A N     1 
ATOM   794  C CA    . ARG B 2 60  ? -4.486  -6.372  2.649   1.00 45.10 ? 186 ARG A CA    1 
ATOM   795  C C     . ARG B 2 60  ? -5.751  -5.968  3.378   1.00 45.39 ? 186 ARG A C     1 
ATOM   796  O O     . ARG B 2 60  ? -6.108  -6.598  4.333   1.00 45.77 ? 186 ARG A O     1 
ATOM   797  C CB    . ARG B 2 60  ? -4.744  -7.458  1.598   1.00 44.41 ? 186 ARG A CB    1 
ATOM   798  C CG    . ARG B 2 60  ? -5.551  -6.952  0.443   1.00 44.17 ? 186 ARG A CG    1 
ATOM   799  C CD    . ARG B 2 60  ? -5.462  -7.854  -0.733  1.00 47.04 ? 186 ARG A CD    1 
ATOM   800  N NE    . ARG B 2 60  ? -5.826  -9.255  -0.472  1.00 49.85 ? 186 ARG A NE    1 
ATOM   801  C CZ    . ARG B 2 60  ? -6.975  -9.853  -0.815  1.00 50.79 ? 186 ARG A CZ    1 
ATOM   802  N NH1   . ARG B 2 60  ? -7.974  -9.191  -1.420  1.00 48.24 ? 186 ARG A NH1   1 
ATOM   803  N NH2   . ARG B 2 60  ? -7.127  -11.147 -0.526  1.00 50.29 ? 186 ARG A NH2   1 
ATOM   804  N N     . HIS B 2 61  ? -6.408  -4.908  2.910   1.00 47.13 ? 187 HIS A N     1 
ATOM   805  C CA    . HIS B 2 61  ? -7.488  -4.231  3.626   1.00 48.33 ? 187 HIS A CA    1 
ATOM   806  C C     . HIS B 2 61  ? -8.601  -3.873  2.679   1.00 49.32 ? 187 HIS A C     1 
ATOM   807  O O     . HIS B 2 61  ? -8.345  -3.581  1.511   1.00 49.30 ? 187 HIS A O     1 
ATOM   808  C CB    . HIS B 2 61  ? -6.980  -2.929  4.298   1.00 48.55 ? 187 HIS A CB    1 
ATOM   809  C CG    . HIS B 2 61  ? -5.913  -3.154  5.327   1.00 47.85 ? 187 HIS A CG    1 
ATOM   810  N ND1   . HIS B 2 61  ? -6.197  -3.539  6.616   1.00 45.58 ? 187 HIS A ND1   1 
ATOM   811  C CD2   . HIS B 2 61  ? -4.559  -3.086  5.246   1.00 47.00 ? 187 HIS A CD2   1 
ATOM   812  C CE1   . HIS B 2 61  ? -5.066  -3.697  7.287   1.00 46.32 ? 187 HIS A CE1   1 
ATOM   813  N NE2   . HIS B 2 61  ? -4.059  -3.420  6.480   1.00 45.86 ? 187 HIS A NE2   1 
ATOM   814  N N     . ASN B 2 62  ? -9.838  -3.874  3.185   1.00 51.32 ? 188 ASN A N     1 
ATOM   815  C CA    . ASN B 2 62  ? -10.992 -3.348  2.428   1.00 52.20 ? 188 ASN A CA    1 
ATOM   816  C C     . ASN B 2 62  ? -11.049 -1.851  2.596   1.00 52.66 ? 188 ASN A C     1 
ATOM   817  O O     . ASN B 2 62  ? -11.074 -1.349  3.707   1.00 53.37 ? 188 ASN A O     1 
ATOM   818  C CB    . ASN B 2 62  ? -12.344 -3.984  2.862   1.00 52.21 ? 188 ASN A CB    1 
ATOM   819  C CG    . ASN B 2 62  ? -13.540 -3.579  1.923   1.00 52.79 ? 188 ASN A CG    1 
ATOM   820  O OD1   . ASN B 2 62  ? -14.470 -2.830  2.325   1.00 53.59 ? 188 ASN A OD1   1 
ATOM   821  N ND2   . ASN B 2 62  ? -13.509 -4.075  0.684   1.00 50.35 ? 188 ASN A ND2   1 
ATOM   822  N N     . SER B 2 63  ? -11.064 -1.135  1.493   1.00 53.51 ? 189 SER A N     1 
ATOM   823  C CA    . SER B 2 63  ? -11.164 0.318   1.552   1.00 54.48 ? 189 SER A CA    1 
ATOM   824  C C     . SER B 2 63  ? -12.230 0.694   0.575   1.00 54.55 ? 189 SER A C     1 
ATOM   825  O O     . SER B 2 63  ? -12.030 0.639   -0.633  1.00 54.39 ? 189 SER A O     1 
ATOM   826  C CB    . SER B 2 63  ? -9.834  1.007   1.193   1.00 54.04 ? 189 SER A CB    1 
ATOM   827  O OG    . SER B 2 63  ? -9.959  2.413   1.225   1.00 54.94 ? 189 SER A OG    1 
ATOM   828  N N     . TYR B 2 64  ? -13.380 1.051   1.125   1.00 55.58 ? 190 TYR A N     1 
ATOM   829  C CA    . TYR B 2 64  ? -14.571 1.340   0.338   1.00 56.17 ? 190 TYR A CA    1 
ATOM   830  C C     . TYR B 2 64  ? -14.885 0.175   -0.624  1.00 55.48 ? 190 TYR A C     1 
ATOM   831  O O     . TYR B 2 64  ? -15.118 -0.960  -0.197  1.00 55.33 ? 190 TYR A O     1 
ATOM   832  C CB    . TYR B 2 64  ? -14.465 2.745   -0.302  1.00 57.11 ? 190 TYR A CB    1 
ATOM   833  C CG    . TYR B 2 64  ? -14.538 3.819   0.784   1.00 59.09 ? 190 TYR A CG    1 
ATOM   834  C CD1   . TYR B 2 64  ? -13.545 3.916   1.756   1.00 62.26 ? 190 TYR A CD1   1 
ATOM   835  C CD2   . TYR B 2 64  ? -15.620 4.707   0.868   1.00 61.74 ? 190 TYR A CD2   1 
ATOM   836  C CE1   . TYR B 2 64  ? -13.617 4.862   2.790   1.00 63.15 ? 190 TYR A CE1   1 
ATOM   837  C CE2   . TYR B 2 64  ? -15.699 5.679   1.900   1.00 60.15 ? 190 TYR A CE2   1 
ATOM   838  C CZ    . TYR B 2 64  ? -14.698 5.738   2.864   1.00 61.19 ? 190 TYR A CZ    1 
ATOM   839  O OH    . TYR B 2 64  ? -14.727 6.682   3.895   1.00 61.22 ? 190 TYR A OH    1 
ATOM   840  N N     . ASN B 2 65  ? -14.874 0.435   -1.912  1.00 54.86 ? 191 ASN A N     1 
ATOM   841  C CA    . ASN B 2 65  ? -15.196 -0.604  -2.874  1.00 54.68 ? 191 ASN A CA    1 
ATOM   842  C C     . ASN B 2 65  ? -13.957 -1.404  -3.263  1.00 53.23 ? 191 ASN A C     1 
ATOM   843  O O     . ASN B 2 65  ? -13.990 -2.217  -4.211  1.00 53.43 ? 191 ASN A O     1 
ATOM   844  C CB    . ASN B 2 65  ? -15.817 0.067   -4.104  1.00 55.87 ? 191 ASN A CB    1 
ATOM   845  C CG    . ASN B 2 65  ? -15.754 1.600   -4.019  1.00 58.52 ? 191 ASN A CG    1 
ATOM   846  O OD1   . ASN B 2 65  ? -16.795 2.262   -3.870  1.00 61.38 ? 191 ASN A OD1   1 
ATOM   847  N ND2   . ASN B 2 65  ? -14.535 2.163   -4.072  1.00 59.45 ? 191 ASN A ND2   1 
ATOM   848  N N     . HIS B 2 66  ? -12.864 -1.171  -2.526  1.00 50.52 ? 192 HIS A N     1 
ATOM   849  C CA    . HIS B 2 66  ? -11.545 -1.517  -3.005  1.00 48.19 ? 192 HIS A CA    1 
ATOM   850  C C     . HIS B 2 66  ? -10.644 -2.111  -1.917  1.00 47.62 ? 192 HIS A C     1 
ATOM   851  O O     . HIS B 2 66  ? -11.127 -2.528  -0.874  1.00 48.31 ? 192 HIS A O     1 
ATOM   852  C CB    . HIS B 2 66  ? -10.920 -0.308  -3.717  1.00 47.14 ? 192 HIS A CB    1 
ATOM   853  C CG    . HIS B 2 66  ? -11.623 0.074   -4.987  1.00 45.84 ? 192 HIS A CG    1 
ATOM   854  N ND1   . HIS B 2 66  ? -11.945 -0.842  -5.976  1.00 44.82 ? 192 HIS A ND1   1 
ATOM   855  C CD2   . HIS B 2 66  ? -12.057 1.277   -5.436  1.00 44.06 ? 192 HIS A CD2   1 
ATOM   856  C CE1   . HIS B 2 66  ? -12.524 -0.214  -6.986  1.00 42.04 ? 192 HIS A CE1   1 
ATOM   857  N NE2   . HIS B 2 66  ? -12.599 1.071   -6.684  1.00 43.04 ? 192 HIS A NE2   1 
ATOM   858  N N     . ASN B 2 67  ? -9.347  -2.175  -2.191  1.00 46.14 ? 193 ASN A N     1 
ATOM   859  C CA    . ASN B 2 67  ? -8.380  -2.811  -1.314  1.00 44.64 ? 193 ASN A CA    1 
ATOM   860  C C     . ASN B 2 67  ? -7.144  -1.955  -1.185  1.00 44.03 ? 193 ASN A C     1 
ATOM   861  O O     . ASN B 2 67  ? -6.641  -1.440  -2.192  1.00 43.96 ? 193 ASN A O     1 
ATOM   862  C CB    . ASN B 2 67  ? -7.937  -4.127  -1.905  1.00 44.23 ? 193 ASN A CB    1 
ATOM   863  C CG    . ASN B 2 67  ? -8.858  -5.297  -1.536  1.00 44.13 ? 193 ASN A CG    1 
ATOM   864  O OD1   . ASN B 2 67  ? -8.389  -6.443  -1.482  1.00 39.99 ? 193 ASN A OD1   1 
ATOM   865  N ND2   . ASN B 2 67  ? -10.157 -5.022  -1.296  1.00 37.60 ? 193 ASN A ND2   1 
ATOM   866  N N     . ILE B 2 68  ? -6.670  -1.822  0.052   1.00 42.67 ? 194 ILE A N     1 
ATOM   867  C CA    . ILE B 2 68  ? -5.417  -1.196  0.344   1.00 41.66 ? 194 ILE A CA    1 
ATOM   868  C C     . ILE B 2 68  ? -4.379  -2.234  0.816   1.00 42.23 ? 194 ILE A C     1 
ATOM   869  O O     . ILE B 2 68  ? -4.551  -2.966  1.789   1.00 42.73 ? 194 ILE A O     1 
ATOM   870  C CB    . ILE B 2 68  ? -5.603  0.009   1.320   1.00 41.40 ? 194 ILE A CB    1 
ATOM   871  C CG1   . ILE B 2 68  ? -6.402  1.112   0.614   1.00 38.69 ? 194 ILE A CG1   1 
ATOM   872  C CG2   . ILE B 2 68  ? -4.252  0.556   1.807   1.00 41.04 ? 194 ILE A CG2   1 
ATOM   873  C CD1   . ILE B 2 68  ? -6.561  2.332   1.384   1.00 36.23 ? 194 ILE A CD1   1 
ATOM   874  N N     . LEU B 2 69  ? -3.295  -2.310  0.084   1.00 41.53 ? 195 LEU A N     1 
ATOM   875  C CA    . LEU B 2 69  ? -2.166  -3.085  0.508   1.00 41.20 ? 195 LEU A CA    1 
ATOM   876  C C     . LEU B 2 69  ? -1.273  -2.164  1.359   1.00 41.01 ? 195 LEU A C     1 
ATOM   877  O O     . LEU B 2 69  ? -0.966  -1.042  0.957   1.00 41.18 ? 195 LEU A O     1 
ATOM   878  C CB    . LEU B 2 69  ? -1.465  -3.548  -0.747  1.00 40.82 ? 195 LEU A CB    1 
ATOM   879  C CG    . LEU B 2 69  ? -0.914  -4.925  -1.023  1.00 43.00 ? 195 LEU A CG    1 
ATOM   880  C CD1   . LEU B 2 69  ? -1.654  -6.066  -0.234  1.00 42.64 ? 195 LEU A CD1   1 
ATOM   881  C CD2   . LEU B 2 69  ? -1.036  -5.074  -2.557  1.00 40.83 ? 195 LEU A CD2   1 
ATOM   882  N N     . PHE B 2 70  ? -0.904  -2.642  2.547   1.00 40.57 ? 196 PHE A N     1 
ATOM   883  C CA    . PHE B 2 70  ? -0.042  -1.949  3.506   1.00 39.36 ? 196 PHE A CA    1 
ATOM   884  C C     . PHE B 2 70  ? 1.164   -2.890  3.762   1.00 39.10 ? 196 PHE A C     1 
ATOM   885  O O     . PHE B 2 70  ? 0.958   -4.075  3.895   1.00 40.03 ? 196 PHE A O     1 
ATOM   886  C CB    . PHE B 2 70  ? -0.826  -1.686  4.802   1.00 37.83 ? 196 PHE A CB    1 
ATOM   887  C CG    . PHE B 2 70  ? 0.024   -1.187  5.929   1.00 37.80 ? 196 PHE A CG    1 
ATOM   888  C CD1   . PHE B 2 70  ? 0.170   0.181   6.157   1.00 37.73 ? 196 PHE A CD1   1 
ATOM   889  C CD2   . PHE B 2 70  ? 0.724   -2.083  6.738   1.00 37.12 ? 196 PHE A CD2   1 
ATOM   890  C CE1   . PHE B 2 70  ? 0.976   0.649   7.175   1.00 37.49 ? 196 PHE A CE1   1 
ATOM   891  C CE2   . PHE B 2 70  ? 1.548   -1.626  7.764   1.00 37.44 ? 196 PHE A CE2   1 
ATOM   892  C CZ    . PHE B 2 70  ? 1.677   -0.267  7.989   1.00 37.55 ? 196 PHE A CZ    1 
ATOM   893  N N     . PHE B 2 71  ? 2.402   -2.400  3.817   1.00 38.24 ? 197 PHE A N     1 
ATOM   894  C CA    . PHE B 2 71  ? 3.538   -3.299  4.045   1.00 37.82 ? 197 PHE A CA    1 
ATOM   895  C C     . PHE B 2 71  ? 4.839   -2.610  4.482   1.00 38.89 ? 197 PHE A C     1 
ATOM   896  O O     . PHE B 2 71  ? 5.029   -1.428  4.219   1.00 39.57 ? 197 PHE A O     1 
ATOM   897  C CB    . PHE B 2 71  ? 3.781   -4.223  2.842   1.00 37.46 ? 197 PHE A CB    1 
ATOM   898  C CG    . PHE B 2 71  ? 3.832   -3.519  1.494   1.00 36.47 ? 197 PHE A CG    1 
ATOM   899  C CD1   . PHE B 2 71  ? 5.056   -3.255  0.875   1.00 36.53 ? 197 PHE A CD1   1 
ATOM   900  C CD2   . PHE B 2 71  ? 2.667   -3.174  0.827   1.00 36.21 ? 197 PHE A CD2   1 
ATOM   901  C CE1   . PHE B 2 71  ? 5.109   -2.623  -0.354  1.00 35.66 ? 197 PHE A CE1   1 
ATOM   902  C CE2   . PHE B 2 71  ? 2.715   -2.528  -0.403  1.00 34.15 ? 197 PHE A CE2   1 
ATOM   903  C CZ    . PHE B 2 71  ? 3.935   -2.261  -0.983  1.00 33.86 ? 197 PHE A CZ    1 
ATOM   904  N N     . LEU B 2 72  ? 5.727   -3.364  5.144   1.00 39.35 ? 198 LEU A N     1 
ATOM   905  C CA    . LEU B 2 72  ? 6.996   -2.857  5.599   1.00 39.86 ? 198 LEU A CA    1 
ATOM   906  C C     . LEU B 2 72  ? 8.090   -3.722  5.086   1.00 39.88 ? 198 LEU A C     1 
ATOM   907  O O     . LEU B 2 72  ? 7.922   -4.911  4.887   1.00 39.88 ? 198 LEU A O     1 
ATOM   908  C CB    . LEU B 2 72  ? 7.057   -2.739  7.137   1.00 41.50 ? 198 LEU A CB    1 
ATOM   909  C CG    . LEU B 2 72  ? 6.039   -1.776  7.787   1.00 42.93 ? 198 LEU A CG    1 
ATOM   910  C CD1   . LEU B 2 72  ? 4.766   -2.520  8.181   1.00 45.70 ? 198 LEU A CD1   1 
ATOM   911  C CD2   . LEU B 2 72  ? 6.577   -1.004  8.996   1.00 45.79 ? 198 LEU A CD2   1 
ATOM   912  N N     . THR B 2 73  ? 9.233   -3.122  4.823   1.00 40.74 ? 199 THR A N     1 
ATOM   913  C CA    . THR B 2 73  ? 10.307  -3.876  4.176   1.00 41.48 ? 199 THR A CA    1 
ATOM   914  C C     . THR B 2 73  ? 11.599  -3.876  4.990   1.00 42.97 ? 199 THR A C     1 
ATOM   915  O O     . THR B 2 73  ? 11.936  -2.875  5.608   1.00 43.61 ? 199 THR A O     1 
ATOM   916  C CB    . THR B 2 73  ? 10.592  -3.314  2.752   1.00 41.44 ? 199 THR A CB    1 
ATOM   917  O OG1   . THR B 2 73  ? 11.005  -1.950  2.854   1.00 37.64 ? 199 THR A OG1   1 
ATOM   918  C CG2   . THR B 2 73  ? 9.316   -3.441  1.842   1.00 39.61 ? 199 THR A CG2   1 
ATOM   919  N N     . PRO B 2 74  ? 12.352  -4.981  4.956   1.00 43.84 ? 200 PRO A N     1 
ATOM   920  C CA    . PRO B 2 74  ? 13.625  -4.999  5.675   1.00 44.27 ? 200 PRO A CA    1 
ATOM   921  C C     . PRO B 2 74  ? 14.579  -3.880  5.227   1.00 45.34 ? 200 PRO A C     1 
ATOM   922  O O     . PRO B 2 74  ? 15.286  -3.285  6.089   1.00 47.60 ? 200 PRO A O     1 
ATOM   923  C CB    . PRO B 2 74  ? 14.209  -6.387  5.337   1.00 44.55 ? 200 PRO A CB    1 
ATOM   924  C CG    . PRO B 2 74  ? 13.481  -6.821  4.067   1.00 43.78 ? 200 PRO A CG    1 
ATOM   925  C CD    . PRO B 2 74  ? 12.100  -6.239  4.231   1.00 44.12 ? 200 PRO A CD    1 
ATOM   926  N N     . HIS B 2 75  ? 14.636  -3.626  3.912   1.00 44.25 ? 201 HIS A N     1 
ATOM   927  C CA    . HIS B 2 75  ? 15.433  -2.555  3.329   1.00 42.91 ? 201 HIS A CA    1 
ATOM   928  C C     . HIS B 2 75  ? 14.589  -1.391  2.856   1.00 40.89 ? 201 HIS A C     1 
ATOM   929  O O     . HIS B 2 75  ? 13.378  -1.465  2.856   1.00 40.82 ? 201 HIS A O     1 
ATOM   930  C CB    . HIS B 2 75  ? 16.286  -3.102  2.202   1.00 44.74 ? 201 HIS A CB    1 
ATOM   931  C CG    . HIS B 2 75  ? 17.193  -4.202  2.659   1.00 49.58 ? 201 HIS A CG    1 
ATOM   932  N ND1   . HIS B 2 75  ? 17.974  -4.089  3.792   1.00 53.86 ? 201 HIS A ND1   1 
ATOM   933  C CD2   . HIS B 2 75  ? 17.400  -5.451  2.182   1.00 52.65 ? 201 HIS A CD2   1 
ATOM   934  C CE1   . HIS B 2 75  ? 18.641  -5.214  3.979   1.00 55.25 ? 201 HIS A CE1   1 
ATOM   935  N NE2   . HIS B 2 75  ? 18.322  -6.050  3.007   1.00 54.82 ? 201 HIS A NE2   1 
ATOM   936  N N     . ARG B 2 76  ? 15.222  -0.284  2.497   1.00 38.48 ? 202 ARG A N     1 
ATOM   937  C CA    . ARG B 2 76  ? 14.453  0.864   2.111   1.00 36.07 ? 202 ARG A CA    1 
ATOM   938  C C     . ARG B 2 76  ? 14.298  0.878   0.618   1.00 34.22 ? 202 ARG A C     1 
ATOM   939  O O     . ARG B 2 76  ? 15.144  0.370   -0.129  1.00 32.85 ? 202 ARG A O     1 
ATOM   940  C CB    . ARG B 2 76  ? 15.084  2.161   2.578   1.00 36.61 ? 202 ARG A CB    1 
ATOM   941  C CG    . ARG B 2 76  ? 14.829  2.492   4.042   1.00 39.45 ? 202 ARG A CG    1 
ATOM   942  C CD    . ARG B 2 76  ? 15.666  3.674   4.425   1.00 46.63 ? 202 ARG A CD    1 
ATOM   943  N NE    . ARG B 2 76  ? 15.243  4.279   5.683   1.00 55.99 ? 202 ARG A NE    1 
ATOM   944  C CZ    . ARG B 2 76  ? 15.745  5.428   6.149   1.00 61.20 ? 202 ARG A CZ    1 
ATOM   945  N NH1   . ARG B 2 76  ? 16.680  6.083   5.450   1.00 61.86 ? 202 ARG A NH1   1 
ATOM   946  N NH2   . ARG B 2 76  ? 15.316  5.935   7.307   1.00 62.11 ? 202 ARG A NH2   1 
ATOM   947  N N     . HIS B 2 77  ? 13.185  1.471   0.197   1.00 32.32 ? 203 HIS A N     1 
ATOM   948  C CA    . HIS B 2 77  ? 12.927  1.712   -1.201  1.00 29.03 ? 203 HIS A CA    1 
ATOM   949  C C     . HIS B 2 77  ? 12.345  3.067   -1.433  1.00 28.61 ? 203 HIS A C     1 
ATOM   950  O O     . HIS B 2 77  ? 11.687  3.667   -0.567  1.00 26.59 ? 203 HIS A O     1 
ATOM   951  C CB    . HIS B 2 77  ? 12.024  0.610   -1.752  1.00 29.12 ? 203 HIS A CB    1 
ATOM   952  C CG    . HIS B 2 77  ? 12.502  -0.773  -1.419  1.00 28.08 ? 203 HIS A CG    1 
ATOM   953  N ND1   . HIS B 2 77  ? 13.520  -1.395  -2.116  1.00 27.72 ? 203 HIS A ND1   1 
ATOM   954  C CD2   . HIS B 2 77  ? 12.132  -1.632  -0.433  1.00 24.73 ? 203 HIS A CD2   1 
ATOM   955  C CE1   . HIS B 2 77  ? 13.752  -2.577  -1.577  1.00 26.79 ? 203 HIS A CE1   1 
ATOM   956  N NE2   . HIS B 2 77  ? 12.901  -2.753  -0.575  1.00 28.30 ? 203 HIS A NE2   1 
ATOM   957  N N     . ARG B 2 78  ? 12.661  3.575   -2.623  1.00 27.99 ? 204 ARG A N     1 
ATOM   958  C CA    . ARG B 2 78  ? 11.970  4.690   -3.173  1.00 27.06 ? 204 ARG A CA    1 
ATOM   959  C C     . ARG B 2 78  ? 10.540  4.229   -3.494  1.00 27.70 ? 204 ARG A C     1 
ATOM   960  O O     . ARG B 2 78  ? 10.327  3.130   -4.066  1.00 27.53 ? 204 ARG A O     1 
ATOM   961  C CB    . ARG B 2 78  ? 12.664  5.130   -4.477  1.00 26.30 ? 204 ARG A CB    1 
ATOM   962  C CG    . ARG B 2 78  ? 13.893  5.976   -4.338  1.00 25.03 ? 204 ARG A CG    1 
ATOM   963  C CD    . ARG B 2 78  ? 14.140  6.662   -5.672  1.00 28.33 ? 204 ARG A CD    1 
ATOM   964  N NE    . ARG B 2 78  ? 15.357  7.468   -5.704  1.00 29.02 ? 204 ARG A NE    1 
ATOM   965  C CZ    . ARG B 2 78  ? 15.606  8.478   -6.545  1.00 32.22 ? 204 ARG A CZ    1 
ATOM   966  N NH1   . ARG B 2 78  ? 14.695  8.853   -7.425  1.00 27.90 ? 204 ARG A NH1   1 
ATOM   967  N NH2   . ARG B 2 78  ? 16.781  9.152   -6.476  1.00 33.49 ? 204 ARG A NH2   1 
ATOM   968  N N     . VAL B 2 79  ? 9.561   5.092   -3.205  1.00 28.01 ? 205 VAL A N     1 
ATOM   969  C CA    . VAL B 2 79  ? 8.152   4.833   -3.598  1.00 26.98 ? 205 VAL A CA    1 
ATOM   970  C C     . VAL B 2 79  ? 8.014   4.531   -5.080  1.00 27.53 ? 205 VAL A C     1 
ATOM   971  O O     . VAL B 2 79  ? 7.304   3.582   -5.484  1.00 26.31 ? 205 VAL A O     1 
ATOM   972  C CB    . VAL B 2 79  ? 7.243   6.022   -3.224  1.00 27.85 ? 205 VAL A CB    1 
ATOM   973  C CG1   . VAL B 2 79  ? 5.864   5.882   -3.875  1.00 20.82 ? 205 VAL A CG1   1 
ATOM   974  C CG2   . VAL B 2 79  ? 7.138   6.080   -1.707  1.00 24.22 ? 205 VAL A CG2   1 
ATOM   975  N N     . SER B 2 80  ? 8.741   5.324   -5.877  1.00 28.52 ? 206 SER A N     1 
ATOM   976  C CA    . SER B 2 80  ? 8.824   5.107   -7.337  1.00 29.17 ? 206 SER A CA    1 
ATOM   977  C C     . SER B 2 80  ? 9.216   3.662   -7.731  1.00 29.57 ? 206 SER A C     1 
ATOM   978  O O     . SER B 2 80  ? 8.649   3.080   -8.690  1.00 29.12 ? 206 SER A O     1 
ATOM   979  C CB    . SER B 2 80  ? 9.744   6.154   -7.996  1.00 29.56 ? 206 SER A CB    1 
ATOM   980  O OG    . SER B 2 80  ? 10.996  6.293   -7.328  1.00 29.57 ? 206 SER A OG    1 
ATOM   981  N N     . ALA B 2 81  ? 10.155  3.082   -6.972  1.00 29.39 ? 207 ALA A N     1 
ATOM   982  C CA    . ALA B 2 81  ? 10.674  1.739   -7.268  1.00 29.47 ? 207 ALA A CA    1 
ATOM   983  C C     . ALA B 2 81  ? 9.590   0.682   -7.074  1.00 29.27 ? 207 ALA A C     1 
ATOM   984  O O     . ALA B 2 81  ? 9.472   -0.267  -7.854  1.00 28.85 ? 207 ALA A O     1 
ATOM   985  C CB    . ALA B 2 81  ? 11.950  1.407   -6.373  1.00 28.26 ? 207 ALA A CB    1 
ATOM   986  N N     . ILE B 2 82  ? 8.827   0.839   -5.992  1.00 30.59 ? 208 ILE A N     1 
ATOM   987  C CA    . ILE B 2 82  ? 7.716   -0.060  -5.728  1.00 30.87 ? 208 ILE A CA    1 
ATOM   988  C C     . ILE B 2 82  ? 6.556   0.140   -6.724  1.00 29.24 ? 208 ILE A C     1 
ATOM   989  O O     . ILE B 2 82  ? 5.993   -0.832  -7.236  1.00 29.36 ? 208 ILE A O     1 
ATOM   990  C CB    . ILE B 2 82  ? 7.273   -0.167  -4.219  1.00 31.68 ? 208 ILE A CB    1 
ATOM   991  C CG1   . ILE B 2 82  ? 5.793   0.050   -4.109  1.00 34.50 ? 208 ILE A CG1   1 
ATOM   992  C CG2   . ILE B 2 82  ? 8.160   0.643   -3.250  1.00 32.71 ? 208 ILE A CG2   1 
ATOM   993  C CD1   . ILE B 2 82  ? 5.248   -0.483  -2.932  1.00 40.77 ? 208 ILE A CD1   1 
ATOM   994  N N     . ASN B 2 83  ? 6.240   1.384   -7.038  1.00 27.93 ? 209 ASN A N     1 
ATOM   995  C CA    . ASN B 2 83  ? 5.334   1.642   -8.153  1.00 26.94 ? 209 ASN A CA    1 
ATOM   996  C C     . ASN B 2 83  ? 5.825   0.985   -9.433  1.00 26.79 ? 209 ASN A C     1 
ATOM   997  O O     . ASN B 2 83  ? 5.078   0.288   -10.062 1.00 24.81 ? 209 ASN A O     1 
ATOM   998  C CB    . ASN B 2 83  ? 5.133   3.164   -8.324  1.00 27.93 ? 209 ASN A CB    1 
ATOM   999  C CG    . ASN B 2 83  ? 4.100   3.499   -9.365  1.00 26.97 ? 209 ASN A CG    1 
ATOM   1000 O OD1   . ASN B 2 83  ? 2.983   3.014   -9.317  1.00 28.39 ? 209 ASN A OD1   1 
ATOM   1001 N ND2   . ASN B 2 83  ? 4.493   4.270   -10.346 1.00 25.78 ? 209 ASN A ND2   1 
ATOM   1002 N N     . ASN B 2 84  ? 7.112   1.148   -9.793  1.00 28.07 ? 210 ASN A N     1 
ATOM   1003 C CA    . ASN B 2 84  ? 7.641   0.523   -11.026 1.00 29.08 ? 210 ASN A CA    1 
ATOM   1004 C C     . ASN B 2 84  ? 7.586   -0.998  -10.971 1.00 29.12 ? 210 ASN A C     1 
ATOM   1005 O O     . ASN B 2 84  ? 7.375   -1.664  -11.961 1.00 28.39 ? 210 ASN A O     1 
ATOM   1006 C CB    . ASN B 2 84  ? 9.048   1.017   -11.399 1.00 28.48 ? 210 ASN A CB    1 
ATOM   1007 C CG    . ASN B 2 84  ? 9.067   2.465   -11.852 1.00 33.44 ? 210 ASN A CG    1 
ATOM   1008 O OD1   . ASN B 2 84  ? 8.088   2.962   -12.443 1.00 36.59 ? 210 ASN A OD1   1 
ATOM   1009 N ND2   . ASN B 2 84  ? 10.192  3.179   -11.572 1.00 34.21 ? 210 ASN A ND2   1 
ATOM   1010 N N     . TYR B 2 85  ? 7.742   -1.556  -9.785  1.00 30.61 ? 211 TYR A N     1 
ATOM   1011 C CA    . TYR B 2 85  ? 7.594   -2.973  -9.657  1.00 30.79 ? 211 TYR A CA    1 
ATOM   1012 C C     . TYR B 2 85  ? 6.147   -3.473  -9.881  1.00 31.48 ? 211 TYR A C     1 
ATOM   1013 O O     . TYR B 2 85  ? 5.890   -4.449  -10.615 1.00 30.19 ? 211 TYR A O     1 
ATOM   1014 C CB    . TYR B 2 85  ? 8.129   -3.443  -8.322  1.00 31.23 ? 211 TYR A CB    1 
ATOM   1015 C CG    . TYR B 2 85  ? 7.849   -4.884  -8.164  1.00 31.71 ? 211 TYR A CG    1 
ATOM   1016 C CD1   . TYR B 2 85  ? 8.419   -5.776  -9.048  1.00 32.18 ? 211 TYR A CD1   1 
ATOM   1017 C CD2   . TYR B 2 85  ? 6.929   -5.371  -7.183  1.00 32.88 ? 211 TYR A CD2   1 
ATOM   1018 C CE1   . TYR B 2 85  ? 8.147   -7.129  -8.967  1.00 34.66 ? 211 TYR A CE1   1 
ATOM   1019 C CE2   . TYR B 2 85  ? 6.652   -6.775  -7.109  1.00 33.29 ? 211 TYR A CE2   1 
ATOM   1020 C CZ    . TYR B 2 85  ? 7.294   -7.603  -8.006  1.00 32.69 ? 211 TYR A CZ    1 
ATOM   1021 O OH    . TYR B 2 85  ? 7.129   -8.940  -8.047  1.00 38.99 ? 211 TYR A OH    1 
ATOM   1022 N N     . ALA B 2 86  ? 5.206   -2.835  -9.212  1.00 32.15 ? 212 ALA A N     1 
ATOM   1023 C CA    . ALA B 2 86  ? 3.823   -3.240  -9.345  1.00 33.23 ? 212 ALA A CA    1 
ATOM   1024 C C     . ALA B 2 86  ? 3.334   -3.076  -10.768 1.00 34.80 ? 212 ALA A C     1 
ATOM   1025 O O     . ALA B 2 86  ? 2.662   -3.964  -11.274 1.00 35.95 ? 212 ALA A O     1 
ATOM   1026 C CB    . ALA B 2 86  ? 2.968   -2.507  -8.375  1.00 32.97 ? 212 ALA A CB    1 
ATOM   1027 N N     . GLN B 2 87  ? 3.720   -1.992  -11.447 1.00 36.55 ? 213 GLN A N     1 
ATOM   1028 C CA    . GLN B 2 87  ? 3.384   -1.825  -12.889 1.00 38.12 ? 213 GLN A CA    1 
ATOM   1029 C C     . GLN B 2 87  ? 3.864   -2.951  -13.852 1.00 38.59 ? 213 GLN A C     1 
ATOM   1030 O O     . GLN B 2 87  ? 3.408   -3.022  -14.990 1.00 38.20 ? 213 GLN A O     1 
ATOM   1031 C CB    . GLN B 2 87  ? 3.905   -0.492  -13.417 1.00 38.35 ? 213 GLN A CB    1 
ATOM   1032 C CG    . GLN B 2 87  ? 3.386   0.780   -12.725 1.00 43.59 ? 213 GLN A CG    1 
ATOM   1033 C CD    . GLN B 2 87  ? 1.873   1.037   -12.867 1.00 50.09 ? 213 GLN A CD    1 
ATOM   1034 O OE1   . GLN B 2 87  ? 1.151   0.309   -13.574 1.00 53.07 ? 213 GLN A OE1   1 
ATOM   1035 N NE2   . GLN B 2 87  ? 1.390   2.087   -12.186 1.00 50.57 ? 213 GLN A NE2   1 
ATOM   1036 N N     . LYS B 2 88  ? 4.807   -3.786  -13.413 1.00 38.84 ? 214 LYS A N     1 
ATOM   1037 C CA    . LYS B 2 88  ? 5.399   -4.826  -14.230 1.00 39.78 ? 214 LYS A CA    1 
ATOM   1038 C C     . LYS B 2 88  ? 4.572   -6.108  -14.127 1.00 39.65 ? 214 LYS A C     1 
ATOM   1039 O O     . LYS B 2 88  ? 4.734   -7.015  -14.944 1.00 40.64 ? 214 LYS A O     1 
ATOM   1040 C CB    . LYS B 2 88  ? 6.849   -5.165  -13.752 1.00 40.92 ? 214 LYS A CB    1 
ATOM   1041 C CG    . LYS B 2 88  ? 8.048   -4.490  -14.469 1.00 42.61 ? 214 LYS A CG    1 
ATOM   1042 C CD    . LYS B 2 88  ? 8.538   -3.221  -13.775 1.00 47.24 ? 214 LYS A CD    1 
ATOM   1043 C CE    . LYS B 2 88  ? 10.078  -3.161  -13.490 1.00 50.60 ? 214 LYS A CE    1 
ATOM   1044 N NZ    . LYS B 2 88  ? 10.503  -3.322  -12.028 1.00 49.82 ? 214 LYS A NZ    1 
ATOM   1045 N N     . LEU B 2 89  ? 3.733   -6.206  -13.105 1.00 38.99 ? 215 LEU A N     1 
ATOM   1046 C CA    . LEU B 2 89  ? 3.035   -7.439  -12.812 1.00 38.16 ? 215 LEU A CA    1 
ATOM   1047 C C     . LEU B 2 89  ? 1.765   -7.675  -13.608 1.00 37.62 ? 215 LEU A C     1 
ATOM   1048 O O     . LEU B 2 89  ? 1.387   -8.835  -13.845 1.00 38.00 ? 215 LEU A O     1 
ATOM   1049 C CB    . LEU B 2 89  ? 2.670   -7.483  -11.332 1.00 38.72 ? 215 LEU A CB    1 
ATOM   1050 C CG    . LEU B 2 89  ? 3.903   -7.401  -10.446 1.00 38.55 ? 215 LEU A CG    1 
ATOM   1051 C CD1   . LEU B 2 89  ? 3.412   -7.415  -9.028  1.00 38.65 ? 215 LEU A CD1   1 
ATOM   1052 C CD2   . LEU B 2 89  ? 4.976   -8.516  -10.766 1.00 36.44 ? 215 LEU A CD2   1 
ATOM   1053 N N     . SER B 2 90  ? 1.109   -6.582  -14.005 1.00 36.26 ? 216 SER A N     1 
ATOM   1054 C CA    . SER B 2 90  ? -0.218  -6.645  -14.600 1.00 34.21 ? 216 SER A CA    1 
ATOM   1055 C C     . SER B 2 90  ? -0.569  -5.277  -15.210 1.00 34.10 ? 216 SER A C     1 
ATOM   1056 O O     . SER B 2 90  ? 0.274   -4.388  -15.315 1.00 33.79 ? 216 SER A O     1 
ATOM   1057 C CB    . SER B 2 90  ? -1.233  -7.051  -13.513 1.00 33.37 ? 216 SER A CB    1 
ATOM   1058 O OG    . SER B 2 90  ? -2.470  -7.364  -14.089 1.00 33.21 ? 216 SER A OG    1 
ATOM   1059 N N     . THR B 2 91  ? -1.814  -5.115  -15.634 1.00 33.80 ? 217 THR A N     1 
ATOM   1060 C CA    . THR B 2 91  ? -2.346  -3.781  -15.846 1.00 33.49 ? 217 THR A CA    1 
ATOM   1061 C C     . THR B 2 91  ? -3.396  -3.487  -14.760 1.00 32.15 ? 217 THR A C     1 
ATOM   1062 O O     . THR B 2 91  ? -3.952  -4.413  -14.174 1.00 31.22 ? 217 THR A O     1 
ATOM   1063 C CB    . THR B 2 91  ? -2.882  -3.609  -17.278 1.00 34.35 ? 217 THR A CB    1 
ATOM   1064 O OG1   . THR B 2 91  ? -3.931  -4.547  -17.494 1.00 32.05 ? 217 THR A OG1   1 
ATOM   1065 C CG2   . THR B 2 91  ? -1.731  -3.899  -18.335 1.00 35.05 ? 217 THR A CG2   1 
ATOM   1066 N N     . PHE B 2 92  ? -3.629  -2.201  -14.482 1.00 31.43 ? 218 PHE A N     1 
ATOM   1067 C CA    . PHE B 2 92  ? -4.496  -1.763  -13.394 1.00 30.80 ? 218 PHE A CA    1 
ATOM   1068 C C     . PHE B 2 92  ? -5.426  -0.660  -13.928 1.00 32.16 ? 218 PHE A C     1 
ATOM   1069 O O     . PHE B 2 92  ? -4.977  0.218   -14.700 1.00 31.98 ? 218 PHE A O     1 
ATOM   1070 C CB    . PHE B 2 92  ? -3.641  -1.221  -12.223 1.00 29.68 ? 218 PHE A CB    1 
ATOM   1071 C CG    . PHE B 2 92  ? -2.574  -2.153  -11.791 1.00 27.56 ? 218 PHE A CG    1 
ATOM   1072 C CD1   . PHE B 2 92  ? -1.321  -2.179  -12.446 1.00 27.32 ? 218 PHE A CD1   1 
ATOM   1073 C CD2   . PHE B 2 92  ? -2.811  -3.059  -10.757 1.00 23.69 ? 218 PHE A CD2   1 
ATOM   1074 C CE1   . PHE B 2 92  ? -0.304  -3.114  -12.064 1.00 25.27 ? 218 PHE A CE1   1 
ATOM   1075 C CE2   . PHE B 2 92  ? -1.806  -3.991  -10.375 1.00 24.64 ? 218 PHE A CE2   1 
ATOM   1076 C CZ    . PHE B 2 92  ? -0.562  -4.020  -11.024 1.00 26.56 ? 218 PHE A CZ    1 
ATOM   1077 N N     . SER B 2 93  ? -6.688  -0.676  -13.506 1.00 32.16 ? 219 SER A N     1 
ATOM   1078 C CA    . SER B 2 93  ? -7.608  0.449   -13.808 1.00 33.17 ? 219 SER A CA    1 
ATOM   1079 C C     . SER B 2 93  ? -7.147  1.718   -13.063 1.00 33.20 ? 219 SER A C     1 
ATOM   1080 O O     . SER B 2 93  ? -7.013  2.816   -13.635 1.00 33.75 ? 219 SER A O     1 
ATOM   1081 C CB    . SER B 2 93  ? -9.086  0.071   -13.505 1.00 33.46 ? 219 SER A CB    1 
ATOM   1082 O OG    . SER B 2 93  ? -9.233  -0.471  -12.187 1.00 34.60 ? 219 SER A OG    1 
ATOM   1083 N N     . PHE B 2 94  ? -6.873  1.558   -11.776 1.00 32.28 ? 220 PHE A N     1 
ATOM   1084 C CA    . PHE B 2 94  ? -6.131  2.565   -11.049 1.00 30.94 ? 220 PHE A CA    1 
ATOM   1085 C C     . PHE B 2 94  ? -5.142  1.823   -10.155 1.00 29.99 ? 220 PHE A C     1 
ATOM   1086 O O     . PHE B 2 94  ? -5.329  0.639   -9.828  1.00 29.90 ? 220 PHE A O     1 
ATOM   1087 C CB    . PHE B 2 94  ? -7.068  3.490   -10.252 1.00 30.53 ? 220 PHE A CB    1 
ATOM   1088 C CG    . PHE B 2 94  ? -7.680  2.852   -9.046  1.00 31.36 ? 220 PHE A CG    1 
ATOM   1089 C CD1   . PHE B 2 94  ? -7.273  3.224   -7.786  1.00 32.99 ? 220 PHE A CD1   1 
ATOM   1090 C CD2   . PHE B 2 94  ? -8.656  1.862   -9.171  1.00 33.21 ? 220 PHE A CD2   1 
ATOM   1091 C CE1   . PHE B 2 94  ? -7.836  2.649   -6.675  1.00 31.44 ? 220 PHE A CE1   1 
ATOM   1092 C CE2   . PHE B 2 94  ? -9.247  1.268   -8.058  1.00 30.80 ? 220 PHE A CE2   1 
ATOM   1093 C CZ    . PHE B 2 94  ? -8.839  1.664   -6.815  1.00 31.29 ? 220 PHE A CZ    1 
ATOM   1094 N N     . LEU B 2 95  ? -4.069  2.511   -9.812  1.00 29.76 ? 221 LEU A N     1 
ATOM   1095 C CA    . LEU B 2 95  ? -3.056  1.995   -8.880  1.00 29.05 ? 221 LEU A CA    1 
ATOM   1096 C C     . LEU B 2 95  ? -2.403  3.226   -8.325  1.00 28.63 ? 221 LEU A C     1 
ATOM   1097 O O     . LEU B 2 95  ? -1.858  4.050   -9.057  1.00 28.77 ? 221 LEU A O     1 
ATOM   1098 C CB    . LEU B 2 95  ? -2.070  1.056   -9.575  1.00 28.19 ? 221 LEU A CB    1 
ATOM   1099 C CG    . LEU B 2 95  ? -0.882  0.539   -8.739  1.00 29.69 ? 221 LEU A CG    1 
ATOM   1100 C CD1   . LEU B 2 95  ? -1.298  -0.570  -7.839  1.00 28.49 ? 221 LEU A CD1   1 
ATOM   1101 C CD2   . LEU B 2 95  ? 0.206   0.039   -9.654  1.00 30.68 ? 221 LEU A CD2   1 
ATOM   1102 N N     . ILE B 2 96  ? -2.557  3.412   -7.028  1.00 29.79 ? 222 ILE A N     1 
ATOM   1103 C CA    . ILE B 2 96  ? -1.975  4.570   -6.349  1.00 30.04 ? 222 ILE A CA    1 
ATOM   1104 C C     . ILE B 2 96  ? -0.984  4.086   -5.311  1.00 30.47 ? 222 ILE A C     1 
ATOM   1105 O O     . ILE B 2 96  ? -1.339  3.395   -4.343  1.00 29.72 ? 222 ILE A O     1 
ATOM   1106 C CB    . ILE B 2 96  ? -3.052  5.443   -5.700  1.00 30.32 ? 222 ILE A CB    1 
ATOM   1107 C CG1   . ILE B 2 96  ? -4.103  5.804   -6.752  1.00 31.54 ? 222 ILE A CG1   1 
ATOM   1108 C CG2   . ILE B 2 96  ? -2.412  6.720   -5.114  1.00 28.33 ? 222 ILE A CG2   1 
ATOM   1109 C CD1   . ILE B 2 96  ? -5.186  6.659   -6.279  1.00 37.19 ? 222 ILE A CD1   1 
ATOM   1110 N N     . CYS B 2 97  ? 0.274   4.417   -5.523  1.00 31.28 ? 223 CYS A N     1 
ATOM   1111 C CA    . CYS B 2 97  ? 1.275   3.892   -4.613  1.00 30.95 ? 223 CYS A CA    1 
ATOM   1112 C C     . CYS B 2 97  ? 1.940   5.039   -3.819  1.00 30.02 ? 223 CYS A C     1 
ATOM   1113 O O     . CYS B 2 97  ? 2.419   6.031   -4.384  1.00 27.92 ? 223 CYS A O     1 
ATOM   1114 C CB    . CYS B 2 97  ? 2.197   2.919   -5.372  1.00 30.79 ? 223 CYS A CB    1 
ATOM   1115 S SG    . CYS B 2 97  ? 3.652   2.464   -4.396  1.00 36.04 ? 223 CYS A SG    1 
ATOM   1116 N N     . LYS B 2 98  ? 1.834   4.959   -2.489  1.00 29.70 ? 224 LYS A N     1 
ATOM   1117 C CA    . LYS B 2 98  ? 2.352   6.019   -1.632  1.00 30.55 ? 224 LYS A CA    1 
ATOM   1118 C C     . LYS B 2 98  ? 3.171   5.519   -0.474  1.00 29.81 ? 224 LYS A C     1 
ATOM   1119 O O     . LYS B 2 98  ? 2.896   4.463   0.061   1.00 30.35 ? 224 LYS A O     1 
ATOM   1120 C CB    . LYS B 2 98  ? 1.211   6.914   -1.113  1.00 32.16 ? 224 LYS A CB    1 
ATOM   1121 C CG    . LYS B 2 98  ? 0.446   7.653   -2.198  1.00 33.13 ? 224 LYS A CG    1 
ATOM   1122 C CD    . LYS B 2 98  ? 0.453   9.115   -1.962  1.00 34.91 ? 224 LYS A CD    1 
ATOM   1123 C CE    . LYS B 2 98  ? -0.270  9.830   -3.113  1.00 38.66 ? 224 LYS A CE    1 
ATOM   1124 N NZ    . LYS B 2 98  ? -0.891  11.079  -2.522  1.00 40.25 ? 224 LYS A NZ    1 
ATOM   1125 N N     . GLY B 2 99  ? 4.205   6.278   -0.122  1.00 30.05 ? 225 GLY A N     1 
ATOM   1126 C CA    . GLY B 2 99  ? 5.020   6.003   1.050   1.00 29.57 ? 225 GLY A CA    1 
ATOM   1127 C C     . GLY B 2 99  ? 4.240   6.390   2.307   1.00 30.35 ? 225 GLY A C     1 
ATOM   1128 O O     . GLY B 2 99  ? 3.352   7.247   2.279   1.00 28.74 ? 225 GLY A O     1 
ATOM   1129 N N     . VAL B 2 100 ? 4.538   5.697   3.411   1.00 32.17 ? 226 VAL A N     1 
ATOM   1130 C CA    . VAL B 2 100 ? 3.828   5.890   4.682   1.00 33.29 ? 226 VAL A CA    1 
ATOM   1131 C C     . VAL B 2 100 ? 4.799   6.507   5.682   1.00 34.09 ? 226 VAL A C     1 
ATOM   1132 O O     . VAL B 2 100 ? 5.829   5.897   6.018   1.00 34.05 ? 226 VAL A O     1 
ATOM   1133 C CB    . VAL B 2 100 ? 3.202   4.563   5.211   1.00 33.16 ? 226 VAL A CB    1 
ATOM   1134 C CG1   . VAL B 2 100 ? 2.525   4.786   6.589   1.00 36.07 ? 226 VAL A CG1   1 
ATOM   1135 C CG2   . VAL B 2 100 ? 2.183   4.019   4.222   1.00 33.67 ? 226 VAL A CG2   1 
ATOM   1136 N N     . ASN B 2 101 ? 4.486   7.732   6.097   1.00 35.40 ? 227 ASN A N     1 
ATOM   1137 C CA    . ASN B 2 101 ? 5.207   8.466   7.143   1.00 37.52 ? 227 ASN A CA    1 
ATOM   1138 C C     . ASN B 2 101 ? 4.895   7.937   8.574   1.00 39.46 ? 227 ASN A C     1 
ATOM   1139 O O     . ASN B 2 101 ? 5.797   7.678   9.388   1.00 39.36 ? 227 ASN A O     1 
ATOM   1140 C CB    . ASN B 2 101 ? 4.897   9.988   7.052   1.00 37.20 ? 227 ASN A CB    1 
ATOM   1141 C CG    . ASN B 2 101 ? 5.538   10.670  5.830   1.00 36.06 ? 227 ASN A CG    1 
ATOM   1142 O OD1   . ASN B 2 101 ? 6.583   10.230  5.335   1.00 35.43 ? 227 ASN A OD1   1 
ATOM   1143 N ND2   . ASN B 2 101 ? 4.896   11.737  5.330   1.00 33.84 ? 227 ASN A ND2   1 
ATOM   1144 N N     . LYS B 2 102 ? 3.608   7.789   8.862   1.00 41.65 ? 228 LYS A N     1 
ATOM   1145 C CA    . LYS B 2 102 ? 3.127   7.298   10.158  1.00 43.57 ? 228 LYS A CA    1 
ATOM   1146 C C     . LYS B 2 102 ? 2.690   5.828   10.017  1.00 44.63 ? 228 LYS A C     1 
ATOM   1147 O O     . LYS B 2 102 ? 1.547   5.549   9.654   1.00 44.89 ? 228 LYS A O     1 
ATOM   1148 C CB    . LYS B 2 102 ? 1.947   8.173   10.637  1.00 43.95 ? 228 LYS A CB    1 
ATOM   1149 C CG    . LYS B 2 102 ? 1.942   9.608   10.141  1.00 43.70 ? 228 LYS A CG    1 
ATOM   1150 C CD    . LYS B 2 102 ? 2.281   10.570  11.218  1.00 48.64 ? 228 LYS A CD    1 
ATOM   1151 C CE    . LYS B 2 102 ? 2.018   12.035  10.793  1.00 52.34 ? 228 LYS A CE    1 
ATOM   1152 N NZ    . LYS B 2 102 ? 0.663   12.656  11.179  1.00 54.10 ? 228 LYS A NZ    1 
ATOM   1153 N N     . GLU B 2 103 ? 3.599   4.895   10.286  1.00 46.10 ? 229 GLU A N     1 
ATOM   1154 C CA    . GLU B 2 103 ? 3.361   3.492   9.994   1.00 48.58 ? 229 GLU A CA    1 
ATOM   1155 C C     . GLU B 2 103 ? 2.257   2.878   10.870  1.00 49.71 ? 229 GLU A C     1 
ATOM   1156 O O     . GLU B 2 103 ? 1.170   2.537   10.366  1.00 48.81 ? 229 GLU A O     1 
ATOM   1157 C CB    . GLU B 2 103 ? 4.647   2.658   10.101  1.00 49.17 ? 229 GLU A CB    1 
ATOM   1158 C CG    . GLU B 2 103 ? 5.840   3.212   9.383   1.00 51.98 ? 229 GLU A CG    1 
ATOM   1159 C CD    . GLU B 2 103 ? 6.627   4.151   10.263  1.00 54.70 ? 229 GLU A CD    1 
ATOM   1160 O OE1   . GLU B 2 103 ? 6.054   5.144   10.746  1.00 56.14 ? 229 GLU A OE1   1 
ATOM   1161 O OE2   . GLU B 2 103 ? 7.819   3.894   10.484  1.00 55.72 ? 229 GLU A OE2   1 
ATOM   1162 N N     . TYR B 2 104 ? 2.551   2.756   12.173  1.00 51.39 ? 230 TYR A N     1 
ATOM   1163 C CA    . TYR B 2 104 ? 1.573   2.314   13.177  1.00 52.88 ? 230 TYR A CA    1 
ATOM   1164 C C     . TYR B 2 104 ? 0.188   2.963   13.017  1.00 51.85 ? 230 TYR A C     1 
ATOM   1165 O O     . TYR B 2 104 ? -0.810  2.267   13.044  1.00 51.73 ? 230 TYR A O     1 
ATOM   1166 C CB    . TYR B 2 104 ? 2.101   2.495   14.614  1.00 55.12 ? 230 TYR A CB    1 
ATOM   1167 C CG    . TYR B 2 104 ? 1.222   1.807   15.635  1.00 57.81 ? 230 TYR A CG    1 
ATOM   1168 C CD1   . TYR B 2 104 ? 1.444   0.463   15.975  1.00 60.59 ? 230 TYR A CD1   1 
ATOM   1169 C CD2   . TYR B 2 104 ? 0.144   2.487   16.233  1.00 60.05 ? 230 TYR A CD2   1 
ATOM   1170 C CE1   . TYR B 2 104 ? 0.623   -0.196  16.902  1.00 63.73 ? 230 TYR A CE1   1 
ATOM   1171 C CE2   . TYR B 2 104 ? -0.699  1.850   17.155  1.00 61.75 ? 230 TYR A CE2   1 
ATOM   1172 C CZ    . TYR B 2 104 ? -0.458  0.513   17.489  1.00 62.43 ? 230 TYR A CZ    1 
ATOM   1173 O OH    . TYR B 2 104 ? -1.265  -0.121  18.415  1.00 62.18 ? 230 TYR A OH    1 
ATOM   1174 N N     . LEU B 2 105 ? 0.122   4.269   12.800  1.00 51.19 ? 231 LEU A N     1 
ATOM   1175 C CA    . LEU B 2 105 ? -1.191  4.915   12.687  1.00 51.45 ? 231 LEU A CA    1 
ATOM   1176 C C     . LEU B 2 105 ? -1.938  4.614   11.378  1.00 51.10 ? 231 LEU A C     1 
ATOM   1177 O O     . LEU B 2 105 ? -3.178  4.751   11.315  1.00 51.46 ? 231 LEU A O     1 
ATOM   1178 C CB    . LEU B 2 105 ? -1.094  6.432   12.881  1.00 51.36 ? 231 LEU A CB    1 
ATOM   1179 C CG    . LEU B 2 105 ? -0.372  6.965   14.115  1.00 52.49 ? 231 LEU A CG    1 
ATOM   1180 C CD1   . LEU B 2 105 ? -0.648  8.474   14.225  1.00 52.87 ? 231 LEU A CD1   1 
ATOM   1181 C CD2   . LEU B 2 105 ? -0.768  6.224   15.404  1.00 50.70 ? 231 LEU A CD2   1 
ATOM   1182 N N     . MET B 2 106 ? -1.192  4.252   10.331  1.00 49.85 ? 232 MET A N     1 
ATOM   1183 C CA    . MET B 2 106 ? -1.827  3.875   9.069   1.00 49.25 ? 232 MET A CA    1 
ATOM   1184 C C     . MET B 2 106 ? -2.473  2.490   9.266   1.00 49.79 ? 232 MET A C     1 
ATOM   1185 O O     . MET B 2 106 ? -3.660  2.323   9.023   1.00 49.23 ? 232 MET A O     1 
ATOM   1186 C CB    . MET B 2 106 ? -0.811  3.898   7.892   1.00 48.31 ? 232 MET A CB    1 
ATOM   1187 C CG    . MET B 2 106 ? -1.329  3.473   6.530   1.00 45.08 ? 232 MET A CG    1 
ATOM   1188 S SD    . MET B 2 106 ? -2.360  4.736   5.809   1.00 44.66 ? 232 MET A SD    1 
ATOM   1189 C CE    . MET B 2 106 ? -2.729  4.099   4.162   1.00 43.78 ? 232 MET A CE    1 
ATOM   1190 N N     . TYR B 2 107 ? -1.681  1.534   9.742   1.00 51.05 ? 233 TYR A N     1 
ATOM   1191 C CA    . TYR B 2 107 ? -2.143  0.189   10.011  1.00 53.57 ? 233 TYR A CA    1 
ATOM   1192 C C     . TYR B 2 107 ? -3.345  0.196   10.940  1.00 54.15 ? 233 TYR A C     1 
ATOM   1193 O O     . TYR B 2 107 ? -4.373  -0.369  10.606  1.00 53.89 ? 233 TYR A O     1 
ATOM   1194 C CB    . TYR B 2 107 ? -1.020  -0.673  10.589  1.00 54.83 ? 233 TYR A CB    1 
ATOM   1195 C CG    . TYR B 2 107 ? -1.452  -2.087  10.930  1.00 57.05 ? 233 TYR A CG    1 
ATOM   1196 C CD1   . TYR B 2 107 ? -1.626  -3.051  9.924   1.00 56.32 ? 233 TYR A CD1   1 
ATOM   1197 C CD2   . TYR B 2 107 ? -1.667  -2.469  12.273  1.00 59.20 ? 233 TYR A CD2   1 
ATOM   1198 C CE1   . TYR B 2 107 ? -2.018  -4.344  10.237  1.00 57.30 ? 233 TYR A CE1   1 
ATOM   1199 C CE2   . TYR B 2 107 ? -2.066  -3.762  12.604  1.00 58.71 ? 233 TYR A CE2   1 
ATOM   1200 C CZ    . TYR B 2 107 ? -2.241  -4.690  11.581  1.00 58.28 ? 233 TYR A CZ    1 
ATOM   1201 O OH    . TYR B 2 107 ? -2.623  -5.966  11.902  1.00 59.11 ? 233 TYR A OH    1 
ATOM   1202 N N     . SER B 2 108 ? -3.223  0.868   12.082  1.00 55.60 ? 234 SER A N     1 
ATOM   1203 C CA    . SER B 2 108 ? -4.319  0.926   13.057  1.00 56.83 ? 234 SER A CA    1 
ATOM   1204 C C     . SER B 2 108 ? -5.602  1.353   12.405  1.00 57.49 ? 234 SER A C     1 
ATOM   1205 O O     . SER B 2 108 ? -6.636  0.714   12.637  1.00 58.23 ? 234 SER A O     1 
ATOM   1206 C CB    . SER B 2 108 ? -4.003  1.828   14.257  1.00 56.63 ? 234 SER A CB    1 
ATOM   1207 O OG    . SER B 2 108 ? -2.987  1.222   15.036  1.00 57.85 ? 234 SER A OG    1 
ATOM   1208 N N     . ALA B 2 109 ? -5.543  2.386   11.560  1.00 57.80 ? 235 ALA A N     1 
ATOM   1209 C CA    . ALA B 2 109 ? -6.762  2.919   10.968  1.00 58.62 ? 235 ALA A CA    1 
ATOM   1210 C C     . ALA B 2 109 ? -7.351  2.000   9.896   1.00 59.47 ? 235 ALA A C     1 
ATOM   1211 O O     . ALA B 2 109 ? -8.572  2.030   9.633   1.00 59.15 ? 235 ALA A O     1 
ATOM   1212 C CB    . ALA B 2 109 ? -6.526  4.283   10.409  1.00 58.90 ? 235 ALA A CB    1 
ATOM   1213 N N     . LEU B 2 110 ? -6.478  1.209   9.263   1.00 59.92 ? 236 LEU A N     1 
ATOM   1214 C CA    . LEU B 2 110 ? -6.904  0.361   8.154   1.00 60.44 ? 236 LEU A CA    1 
ATOM   1215 C C     . LEU B 2 110 ? -7.557  -0.900  8.691   1.00 61.56 ? 236 LEU A C     1 
ATOM   1216 O O     . LEU B 2 110 ? -8.407  -1.482  8.022   1.00 61.90 ? 236 LEU A O     1 
ATOM   1217 C CB    . LEU B 2 110 ? -5.757  0.033   7.186   1.00 60.05 ? 236 LEU A CB    1 
ATOM   1218 C CG    . LEU B 2 110 ? -5.185  1.089   6.225   1.00 57.33 ? 236 LEU A CG    1 
ATOM   1219 C CD1   . LEU B 2 110 ? -3.969  0.525   5.561   1.00 55.24 ? 236 LEU A CD1   1 
ATOM   1220 C CD2   . LEU B 2 110 ? -6.182  1.512   5.174   1.00 57.78 ? 236 LEU A CD2   1 
ATOM   1221 N N     . THR B 2 111 ? -7.146  -1.305  9.896   1.00 62.70 ? 237 THR A N     1 
ATOM   1222 C CA    . THR B 2 111 ? -7.821  -2.342  10.667  1.00 64.17 ? 237 THR A CA    1 
ATOM   1223 C C     . THR B 2 111 ? -9.132  -1.807  11.303  1.00 64.58 ? 237 THR A C     1 
ATOM   1224 O O     . THR B 2 111 ? -10.069 -2.575  11.551  1.00 64.83 ? 237 THR A O     1 
ATOM   1225 C CB    . THR B 2 111 ? -6.880  -3.013  11.750  1.00 64.28 ? 237 THR A CB    1 
ATOM   1226 O OG1   . THR B 2 111 ? -6.632  -2.110  12.832  1.00 66.06 ? 237 THR A OG1   1 
ATOM   1227 C CG2   . THR B 2 111 ? -5.557  -3.414  11.172  1.00 64.01 ? 237 THR A CG2   1 
ATOM   1228 N N     . ARG B 2 112 ? -9.209  -0.494  11.510  1.00 65.25 ? 238 ARG A N     1 
ATOM   1229 C CA    . ARG B 2 112 ? -10.361 0.120   12.188  1.00 66.02 ? 238 ARG A CA    1 
ATOM   1230 C C     . ARG B 2 112 ? -11.697 0.292   11.438  1.00 65.62 ? 238 ARG A C     1 
ATOM   1231 O O     . ARG B 2 112 ? -12.598 -0.492  11.697  1.00 66.08 ? 238 ARG A O     1 
ATOM   1232 C CB    . ARG B 2 112 ? -9.974  1.395   12.950  1.00 66.57 ? 238 ARG A CB    1 
ATOM   1233 C CG    . ARG B 2 112 ? -9.925  1.208   14.469  1.00 68.99 ? 238 ARG A CG    1 
ATOM   1234 C CD    . ARG B 2 112 ? -9.865  2.558   15.159  1.00 74.38 ? 238 ARG A CD    1 
ATOM   1235 N NE    . ARG B 2 112 ? -10.705 3.550   14.469  1.00 77.99 ? 238 ARG A NE    1 
ATOM   1236 C CZ    . ARG B 2 112 ? -11.972 3.833   14.782  1.00 78.94 ? 238 ARG A CZ    1 
ATOM   1237 N NH1   . ARG B 2 112 ? -12.577 3.213   15.795  1.00 79.67 ? 238 ARG A NH1   1 
ATOM   1238 N NH2   . ARG B 2 112 ? -12.637 4.743   14.081  1.00 78.87 ? 238 ARG A NH2   1 
ATOM   1239 N N     . ASP B 2 113 ? -11.879 1.296   10.576  1.00 65.01 ? 239 ASP A N     1 
ATOM   1240 C CA    . ASP B 2 113 ? -13.244 1.550   10.036  1.00 64.82 ? 239 ASP A CA    1 
ATOM   1241 C C     . ASP B 2 113 ? -13.400 2.941   9.432   1.00 63.54 ? 239 ASP A C     1 
ATOM   1242 O O     . ASP B 2 113 ? -13.084 3.916   10.105  1.00 63.51 ? 239 ASP A O     1 
ATOM   1243 C CB    . ASP B 2 113 ? -14.295 1.364   11.154  1.00 65.81 ? 239 ASP A CB    1 
ATOM   1244 C CG    . ASP B 2 113 ? -15.751 1.535   10.677  1.00 67.50 ? 239 ASP A CG    1 
ATOM   1245 O OD1   . ASP B 2 113 ? -16.017 2.380   9.793   1.00 69.82 ? 239 ASP A OD1   1 
ATOM   1246 O OD2   . ASP B 2 113 ? -16.642 0.844   11.228  1.00 68.27 ? 239 ASP A OD2   1 
ATOM   1247 N N     . PRO B 2 114 ? -13.938 3.051   8.191   1.00 62.05 ? 240 PRO A N     1 
ATOM   1248 C CA    . PRO B 2 114 ? -14.588 2.091   7.266   1.00 61.02 ? 240 PRO A CA    1 
ATOM   1249 C C     . PRO B 2 114 ? -13.697 1.009   6.645   1.00 59.84 ? 240 PRO A C     1 
ATOM   1250 O O     . PRO B 2 114 ? -13.824 0.737   5.451   1.00 59.63 ? 240 PRO A O     1 
ATOM   1251 C CB    . PRO B 2 114 ? -15.093 3.001   6.136   1.00 61.41 ? 240 PRO A CB    1 
ATOM   1252 C CG    . PRO B 2 114 ? -14.162 4.155   6.144   1.00 61.62 ? 240 PRO A CG    1 
ATOM   1253 C CD    . PRO B 2 114 ? -13.866 4.397   7.596   1.00 62.02 ? 240 PRO A CD    1 
ATOM   1254 N N     . PHE B 2 115 ? -12.818 0.402   7.435   1.00 58.46 ? 241 PHE A N     1 
ATOM   1255 C CA    . PHE B 2 115 ? -11.780 -0.485  6.899   1.00 57.97 ? 241 PHE A CA    1 
ATOM   1256 C C     . PHE B 2 115 ? -11.798 -1.818  7.620   1.00 58.13 ? 241 PHE A C     1 
ATOM   1257 O O     . PHE B 2 115 ? -12.081 -1.889  8.818   1.00 58.78 ? 241 PHE A O     1 
ATOM   1258 C CB    . PHE B 2 115 ? -10.352 0.130   7.022   1.00 56.82 ? 241 PHE A CB    1 
ATOM   1259 C CG    . PHE B 2 115 ? -10.223 1.528   6.488   1.00 54.60 ? 241 PHE A CG    1 
ATOM   1260 C CD1   . PHE B 2 115 ? -9.954  2.592   7.346   1.00 52.73 ? 241 PHE A CD1   1 
ATOM   1261 C CD2   . PHE B 2 115 ? -10.367 1.789   5.124   1.00 53.26 ? 241 PHE A CD2   1 
ATOM   1262 C CE1   . PHE B 2 115 ? -9.841  3.890   6.860   1.00 51.18 ? 241 PHE A CE1   1 
ATOM   1263 C CE2   . PHE B 2 115 ? -10.253 3.100   4.627   1.00 52.55 ? 241 PHE A CE2   1 
ATOM   1264 C CZ    . PHE B 2 115 ? -9.989  4.147   5.498   1.00 51.62 ? 241 PHE A CZ    1 
ATOM   1265 N N     . SER B 2 116 ? -11.477 -2.876  6.899   1.00 57.89 ? 242 SER A N     1 
ATOM   1266 C CA    . SER B 2 116 ? -11.362 -4.173  7.533   1.00 58.00 ? 242 SER A CA    1 
ATOM   1267 C C     . SER B 2 116 ? -10.075 -4.835  7.092   1.00 57.73 ? 242 SER A C     1 
ATOM   1268 O O     . SER B 2 116 ? -9.635  -4.579  5.978   1.00 57.65 ? 242 SER A O     1 
ATOM   1269 C CB    . SER B 2 116 ? -12.570 -5.045  7.166   1.00 57.92 ? 242 SER A CB    1 
ATOM   1270 O OG    . SER B 2 116 ? -13.265 -4.552  6.019   1.00 57.23 ? 242 SER A OG    1 
ATOM   1271 N N     . VAL B 2 117 ? -9.481  -5.677  7.945   1.00 57.52 ? 243 VAL A N     1 
ATOM   1272 C CA    . VAL B 2 117 ? -8.468  -6.643  7.479   1.00 57.78 ? 243 VAL A CA    1 
ATOM   1273 C C     . VAL B 2 117 ? -9.094  -7.794  6.660   1.00 58.88 ? 243 VAL A C     1 
ATOM   1274 O O     . VAL B 2 117 ? -10.184 -8.308  6.995   1.00 59.28 ? 243 VAL A O     1 
ATOM   1275 C CB    . VAL B 2 117 ? -7.581  -7.223  8.628   1.00 57.62 ? 243 VAL A CB    1 
ATOM   1276 C CG1   . VAL B 2 117 ? -6.683  -8.358  8.134   1.00 55.49 ? 243 VAL A CG1   1 
ATOM   1277 C CG2   . VAL B 2 117 ? -6.721  -6.141  9.214   1.00 57.33 ? 243 VAL A CG2   1 
ATOM   1278 N N     . ILE B 2 118 ? -8.402  -8.177  5.582   1.00 59.08 ? 244 ILE A N     1 
ATOM   1279 C CA    . ILE B 2 118 ? -8.752  -9.333  4.773   1.00 59.34 ? 244 ILE A CA    1 
ATOM   1280 C C     . ILE B 2 118 ? -7.704  -10.416 4.997   1.00 60.21 ? 244 ILE A C     1 
ATOM   1281 O O     . ILE B 2 118 ? -8.045  -11.573 5.249   1.00 60.90 ? 244 ILE A O     1 
ATOM   1282 C CB    . ILE B 2 118 ? -8.806  -8.987  3.277   1.00 58.91 ? 244 ILE A CB    1 
ATOM   1283 C CG1   . ILE B 2 118 ? -9.677  -7.753  3.031   1.00 58.33 ? 244 ILE A CG1   1 
ATOM   1284 C CG2   . ILE B 2 118 ? -9.270  -10.180 2.469   1.00 58.67 ? 244 ILE A CG2   1 
ATOM   1285 C CD1   . ILE B 2 118 ? -9.732  -7.353  1.550   1.00 59.53 ? 244 ILE A CD1   1 
ATOM   1286 N N     . GLU B 2 119 ? -6.430  -10.047 4.904   1.00 61.03 ? 245 GLU A N     1 
ATOM   1287 C CA    . GLU B 2 119 ? -5.327  -10.977 5.159   1.00 61.97 ? 245 GLU A CA    1 
ATOM   1288 C C     . GLU B 2 119 ? -4.082  -10.211 5.607   1.00 62.71 ? 245 GLU A C     1 
ATOM   1289 O O     . GLU B 2 119 ? -3.938  -9.043  5.306   1.00 62.64 ? 245 GLU A O     1 
ATOM   1290 C CB    . GLU B 2 119 ? -5.043  -11.885 3.944   1.00 62.07 ? 245 GLU A CB    1 
ATOM   1291 C CG    . GLU B 2 119 ? -4.960  -11.179 2.594   1.00 61.49 ? 245 GLU A CG    1 
ATOM   1292 C CD    . GLU B 2 119 ? -4.442  -12.082 1.493   1.00 62.27 ? 245 GLU A CD    1 
ATOM   1293 O OE1   . GLU B 2 119 ? -3.900  -13.159 1.817   1.00 64.49 ? 245 GLU A OE1   1 
ATOM   1294 O OE2   . GLU B 2 119 ? -4.562  -11.724 0.299   1.00 60.10 ? 245 GLU A OE2   1 
ATOM   1295 N N     . GLU B 2 120 ? -3.214  -10.873 6.362   1.00 63.76 ? 246 GLU A N     1 
ATOM   1296 C CA    . GLU B 2 120 ? -2.061  -10.234 6.964   1.00 64.92 ? 246 GLU A CA    1 
ATOM   1297 C C     . GLU B 2 120 ? -1.123  -11.290 7.540   1.00 66.43 ? 246 GLU A C     1 
ATOM   1298 O O     . GLU B 2 120 ? -1.567  -12.216 8.217   1.00 67.02 ? 246 GLU A O     1 
ATOM   1299 C CB    . GLU B 2 120 ? -2.486  -9.234  8.036   1.00 64.49 ? 246 GLU A CB    1 
ATOM   1300 C CG    . GLU B 2 120 ? -3.286  -9.834  9.180   1.00 65.12 ? 246 GLU A CG    1 
ATOM   1301 C CD    . GLU B 2 120 ? -3.630  -8.841  10.286  1.00 64.88 ? 246 GLU A CD    1 
ATOM   1302 O OE1   . GLU B 2 120 ? -3.502  -7.624  10.080  1.00 65.21 ? 246 GLU A OE1   1 
ATOM   1303 O OE2   . GLU B 2 120 ? -4.050  -9.283  11.375  1.00 66.42 ? 246 GLU A OE2   1 
ATOM   1304 N N     . SER B 2 121 ? 0.177   -11.145 7.282   1.00 67.83 ? 247 SER A N     1 
ATOM   1305 C CA    . SER B 2 121 ? 1.169   -12.129 7.733   1.00 69.47 ? 247 SER A CA    1 
ATOM   1306 C C     . SER B 2 121 ? 1.360   -12.254 9.292   1.00 70.22 ? 247 SER A C     1 
ATOM   1307 O O     . SER B 2 121 ? 2.183   -13.046 9.756   1.00 70.09 ? 247 SER A O     1 
ATOM   1308 C CB    . SER B 2 121 ? 2.502   -11.936 6.957   1.00 69.41 ? 247 SER A CB    1 
ATOM   1309 O OG    . SER B 2 121 ? 3.059   -10.632 7.105   1.00 67.15 ? 247 SER A OG    1 
ATOM   1310 N N     . LEU B 2 122 ? 0.600   -11.461 10.064  1.00 71.46 ? 248 LEU A N     1 
ATOM   1311 C CA    . LEU B 2 122 ? 0.503   -11.513 11.547  1.00 72.14 ? 248 LEU A CA    1 
ATOM   1312 C C     . LEU B 2 122 ? -0.851  -10.867 11.920  1.00 73.64 ? 248 LEU A C     1 
ATOM   1313 O O     . LEU B 2 122 ? -1.723  -10.776 11.051  1.00 74.32 ? 248 LEU A O     1 
ATOM   1314 C CB    . LEU B 2 122 ? 1.665   -10.767 12.224  1.00 72.76 ? 248 LEU A CB    1 
ATOM   1315 C CG    . LEU B 2 122 ? 2.967   -11.456 12.717  1.00 73.52 ? 248 LEU A CG    1 
ATOM   1316 C CD1   . LEU B 2 122 ? 3.697   -10.536 13.695  1.00 73.80 ? 248 LEU A CD1   1 
ATOM   1317 C CD2   . LEU B 2 122 ? 2.749   -12.837 13.371  1.00 74.25 ? 248 LEU A CD2   1 
ATOM   1318 N N     . PRO B 2 123 ? -1.096  -10.516 13.213  1.00 74.26 ? 249 PRO A N     1 
ATOM   1319 C CA    . PRO B 2 123 ? -2.058  -9.438  13.471  1.00 74.44 ? 249 PRO A CA    1 
ATOM   1320 C C     . PRO B 2 123 ? -1.396  -8.048  13.584  1.00 74.78 ? 249 PRO A C     1 
ATOM   1321 O O     . PRO B 2 123 ? -0.781  -7.705  14.604  1.00 74.81 ? 249 PRO A O     1 
ATOM   1322 C CB    . PRO B 2 123 ? -2.710  -9.860  14.802  1.00 74.41 ? 249 PRO A CB    1 
ATOM   1323 C CG    . PRO B 2 123 ? -2.009  -11.174 15.209  1.00 74.58 ? 249 PRO A CG    1 
ATOM   1324 C CD    . PRO B 2 123 ? -0.701  -11.147 14.482  1.00 74.12 ? 249 PRO A CD    1 
HETATM 1325 O O     . HOH C 3 .   ? 13.810  19.081  6.775   0.50 26.28 ? 28  HOH W O     1 
HETATM 1326 O O     . HOH C 3 .   ? 12.936  4.724   -8.913  1.00 35.93 ? 29  HOH W O     1 
HETATM 1327 O O     . HOH C 3 .   ? 14.582  22.174  4.512   1.00 32.38 ? 30  HOH W O     1 
HETATM 1328 O O     . HOH C 3 .   ? 16.215  8.137   2.581   1.00 27.55 ? 31  HOH W O     1 
HETATM 1329 O O     . HOH C 3 .   ? 7.390   33.593  26.138  1.00 34.99 ? 32  HOH W O     1 
HETATM 1330 O O     . HOH C 3 .   ? 15.895  8.714   -10.263 1.00 38.50 ? 33  HOH W O     1 
HETATM 1331 O O     . HOH C 3 .   ? 19.370  0.894   -9.931  1.00 39.45 ? 34  HOH W O     1 
HETATM 1332 O O     . HOH C 3 .   ? 4.983   21.030  12.626  1.00 37.39 ? 35  HOH W O     1 
HETATM 1333 O O     . HOH C 3 .   ? 19.236  -0.145  -5.702  1.00 28.61 ? 36  HOH W O     1 
HETATM 1334 O O     . HOH C 3 .   ? 19.368  8.338   5.889   1.00 50.72 ? 37  HOH W O     1 
HETATM 1335 O O     . HOH C 3 .   ? 20.167  1.551   -7.301  1.00 35.55 ? 38  HOH W O     1 
HETATM 1336 O O     . HOH C 3 .   ? 18.057  2.423   -15.361 1.00 49.39 ? 39  HOH W O     1 
HETATM 1337 O O     . HOH C 3 .   ? 19.743  10.997  -16.430 1.00 53.08 ? 40  HOH W O     1 
HETATM 1338 O O     . HOH C 3 .   ? 28.449  5.552   -16.553 1.00 51.08 ? 41  HOH W O     1 
HETATM 1339 O O     . HOH C 3 .   ? 21.495  13.483  9.373   1.00 44.67 ? 42  HOH W O     1 
HETATM 1340 O O     . HOH C 3 .   ? 5.685   20.582  8.989   1.00 48.93 ? 43  HOH W O     1 
HETATM 1341 O O     . HOH C 3 .   ? 6.992   35.733  34.118  1.00 42.95 ? 44  HOH W O     1 
HETATM 1342 O O     . HOH C 3 .   ? 15.894  23.205  10.975  1.00 43.92 ? 45  HOH W O     1 
HETATM 1343 O O     . HOH C 3 .   ? 26.305  22.991  5.688   1.00 48.56 ? 46  HOH W O     1 
HETATM 1344 O O     . HOH C 3 .   ? 3.376   27.423  14.056  1.00 36.20 ? 47  HOH W O     1 
HETATM 1345 O O     . HOH C 3 .   ? 3.832   19.219  19.788  1.00 52.12 ? 48  HOH W O     1 
HETATM 1346 O O     . HOH C 3 .   ? 22.442  18.532  9.178   1.00 61.34 ? 49  HOH W O     1 
HETATM 1347 O O     . HOH C 3 .   ? 17.723  0.405   3.731   1.00 41.05 ? 50  HOH W O     1 
HETATM 1348 O O     . HOH C 3 .   ? 20.976  21.183  1.928   1.00 41.71 ? 51  HOH W O     1 
HETATM 1349 O O     . HOH C 3 .   ? -0.418  30.344  21.982  1.00 47.33 ? 52  HOH W O     1 
HETATM 1350 O O     . HOH C 3 .   ? 11.406  -1.286  -9.443  1.00 28.96 ? 53  HOH W O     1 
HETATM 1351 O O     . HOH D 3 .   ? 4.554   8.918   -1.746  1.00 21.12 ? 2   HOH A O     1 
HETATM 1352 O O     . HOH D 3 .   ? 13.372  -5.208  1.010   1.00 34.74 ? 3   HOH A O     1 
HETATM 1353 O O     . HOH D 3 .   ? 10.000  7.821   -4.969  1.00 35.42 ? 4   HOH A O     1 
HETATM 1354 O O     . HOH D 3 .   ? 7.218   4.962   -10.630 1.00 34.66 ? 5   HOH A O     1 
HETATM 1355 O O     . HOH D 3 .   ? 9.793   11.846  -4.469  1.00 35.04 ? 8   HOH A O     1 
HETATM 1356 O O     . HOH D 3 .   ? 2.738   5.911   13.449  1.00 41.96 ? 12  HOH A O     1 
HETATM 1357 O O     . HOH D 3 .   ? 7.420   9.112   -5.844  1.00 26.23 ? 14  HOH A O     1 
HETATM 1358 O O     . HOH D 3 .   ? -12.343 -3.728  -6.432  1.00 46.22 ? 15  HOH A O     1 
HETATM 1359 O O     . HOH D 3 .   ? -1.785  -0.682  -16.019 1.00 30.09 ? 16  HOH A O     1 
HETATM 1360 O O     . HOH D 3 .   ? 6.218   7.462   -7.262  1.00 31.24 ? 18  HOH A O     1 
HETATM 1361 O O     . HOH D 3 .   ? -4.988  9.647   -9.545  1.00 49.15 ? 19  HOH A O     1 
HETATM 1362 O O     . HOH D 3 .   ? 3.664   -0.856  -24.451 1.00 51.37 ? 20  HOH A O     1 
HETATM 1363 O O     . HOH D 3 .   ? 8.030   5.437   7.023   1.00 31.84 ? 21  HOH A O     1 
HETATM 1364 O O     . HOH D 3 .   ? -17.172 3.484   -9.615  1.00 49.24 ? 22  HOH A O     1 
HETATM 1365 O O     . HOH D 3 .   ? -4.128  5.350   -10.998 1.00 31.67 ? 23  HOH A O     1 
HETATM 1366 O O     . HOH D 3 .   ? -8.037  -3.550  -12.207 1.00 38.69 ? 24  HOH A O     1 
HETATM 1367 O O     . HOH D 3 .   ? -2.317  -14.867 0.441   1.00 48.05 ? 27  HOH A O     1 
HETATM 1368 O O     . HOH D 3 .   ? 3.768   14.556  2.196   1.00 39.84 ? 28  HOH A O     1 
HETATM 1369 O O     . HOH D 3 .   ? -3.667  -12.805 -1.878  1.00 45.37 ? 30  HOH A O     1 
HETATM 1370 O O     . HOH D 3 .   ? 2.826   12.459  6.721   1.00 50.49 ? 31  HOH A O     1 
HETATM 1371 O O     . HOH D 3 .   ? -7.499  4.528   14.271  1.00 49.57 ? 35  HOH A O     1 
HETATM 1372 O O     . HOH D 3 .   ? -6.893  6.829   -10.659 1.00 54.56 ? 36  HOH A O     1 
HETATM 1373 O O     . HOH D 3 .   ? 10.290  7.652   -2.011  1.00 30.90 ? 38  HOH A O     1 
HETATM 1374 O O     . HOH D 3 .   ? -20.658 6.835   -12.205 1.00 47.30 ? 39  HOH A O     1 
HETATM 1375 O O     . HOH D 3 .   ? 6.843   9.895   -2.797  1.00 43.39 ? 40  HOH A O     1 
HETATM 1376 O O     . HOH D 3 .   ? 10.202  3.984   6.581   1.00 41.91 ? 41  HOH A O     1 
HETATM 1377 O O     . HOH D 3 .   ? -15.205 -1.967  9.870   1.00 48.11 ? 42  HOH A O     1 
HETATM 1378 O O     . HOH D 3 .   ? 0.918   6.266   -7.518  1.00 43.57 ? 43  HOH A O     1 
HETATM 1379 O O     . HOH D 3 .   ? 14.072  -6.175  -3.140  1.00 42.11 ? 44  HOH A O     1 
HETATM 1380 O O     . HOH D 3 .   ? -4.383  15.243  6.988   1.00 54.12 ? 45  HOH A O     1 
HETATM 1381 O O     . HOH D 3 .   ? 9.142   2.277   8.628   1.00 46.51 ? 46  HOH A O     1 
HETATM 1382 O O     . HOH D 3 .   ? 3.134   -15.610 -6.111  1.00 57.28 ? 47  HOH A O     1 
HETATM 1383 O O     . HOH D 3 .   ? 0.640   -3.503  -20.811 1.00 50.36 ? 50  HOH A O     1 
HETATM 1384 O O     . HOH D 3 .   ? 0.958   -1.741  -15.751 1.00 46.04 ? 51  HOH A O     1 
HETATM 1385 O O     . HOH D 3 .   ? 2.981   5.060   -12.724 1.00 43.03 ? 52  HOH A O     1 
HETATM 1386 O O     . HOH D 3 .   ? -10.394 8.139   -3.090  1.00 47.18 ? 54  HOH A O     1 
HETATM 1387 O O     . HOH D 3 .   ? -17.992 2.379   8.598   1.00 54.42 ? 56  HOH A O     1 
HETATM 1388 O O     . HOH D 3 .   ? -5.230  11.345  7.842   1.00 46.79 ? 57  HOH A O     1 
HETATM 1389 O O     . HOH D 3 .   ? -6.805  -3.188  -16.722 1.00 48.99 ? 58  HOH A O     1 
HETATM 1390 O O     . HOH D 3 .   ? -8.860  -6.963  -10.827 1.00 65.31 ? 60  HOH A O     1 
HETATM 1391 O O     . HOH D 3 .   ? -1.153  -13.584 13.119  1.00 53.20 ? 61  HOH A O     1 
HETATM 1392 O O     . HOH D 3 .   ? 7.409   -0.987  -15.045 1.00 47.66 ? 62  HOH A O     1 
HETATM 1393 O O     . HOH D 3 .   ? -11.332 6.329   -1.390  1.00 51.37 ? 63  HOH A O     1 
HETATM 1394 O O     . HOH D 3 .   ? 9.744   -15.163 -4.898  1.00 54.74 ? 66  HOH A O     1 
HETATM 1395 O O     . HOH D 3 .   ? -8.187  -1.003  14.860  1.00 55.43 ? 68  HOH A O     1 
HETATM 1396 O O     . HOH D 3 .   ? 7.281   -11.760 -6.614  1.00 43.09 ? 69  HOH A O     1 
HETATM 1397 O O     . HOH D 3 .   ? 11.662  8.780   -7.205  1.00 37.79 ? 70  HOH A O     1 
HETATM 1398 O O     . HOH D 3 .   ? -13.900 2.219   -8.746  1.00 47.89 ? 71  HOH A O     1 
HETATM 1399 O O     . HOH D 3 .   ? 18.319  5.916   3.308   1.00 41.63 ? 72  HOH A O     1 
HETATM 1400 O O     . HOH D 3 .   ? 9.878   -11.760 -7.011  1.00 44.14 ? 73  HOH A O     1 
HETATM 1401 O O     . HOH D 3 .   ? -4.945  -2.723  -19.343 1.00 51.61 ? 74  HOH A O     1 
HETATM 1402 O O     . HOH D 3 .   ? -14.371 -0.382  13.725  1.00 49.89 ? 76  HOH A O     1 
HETATM 1403 O O     . HOH D 3 .   ? -1.889  2.187   -13.282 1.00 42.44 ? 78  HOH A O     1 
HETATM 1404 O O     . HOH D 3 .   ? -12.313 -6.417  4.367   1.00 90.19 ? 80  HOH A O     1 
HETATM 1405 O O     . HOH D 3 .   ? 10.345  11.870  0.213   1.00 55.86 ? 81  HOH A O     1 
HETATM 1406 O O     . HOH D 3 .   ? -5.295  -9.140  14.777  1.00 73.12 ? 82  HOH A O     1 
# 
